data_4R8J
# 
_entry.id   4R8J 
# 
_audit_conform.dict_name       mmcif_pdbx.dic 
_audit_conform.dict_version    5.387 
_audit_conform.dict_location   http://mmcif.pdb.org/dictionaries/ascii/mmcif_pdbx.dic 
# 
loop_
_database_2.database_id 
_database_2.database_code 
_database_2.pdbx_database_accession 
_database_2.pdbx_DOI 
PDB   4R8J         pdb_00004r8j 10.2210/pdb4r8j/pdb 
NDB   NA3215       ?            ?                   
RCSB  RCSB087033   ?            ?                   
WWPDB D_1000087033 ?            ?                   
# 
loop_
_pdbx_audit_revision_history.ordinal 
_pdbx_audit_revision_history.data_content_type 
_pdbx_audit_revision_history.major_revision 
_pdbx_audit_revision_history.minor_revision 
_pdbx_audit_revision_history.revision_date 
1 'Structure model' 1 0 2015-10-28 
2 'Structure model' 1 1 2015-12-02 
3 'Structure model' 1 2 2017-11-22 
4 'Structure model' 1 3 2024-02-28 
# 
_pdbx_audit_revision_details.ordinal             1 
_pdbx_audit_revision_details.revision_ordinal    1 
_pdbx_audit_revision_details.data_content_type   'Structure model' 
_pdbx_audit_revision_details.provider            repository 
_pdbx_audit_revision_details.type                'Initial release' 
_pdbx_audit_revision_details.description         ? 
_pdbx_audit_revision_details.details             ? 
# 
loop_
_pdbx_audit_revision_group.ordinal 
_pdbx_audit_revision_group.revision_ordinal 
_pdbx_audit_revision_group.data_content_type 
_pdbx_audit_revision_group.group 
1 2 'Structure model' 'Database references'    
2 3 'Structure model' 'Refinement description' 
3 4 'Structure model' 'Data collection'        
4 4 'Structure model' 'Database references'    
5 4 'Structure model' 'Derived calculations'   
# 
loop_
_pdbx_audit_revision_category.ordinal 
_pdbx_audit_revision_category.revision_ordinal 
_pdbx_audit_revision_category.data_content_type 
_pdbx_audit_revision_category.category 
1 3 'Structure model' software               
2 4 'Structure model' chem_comp_atom         
3 4 'Structure model' chem_comp_bond         
4 4 'Structure model' database_2             
5 4 'Structure model' pdbx_struct_conn_angle 
6 4 'Structure model' struct_conn            
7 4 'Structure model' struct_conn_type       
8 4 'Structure model' struct_site            
# 
loop_
_pdbx_audit_revision_item.ordinal 
_pdbx_audit_revision_item.revision_ordinal 
_pdbx_audit_revision_item.data_content_type 
_pdbx_audit_revision_item.item 
1  3 'Structure model' '_software.classification'                    
2  3 'Structure model' '_software.name'                              
3  4 'Structure model' '_database_2.pdbx_DOI'                        
4  4 'Structure model' '_database_2.pdbx_database_accession'         
5  4 'Structure model' '_pdbx_struct_conn_angle.ptnr1_auth_comp_id'  
6  4 'Structure model' '_pdbx_struct_conn_angle.ptnr1_auth_seq_id'   
7  4 'Structure model' '_pdbx_struct_conn_angle.ptnr1_label_asym_id' 
8  4 'Structure model' '_pdbx_struct_conn_angle.ptnr1_label_atom_id' 
9  4 'Structure model' '_pdbx_struct_conn_angle.ptnr1_label_comp_id' 
10 4 'Structure model' '_pdbx_struct_conn_angle.ptnr1_label_seq_id'  
11 4 'Structure model' '_pdbx_struct_conn_angle.ptnr3_auth_comp_id'  
12 4 'Structure model' '_pdbx_struct_conn_angle.ptnr3_auth_seq_id'   
13 4 'Structure model' '_pdbx_struct_conn_angle.ptnr3_label_asym_id' 
14 4 'Structure model' '_pdbx_struct_conn_angle.ptnr3_label_atom_id' 
15 4 'Structure model' '_pdbx_struct_conn_angle.ptnr3_label_comp_id' 
16 4 'Structure model' '_pdbx_struct_conn_angle.ptnr3_label_seq_id'  
17 4 'Structure model' '_pdbx_struct_conn_angle.value'               
18 4 'Structure model' '_struct_conn.conn_type_id'                   
19 4 'Structure model' '_struct_conn.id'                             
20 4 'Structure model' '_struct_conn.pdbx_dist_value'                
21 4 'Structure model' '_struct_conn.pdbx_leaving_atom_flag'         
22 4 'Structure model' '_struct_conn.ptnr1_auth_comp_id'             
23 4 'Structure model' '_struct_conn.ptnr1_auth_seq_id'              
24 4 'Structure model' '_struct_conn.ptnr1_label_asym_id'            
25 4 'Structure model' '_struct_conn.ptnr1_label_atom_id'            
26 4 'Structure model' '_struct_conn.ptnr1_label_comp_id'            
27 4 'Structure model' '_struct_conn.ptnr1_label_seq_id'             
28 4 'Structure model' '_struct_conn.ptnr2_auth_comp_id'             
29 4 'Structure model' '_struct_conn.ptnr2_auth_seq_id'              
30 4 'Structure model' '_struct_conn.ptnr2_label_asym_id'            
31 4 'Structure model' '_struct_conn.ptnr2_label_atom_id'            
32 4 'Structure model' '_struct_conn.ptnr2_label_comp_id'            
33 4 'Structure model' '_struct_conn.ptnr2_label_seq_id'             
34 4 'Structure model' '_struct_conn_type.id'                        
35 4 'Structure model' '_struct_site.pdbx_auth_asym_id'              
36 4 'Structure model' '_struct_site.pdbx_auth_comp_id'              
37 4 'Structure model' '_struct_site.pdbx_auth_seq_id'               
# 
_pdbx_database_status.status_code                     REL 
_pdbx_database_status.entry_id                        4R8J 
_pdbx_database_status.recvd_initial_deposition_date   2014-09-02 
_pdbx_database_status.deposit_site                    RCSB 
_pdbx_database_status.process_site                    RCSB 
_pdbx_database_status.status_code_sf                  REL 
_pdbx_database_status.status_code_mr                  ? 
_pdbx_database_status.SG_entry                        ? 
_pdbx_database_status.status_code_cs                  ? 
_pdbx_database_status.methods_development_category    ? 
_pdbx_database_status.pdb_format_compatible           Y 
_pdbx_database_status.status_code_nmr_data            ? 
# 
_pdbx_database_related.db_name        PDB 
_pdbx_database_related.db_id          3QRN 
_pdbx_database_related.details        'Structure of the same system in H2O' 
_pdbx_database_related.content_type   unspecified 
# 
loop_
_audit_author.name 
_audit_author.pdbx_ordinal 
'Hall, J.P.'   1 
'Gurung, S.P.' 2 
'Winter, G.W.' 3 
'Cardin, C.J.' 4 
# 
_citation.id                        primary 
_citation.title                     
'Monitoring one-electron photo-oxidation of guanine in DNA crystals using ultrafast infrared spectroscopy.' 
_citation.journal_abbrev            'Nat Chem' 
_citation.journal_volume            7 
_citation.page_first                961 
_citation.page_last                 967 
_citation.year                      2015 
_citation.journal_id_ASTM           ? 
_citation.country                   UK 
_citation.journal_id_ISSN           1755-4349 
_citation.journal_id_CSD            ? 
_citation.book_publisher            ? 
_citation.pdbx_database_id_PubMed   26587711 
_citation.pdbx_database_id_DOI      10.1038/nchem.2369 
# 
loop_
_citation_author.citation_id 
_citation_author.name 
_citation_author.ordinal 
_citation_author.identifier_ORCID 
primary 'Hall, J.P.'       1  ? 
primary 'Poynton, F.E.'    2  ? 
primary 'Keane, P.M.'      3  ? 
primary 'Gurung, S.P.'     4  ? 
primary 'Brazier, J.A.'    5  ? 
primary 'Cardin, D.J.'     6  ? 
primary 'Winter, G.'       7  ? 
primary 'Gunnlaugsson, T.' 8  ? 
primary 'Sazanovich, I.V.' 9  ? 
primary 'Towrie, M.'       10 ? 
primary 'Cardin, C.J.'     11 ? 
primary 'Kelly, J.M.'      12 ? 
primary 'Quinn, S.J.'      13 ? 
# 
loop_
_entity.id 
_entity.type 
_entity.src_method 
_entity.pdbx_description 
_entity.formula_weight 
_entity.pdbx_number_of_molecules 
_entity.pdbx_ec 
_entity.pdbx_mutation 
_entity.pdbx_fragment 
_entity.details 
1 polymer     syn 
;DNA (5'-D(*(THM)P*CP*GP*GP*CP*GP*CP*CP*GP*A)-3')
;
2966.013 1  ? ? ? ? 
2 non-polymer syn 'BARIUM ION'                                       137.327  1  ? ? ? ? 
3 non-polymer syn 'Ru(tap)2(dppz) complex'                           747.732  1  ? ? ? ? 
4 non-polymer syn 'CHLORIDE ION'                                     35.453   1  ? ? ? ? 
5 water       nat water                                              18.015   73 ? ? ? ? 
# 
_entity_poly.entity_id                      1 
_entity_poly.type                           polydeoxyribonucleotide 
_entity_poly.nstd_linkage                   no 
_entity_poly.nstd_monomer                   yes 
_entity_poly.pdbx_seq_one_letter_code       '(THM)(DC)(DG)(DG)(DC)(DG)(DC)(DC)(DG)(DA)' 
_entity_poly.pdbx_seq_one_letter_code_can   XCGGCGCCGA 
_entity_poly.pdbx_strand_id                 A 
_entity_poly.pdbx_target_identifier         ? 
# 
loop_
_pdbx_entity_nonpoly.entity_id 
_pdbx_entity_nonpoly.name 
_pdbx_entity_nonpoly.comp_id 
2 'BARIUM ION'             BA  
3 'Ru(tap)2(dppz) complex' RKL 
4 'CHLORIDE ION'           CL  
5 water                    DOD 
# 
loop_
_entity_poly_seq.entity_id 
_entity_poly_seq.num 
_entity_poly_seq.mon_id 
_entity_poly_seq.hetero 
1 1  THM n 
1 2  DC  n 
1 3  DG  n 
1 4  DG  n 
1 5  DC  n 
1 6  DG  n 
1 7  DC  n 
1 8  DC  n 
1 9  DG  n 
1 10 DA  n 
# 
_pdbx_entity_src_syn.entity_id              1 
_pdbx_entity_src_syn.pdbx_src_id            1 
_pdbx_entity_src_syn.pdbx_alt_source_flag   sample 
_pdbx_entity_src_syn.pdbx_beg_seq_num       ? 
_pdbx_entity_src_syn.pdbx_end_seq_num       ? 
_pdbx_entity_src_syn.organism_scientific    'synthetic construct' 
_pdbx_entity_src_syn.organism_common_name   ? 
_pdbx_entity_src_syn.ncbi_taxonomy_id       32630 
_pdbx_entity_src_syn.details                'DNA was synthesised by ATDBio in Southampton, UK' 
# 
loop_
_chem_comp.id 
_chem_comp.type 
_chem_comp.mon_nstd_flag 
_chem_comp.name 
_chem_comp.pdbx_synonyms 
_chem_comp.formula 
_chem_comp.formula_weight 
BA  non-polymer               . 'BARIUM ION'                         ?                                   'Ba 2'             
137.327 
CL  non-polymer               . 'CHLORIDE ION'                       ?                                   'Cl -1'            35.453 
DA  'DNA linking'             y "2'-DEOXYADENOSINE-5'-MONOPHOSPHATE" ?                                   'C10 H14 N5 O6 P'  
331.222 
DC  'DNA linking'             y "2'-DEOXYCYTIDINE-5'-MONOPHOSPHATE"  ?                                   'C9 H14 N3 O7 P'   
307.197 
DG  'DNA linking'             y "2'-DEOXYGUANOSINE-5'-MONOPHOSPHATE" ?                                   'C10 H14 N5 O7 P'  
347.221 
DOD non-polymer               . 'DEUTERATED WATER'                   ?                                   'D2 O'             20.028 
RKL non-polymer               . 'Ru(tap)2(dppz) complex'             ?                                   'C38 H22 N12 Ru 2' 
747.732 
THM 'DNA OH 5 prime terminus' . THYMIDINE                            
;DEOXYTHYMIDINE; 2'-DEOXYTHYMIDINE
;
'C10 H14 N2 O5'    242.229 
# 
loop_
_pdbx_poly_seq_scheme.asym_id 
_pdbx_poly_seq_scheme.entity_id 
_pdbx_poly_seq_scheme.seq_id 
_pdbx_poly_seq_scheme.mon_id 
_pdbx_poly_seq_scheme.ndb_seq_num 
_pdbx_poly_seq_scheme.pdb_seq_num 
_pdbx_poly_seq_scheme.auth_seq_num 
_pdbx_poly_seq_scheme.pdb_mon_id 
_pdbx_poly_seq_scheme.auth_mon_id 
_pdbx_poly_seq_scheme.pdb_strand_id 
_pdbx_poly_seq_scheme.pdb_ins_code 
_pdbx_poly_seq_scheme.hetero 
A 1 1  THM 1  1  1  THM DT A . n 
A 1 2  DC  2  2  2  DC  DC A . n 
A 1 3  DG  3  3  3  DG  DG A . n 
A 1 4  DG  4  4  4  DG  DG A . n 
A 1 5  DC  5  5  5  DC  DC A . n 
A 1 6  DG  6  6  6  DG  DG A . n 
A 1 7  DC  7  7  7  DC  DC A . n 
A 1 8  DC  8  8  8  DC  DC A . n 
A 1 9  DG  9  9  9  DG  DG A . n 
A 1 10 DA  10 10 10 DA  DA A . n 
# 
loop_
_pdbx_nonpoly_scheme.asym_id 
_pdbx_nonpoly_scheme.entity_id 
_pdbx_nonpoly_scheme.mon_id 
_pdbx_nonpoly_scheme.ndb_seq_num 
_pdbx_nonpoly_scheme.pdb_seq_num 
_pdbx_nonpoly_scheme.auth_seq_num 
_pdbx_nonpoly_scheme.pdb_mon_id 
_pdbx_nonpoly_scheme.auth_mon_id 
_pdbx_nonpoly_scheme.pdb_strand_id 
_pdbx_nonpoly_scheme.pdb_ins_code 
B 2 BA  1  101 101 BA  BA  A . 
C 3 RKL 1  102 102 RKL RKL A . 
D 4 CL  1  103 103 CL  CL  A . 
E 5 DOD 1  201 201 DOD DOD A . 
E 5 DOD 2  202 202 DOD DOD A . 
E 5 DOD 3  203 203 DOD DOD A . 
E 5 DOD 4  204 204 DOD DOD A . 
E 5 DOD 5  205 205 DOD DOD A . 
E 5 DOD 6  206 206 DOD DOD A . 
E 5 DOD 7  207 207 DOD DOD A . 
E 5 DOD 8  208 208 DOD DOD A . 
E 5 DOD 9  209 209 DOD DOD A . 
E 5 DOD 10 210 210 DOD DOD A . 
E 5 DOD 11 211 211 DOD DOD A . 
E 5 DOD 12 212 212 DOD DOD A . 
E 5 DOD 13 213 213 DOD DOD A . 
E 5 DOD 14 214 214 DOD DOD A . 
E 5 DOD 15 215 215 DOD DOD A . 
E 5 DOD 16 216 216 DOD DOD A . 
E 5 DOD 17 217 217 DOD DOD A . 
E 5 DOD 18 218 218 DOD DOD A . 
E 5 DOD 19 219 219 DOD DOD A . 
E 5 DOD 20 220 220 DOD DOD A . 
E 5 DOD 21 221 221 DOD DOD A . 
E 5 DOD 22 222 222 DOD DOD A . 
E 5 DOD 23 223 223 DOD DOD A . 
E 5 DOD 24 224 224 DOD DOD A . 
E 5 DOD 25 225 225 DOD DOD A . 
E 5 DOD 26 226 226 DOD DOD A . 
E 5 DOD 27 227 227 DOD DOD A . 
E 5 DOD 28 228 228 DOD DOD A . 
E 5 DOD 29 229 229 DOD DOD A . 
E 5 DOD 30 230 230 DOD DOD A . 
E 5 DOD 31 231 231 DOD DOD A . 
E 5 DOD 32 232 232 DOD DOD A . 
E 5 DOD 33 233 233 DOD DOD A . 
E 5 DOD 34 234 234 DOD DOD A . 
E 5 DOD 35 235 235 DOD DOD A . 
E 5 DOD 36 236 236 DOD DOD A . 
E 5 DOD 37 237 237 DOD DOD A . 
E 5 DOD 38 238 238 DOD DOD A . 
E 5 DOD 39 239 239 DOD DOD A . 
E 5 DOD 40 240 240 DOD DOD A . 
E 5 DOD 41 241 241 DOD DOD A . 
E 5 DOD 42 242 242 DOD DOD A . 
E 5 DOD 43 243 243 DOD DOD A . 
E 5 DOD 44 244 244 DOD DOD A . 
E 5 DOD 45 245 245 DOD DOD A . 
E 5 DOD 46 246 246 DOD DOD A . 
E 5 DOD 47 247 247 DOD DOD A . 
E 5 DOD 48 248 248 DOD DOD A . 
E 5 DOD 49 249 249 DOD DOD A . 
E 5 DOD 50 250 250 DOD DOD A . 
E 5 DOD 51 251 251 DOD DOD A . 
E 5 DOD 52 252 252 DOD DOD A . 
E 5 DOD 53 253 253 DOD DOD A . 
E 5 DOD 54 254 254 DOD DOD A . 
E 5 DOD 55 255 255 DOD DOD A . 
E 5 DOD 56 256 256 DOD DOD A . 
E 5 DOD 57 257 257 DOD DOD A . 
E 5 DOD 58 258 258 DOD DOD A . 
E 5 DOD 59 259 259 DOD DOD A . 
E 5 DOD 60 260 260 DOD DOD A . 
E 5 DOD 61 261 261 DOD DOD A . 
E 5 DOD 62 262 262 DOD DOD A . 
E 5 DOD 63 263 263 DOD DOD A . 
E 5 DOD 64 264 264 DOD DOD A . 
E 5 DOD 65 265 265 DOD DOD A . 
E 5 DOD 66 266 266 DOD DOD A . 
E 5 DOD 67 267 267 DOD DOD A . 
E 5 DOD 68 268 268 DOD DOD A . 
E 5 DOD 69 269 269 DOD DOD A . 
E 5 DOD 70 270 270 DOD DOD A . 
E 5 DOD 71 271 271 DOD DOD A . 
E 5 DOD 72 272 272 DOD DOD A . 
E 5 DOD 73 273 273 DOD DOD A . 
# 
loop_
_software.name 
_software.classification 
_software.version 
_software.citation_id 
_software.pdbx_ordinal 
GDA     'data collection' .        ? 1 
SHELXCD phasing           .        ? 2 
REFMAC  refinement        5.8.0073 ? 3 
XDS     'data reduction'  .        ? 4 
SCALA   'data scaling'    .        ? 5 
SHELXE  'model building'  .        ? 6 
# 
_cell.entry_id           4R8J 
_cell.length_a           42.370 
_cell.length_b           42.370 
_cell.length_c           39.420 
_cell.angle_alpha        90.00 
_cell.angle_beta         90.00 
_cell.angle_gamma        90.00 
_cell.Z_PDB              8 
_cell.pdbx_unique_axis   ? 
_cell.length_a_esd       ? 
_cell.length_b_esd       ? 
_cell.length_c_esd       ? 
_cell.angle_alpha_esd    ? 
_cell.angle_beta_esd     ? 
_cell.angle_gamma_esd    ? 
# 
_symmetry.entry_id                         4R8J 
_symmetry.space_group_name_H-M             'P 43 21 2' 
_symmetry.pdbx_full_space_group_name_H-M   ? 
_symmetry.cell_setting                     ? 
_symmetry.Int_Tables_number                96 
_symmetry.space_group_name_Hall            ? 
# 
_exptl.entry_id          4R8J 
_exptl.method            'X-RAY DIFFRACTION' 
_exptl.crystals_number   1 
# 
_exptl_crystal.id                    1 
_exptl_crystal.density_meas          ? 
_exptl_crystal.density_Matthews      2.90 
_exptl_crystal.density_percent_sol   57.65 
_exptl_crystal.description           ? 
_exptl_crystal.F_000                 ? 
_exptl_crystal.preparation           ? 
# 
_exptl_crystal_grow.crystal_id      1 
_exptl_crystal_grow.method          ? 
_exptl_crystal_grow.temp            291 
_exptl_crystal_grow.temp_details    ? 
_exptl_crystal_grow.pH              6 
_exptl_crystal_grow.pdbx_pH_range   ? 
_exptl_crystal_grow.pdbx_details    
;The drops contained 1  l of 2mM oligonuclotide, 1  l of 4mM rac   [Ru(TAP)2(dppz)]Cl2 and 6  l of the following solution; 10% (vol/vol) MPD, 40 mM sodium cacodylate (pH 6.0), 12mM spermine tetra-HCl, 80mM sodium chloride and 20 mM barium chloride. The drop was equilibrated against 1ml of 35% (vol/vol) 2-methyl-2,4-pentanediol (MPD) in H2O , VAPOR DIFFUSION, SITTING DROP, temperature 291K
;
# 
_diffrn.id                     1 
_diffrn.ambient_temp           100 
_diffrn.ambient_temp_details   ? 
_diffrn.crystal_id             1 
# 
_diffrn_detector.diffrn_id              1 
_diffrn_detector.detector               PIXEL 
_diffrn_detector.type                   'PSI PILATUS 6M' 
_diffrn_detector.pdbx_collection_date   2014-08-14 
_diffrn_detector.details                ? 
# 
_diffrn_radiation.diffrn_id                        1 
_diffrn_radiation.wavelength_id                    1 
_diffrn_radiation.pdbx_monochromatic_or_laue_m_l   M 
_diffrn_radiation.monochromator                    'DUAL SI(111)' 
_diffrn_radiation.pdbx_diffrn_protocol             'SINGLE WAVELENGTH' 
_diffrn_radiation.pdbx_scattering_type             x-ray 
# 
_diffrn_radiation_wavelength.id           1 
_diffrn_radiation_wavelength.wavelength   0.8266 
_diffrn_radiation_wavelength.wt           1.0 
# 
_diffrn_source.diffrn_id                   1 
_diffrn_source.source                      SYNCHROTRON 
_diffrn_source.type                        'DIAMOND BEAMLINE I03' 
_diffrn_source.pdbx_synchrotron_site       Diamond 
_diffrn_source.pdbx_synchrotron_beamline   I03 
_diffrn_source.pdbx_wavelength             0.8266 
_diffrn_source.pdbx_wavelength_list        ? 
# 
_reflns.pdbx_diffrn_id               1 
_reflns.pdbx_ordinal                 1 
_reflns.entry_id                     4R8J 
_reflns.observed_criterion_sigma_I   -3.000 
_reflns.observed_criterion_sigma_F   ? 
_reflns.d_resolution_low             18.660 
_reflns.d_resolution_high            1.210 
_reflns.number_obs                   11471 
_reflns.number_all                   ? 
_reflns.percent_possible_obs         99.9 
_reflns.pdbx_Rmerge_I_obs            ? 
_reflns.pdbx_Rsym_value              ? 
_reflns.pdbx_netI_over_sigmaI        ? 
_reflns.B_iso_Wilson_estimate        ? 
_reflns.pdbx_redundancy              ? 
_reflns.R_free_details               ? 
_reflns.pdbx_chi_squared             ? 
_reflns.pdbx_scaling_rejects         ? 
# 
_refine.pdbx_refine_id                           'X-RAY DIFFRACTION' 
_refine.entry_id                                 4R8J 
_refine.pdbx_diffrn_id                           1 
_refine.pdbx_TLS_residual_ADP_flag               ? 
_refine.ls_number_reflns_obs                     10864 
_refine.ls_number_reflns_all                     11471 
_refine.pdbx_ls_sigma_I                          ? 
_refine.pdbx_ls_sigma_F                          ? 
_refine.pdbx_data_cutoff_high_absF               ? 
_refine.pdbx_data_cutoff_low_absF                ? 
_refine.pdbx_data_cutoff_high_rms_absF           ? 
_refine.ls_d_res_low                             18.66 
_refine.ls_d_res_high                            1.21 
_refine.ls_percent_reflns_obs                    99.9 
_refine.ls_R_factor_obs                          0.110 
_refine.ls_R_factor_all                          ? 
_refine.ls_R_factor_R_work                       0.109 
_refine.ls_R_factor_R_free                       0.125 
_refine.ls_R_factor_R_free_error                 ? 
_refine.ls_R_factor_R_free_error_details         ? 
_refine.ls_percent_reflns_R_free                 5.000 
_refine.ls_number_reflns_R_free                  568 
_refine.ls_number_parameters                     ? 
_refine.ls_number_restraints                     ? 
_refine.occupancy_min                            ? 
_refine.occupancy_max                            ? 
_refine.correlation_coeff_Fo_to_Fc               0.987 
_refine.correlation_coeff_Fo_to_Fc_free          0.984 
_refine.B_iso_mean                               22.51 
_refine.aniso_B[1][1]                            -0.41000 
_refine.aniso_B[2][2]                            -0.41000 
_refine.aniso_B[3][3]                            0.82000 
_refine.aniso_B[1][2]                            0.00000 
_refine.aniso_B[1][3]                            0.00000 
_refine.aniso_B[2][3]                            -0.00000 
_refine.solvent_model_details                    MASK 
_refine.solvent_model_param_ksol                 ? 
_refine.solvent_model_param_bsol                 ? 
_refine.pdbx_solvent_vdw_probe_radii             1.20 
_refine.pdbx_solvent_ion_probe_radii             0.80 
_refine.pdbx_solvent_shrinkage_radii             0.80 
_refine.pdbx_ls_cross_valid_method               THROUGHOUT 
_refine.details                                  'HYDROGENS HAVE BEEN ADDED IN THE RIDING POSITIONS' 
_refine.pdbx_starting_model                      ? 
_refine.pdbx_method_to_determine_struct          SAD 
_refine.pdbx_isotropic_thermal_model             ? 
_refine.pdbx_stereochemistry_target_values       'MAXIMUM LIKELIHOOD' 
_refine.pdbx_stereochem_target_val_spec_case     ? 
_refine.pdbx_R_Free_selection_details            RANDOM 
_refine.pdbx_overall_ESU_R                       0.027 
_refine.pdbx_overall_ESU_R_Free                  0.027 
_refine.overall_SU_ML                            0.021 
_refine.pdbx_overall_phase_error                 ? 
_refine.overall_SU_B                             1.042 
_refine.overall_SU_R_Cruickshank_DPI             ? 
_refine.pdbx_overall_SU_R_free_Cruickshank_DPI   ? 
_refine.pdbx_overall_SU_R_Blow_DPI               ? 
_refine.pdbx_overall_SU_R_free_Blow_DPI          ? 
_refine.ls_redundancy_reflns_obs                 ? 
_refine.overall_SU_R_free                        ? 
_refine.ls_wR_factor_R_free                      ? 
_refine.ls_wR_factor_R_work                      ? 
_refine.overall_FOM_free_R_set                   ? 
_refine.overall_FOM_work_R_set                   ? 
# 
_refine_hist.pdbx_refine_id                   'X-RAY DIFFRACTION' 
_refine_hist.cycle_id                         LAST 
_refine_hist.pdbx_number_atoms_protein        0 
_refine_hist.pdbx_number_atoms_nucleic_acid   202 
_refine_hist.pdbx_number_atoms_ligand         53 
_refine_hist.number_atoms_solvent             73 
_refine_hist.number_atoms_total               328 
_refine_hist.d_res_high                       1.21 
_refine_hist.d_res_low                        18.66 
# 
loop_
_refine_ls_restr.type 
_refine_ls_restr.dev_ideal 
_refine_ls_restr.dev_ideal_target 
_refine_ls_restr.weight 
_refine_ls_restr.number 
_refine_ls_restr.pdbx_refine_id 
_refine_ls_restr.pdbx_restraint_function 
r_bond_refined_d             0.016  0.013  ? 290 'X-RAY DIFFRACTION' ? 
r_bond_other_d               0.006  0.020  ? 134 'X-RAY DIFFRACTION' ? 
r_angle_refined_deg          2.592  1.598  ? 456 'X-RAY DIFFRACTION' ? 
r_angle_other_deg            3.753  3.000  ? 308 'X-RAY DIFFRACTION' ? 
r_dihedral_angle_1_deg       ?      ?      ? ?   'X-RAY DIFFRACTION' ? 
r_dihedral_angle_2_deg       ?      ?      ? ?   'X-RAY DIFFRACTION' ? 
r_dihedral_angle_3_deg       ?      ?      ? ?   'X-RAY DIFFRACTION' ? 
r_dihedral_angle_4_deg       ?      ?      ? ?   'X-RAY DIFFRACTION' ? 
r_chiral_restr               0.103  0.200  ? 30  'X-RAY DIFFRACTION' ? 
r_gen_planes_refined         0.032  0.020  ? 176 'X-RAY DIFFRACTION' ? 
r_gen_planes_other           0.005  0.020  ? 78  'X-RAY DIFFRACTION' ? 
r_nbd_refined                ?      ?      ? ?   'X-RAY DIFFRACTION' ? 
r_nbd_other                  ?      ?      ? ?   'X-RAY DIFFRACTION' ? 
r_nbtor_refined              ?      ?      ? ?   'X-RAY DIFFRACTION' ? 
r_nbtor_other                ?      ?      ? ?   'X-RAY DIFFRACTION' ? 
r_xyhbond_nbd_refined        ?      ?      ? ?   'X-RAY DIFFRACTION' ? 
r_xyhbond_nbd_other          ?      ?      ? ?   'X-RAY DIFFRACTION' ? 
r_metal_ion_refined          ?      ?      ? ?   'X-RAY DIFFRACTION' ? 
r_metal_ion_other            ?      ?      ? ?   'X-RAY DIFFRACTION' ? 
r_symmetry_vdw_refined       ?      ?      ? ?   'X-RAY DIFFRACTION' ? 
r_symmetry_vdw_other         ?      ?      ? ?   'X-RAY DIFFRACTION' ? 
r_symmetry_hbond_refined     ?      ?      ? ?   'X-RAY DIFFRACTION' ? 
r_symmetry_hbond_other       ?      ?      ? ?   'X-RAY DIFFRACTION' ? 
r_symmetry_metal_ion_refined ?      ?      ? ?   'X-RAY DIFFRACTION' ? 
r_symmetry_metal_ion_other   ?      ?      ? ?   'X-RAY DIFFRACTION' ? 
r_mcbond_it                  ?      ?      ? ?   'X-RAY DIFFRACTION' ? 
r_mcbond_other               ?      ?      ? ?   'X-RAY DIFFRACTION' ? 
r_mcangle_it                 ?      ?      ? ?   'X-RAY DIFFRACTION' ? 
r_mcangle_other              ?      ?      ? ?   'X-RAY DIFFRACTION' ? 
r_scbond_it                  2.514  2.002  ? 290 'X-RAY DIFFRACTION' ? 
r_scbond_other               2.510  8.549  ? 291 'X-RAY DIFFRACTION' ? 
r_scangle_it                 ?      ?      ? ?   'X-RAY DIFFRACTION' ? 
r_scangle_other              3.408  34.236 ? 457 'X-RAY DIFFRACTION' ? 
r_long_range_B_refined       3.383  22.245 ? 685 'X-RAY DIFFRACTION' ? 
r_long_range_B_other         3.065  21.665 ? 649 'X-RAY DIFFRACTION' ? 
r_rigid_bond_restr           5.669  3.000  ? 290 'X-RAY DIFFRACTION' ? 
r_sphericity_free            28.452 5.000  ? 14  'X-RAY DIFFRACTION' ? 
r_sphericity_bonded          14.099 5.000  ? 315 'X-RAY DIFFRACTION' ? 
# 
_refine_ls_shell.pdbx_refine_id                   'X-RAY DIFFRACTION' 
_refine_ls_shell.pdbx_total_number_of_bins_used   20 
_refine_ls_shell.d_res_high                       1.21 
_refine_ls_shell.d_res_low                        1.24 
_refine_ls_shell.number_reflns_R_work             765 
_refine_ls_shell.R_factor_R_work                  0.2120 
_refine_ls_shell.percent_reflns_obs               100.00 
_refine_ls_shell.R_factor_R_free                  0.2160 
_refine_ls_shell.R_factor_R_free_error            ? 
_refine_ls_shell.percent_reflns_R_free            ? 
_refine_ls_shell.number_reflns_R_free             49 
_refine_ls_shell.number_reflns_all                ? 
_refine_ls_shell.R_factor_all                     ? 
_refine_ls_shell.redundancy_reflns_obs            ? 
_refine_ls_shell.number_reflns_obs                ? 
# 
_struct.entry_id                  4R8J 
_struct.title                     'd(TCGGCGCCGA) with lambda-[Ru(TAP)2(dppz)]2+ soaked in D2O' 
_struct.pdbx_model_details        ? 
_struct.pdbx_CASP_flag            ? 
_struct.pdbx_model_type_details   ? 
# 
_struct_keywords.entry_id        4R8J 
_struct_keywords.pdbx_keywords   DNA 
_struct_keywords.text            'DNA kinking, Infra-red, Ruthenium, DNA' 
# 
loop_
_struct_asym.id 
_struct_asym.pdbx_blank_PDB_chainid_flag 
_struct_asym.pdbx_modified 
_struct_asym.entity_id 
_struct_asym.details 
A N N 1 ? 
B N N 2 ? 
C N N 3 ? 
D N N 4 ? 
E N N 5 ? 
# 
_struct_ref.id                         1 
_struct_ref.db_name                    PDB 
_struct_ref.db_code                    4R8J 
_struct_ref.pdbx_db_accession          4R8J 
_struct_ref.entity_id                  1 
_struct_ref.pdbx_align_begin           ? 
_struct_ref.pdbx_seq_one_letter_code   TCGGCGCCGA 
_struct_ref.pdbx_db_isoform            ? 
# 
_struct_ref_seq.align_id                      1 
_struct_ref_seq.ref_id                        1 
_struct_ref_seq.pdbx_PDB_id_code              4R8J 
_struct_ref_seq.pdbx_strand_id                A 
_struct_ref_seq.seq_align_beg                 1 
_struct_ref_seq.pdbx_seq_align_beg_ins_code   ? 
_struct_ref_seq.seq_align_end                 10 
_struct_ref_seq.pdbx_seq_align_end_ins_code   ? 
_struct_ref_seq.pdbx_db_accession             4R8J 
_struct_ref_seq.db_align_beg                  1 
_struct_ref_seq.pdbx_db_align_beg_ins_code    ? 
_struct_ref_seq.db_align_end                  10 
_struct_ref_seq.pdbx_db_align_end_ins_code    ? 
_struct_ref_seq.pdbx_auth_seq_align_beg       1 
_struct_ref_seq.pdbx_auth_seq_align_end       10 
# 
_pdbx_struct_assembly.id                   1 
_pdbx_struct_assembly.details              author_defined_assembly 
_pdbx_struct_assembly.method_details       ? 
_pdbx_struct_assembly.oligomeric_details   dimeric 
_pdbx_struct_assembly.oligomeric_count     2 
# 
_pdbx_struct_assembly_gen.assembly_id       1 
_pdbx_struct_assembly_gen.oper_expression   1,2 
_pdbx_struct_assembly_gen.asym_id_list      A,B,C,D,E 
# 
loop_
_pdbx_struct_oper_list.id 
_pdbx_struct_oper_list.type 
_pdbx_struct_oper_list.name 
_pdbx_struct_oper_list.symmetry_operation 
_pdbx_struct_oper_list.matrix[1][1] 
_pdbx_struct_oper_list.matrix[1][2] 
_pdbx_struct_oper_list.matrix[1][3] 
_pdbx_struct_oper_list.vector[1] 
_pdbx_struct_oper_list.matrix[2][1] 
_pdbx_struct_oper_list.matrix[2][2] 
_pdbx_struct_oper_list.matrix[2][3] 
_pdbx_struct_oper_list.vector[2] 
_pdbx_struct_oper_list.matrix[3][1] 
_pdbx_struct_oper_list.matrix[3][2] 
_pdbx_struct_oper_list.matrix[3][3] 
_pdbx_struct_oper_list.vector[3] 
1 'identity operation'         1_555 x,y,z  1.0000000000  0.0000000000  0.0000000000 0.0000000000  0.0000000000  1.0000000000 0.0000000000  0.0000000000  0.0000000000 0.0000000000  1.0000000000  0.0000000000  
2 'crystal symmetry operation' 7_555 y,x,-z -0.6313849618 -0.6569328499 0.4120585646 -8.8185912284 -0.6569328499 0.1707627867 -0.7343563858 -5.4317381186 0.4120585646 -0.7343563858 -0.5393778248 -0.7708172753 
# 
_struct_biol.id        1 
_struct_biol.details   ? 
# 
loop_
_struct_conn.id 
_struct_conn.conn_type_id 
_struct_conn.pdbx_leaving_atom_flag 
_struct_conn.pdbx_PDB_id 
_struct_conn.ptnr1_label_asym_id 
_struct_conn.ptnr1_label_comp_id 
_struct_conn.ptnr1_label_seq_id 
_struct_conn.ptnr1_label_atom_id 
_struct_conn.pdbx_ptnr1_label_alt_id 
_struct_conn.pdbx_ptnr1_PDB_ins_code 
_struct_conn.pdbx_ptnr1_standard_comp_id 
_struct_conn.ptnr1_symmetry 
_struct_conn.ptnr2_label_asym_id 
_struct_conn.ptnr2_label_comp_id 
_struct_conn.ptnr2_label_seq_id 
_struct_conn.ptnr2_label_atom_id 
_struct_conn.pdbx_ptnr2_label_alt_id 
_struct_conn.pdbx_ptnr2_PDB_ins_code 
_struct_conn.ptnr1_auth_asym_id 
_struct_conn.ptnr1_auth_comp_id 
_struct_conn.ptnr1_auth_seq_id 
_struct_conn.ptnr2_auth_asym_id 
_struct_conn.ptnr2_auth_comp_id 
_struct_conn.ptnr2_auth_seq_id 
_struct_conn.ptnr2_symmetry 
_struct_conn.pdbx_ptnr3_label_atom_id 
_struct_conn.pdbx_ptnr3_label_seq_id 
_struct_conn.pdbx_ptnr3_label_comp_id 
_struct_conn.pdbx_ptnr3_label_asym_id 
_struct_conn.pdbx_ptnr3_label_alt_id 
_struct_conn.pdbx_ptnr3_PDB_ins_code 
_struct_conn.details 
_struct_conn.pdbx_dist_value 
_struct_conn.pdbx_value_order 
_struct_conn.pdbx_role 
covale1  covale one ? A THM 1 "O3'" ? ? ? 1_555 A DC  2 P  ? ? A THM 1   A DC  2   1_555 ? ? ? ? ? ? ?            1.607 ? ? 
metalc1  metalc ?   ? A DG  4 O6    ? ? ? 1_555 B BA  . BA ? ? A DG  4   A BA  101 1_555 ? ? ? ? ? ? ?            2.898 ? ? 
metalc2  metalc ?   ? B BA  . BA    ? ? ? 1_555 E DOD . O  ? ? A BA  101 A DOD 201 1_555 ? ? ? ? ? ? ?            2.815 ? ? 
metalc3  metalc ?   ? B BA  . BA    ? ? ? 1_555 E DOD . O  ? ? A BA  101 A DOD 202 1_555 ? ? ? ? ? ? ?            2.814 ? ? 
metalc4  metalc ?   ? B BA  . BA    ? ? ? 1_555 E DOD . O  ? ? A BA  101 A DOD 203 1_555 ? ? ? ? ? ? ?            2.736 ? ? 
metalc5  metalc ?   ? B BA  . BA    ? ? ? 1_555 E DOD . O  ? ? A BA  101 A DOD 204 1_555 ? ? ? ? ? ? ?            2.847 ? ? 
metalc6  metalc ?   ? B BA  . BA    ? ? ? 1_555 E DOD . O  ? ? A BA  101 A DOD 205 1_555 ? ? ? ? ? ? ?            2.874 ? ? 
metalc7  metalc ?   ? B BA  . BA    ? ? ? 1_555 E DOD . O  ? ? A BA  101 A DOD 206 1_555 ? ? ? ? ? ? ?            2.809 ? ? 
hydrog1  hydrog ?   ? A DC  2 N3    ? ? ? 1_555 A DG  9 N1 ? ? A DC  2   A DG  9   7_555 ? ? ? ? ? ? WATSON-CRICK ?     ? ? 
hydrog2  hydrog ?   ? A DC  2 N4    ? ? ? 1_555 A DG  9 O6 ? ? A DC  2   A DG  9   7_555 ? ? ? ? ? ? WATSON-CRICK ?     ? ? 
hydrog3  hydrog ?   ? A DC  2 O2    ? ? ? 1_555 A DG  9 N2 ? ? A DC  2   A DG  9   7_555 ? ? ? ? ? ? WATSON-CRICK ?     ? ? 
hydrog4  hydrog ?   ? A DG  3 N1    ? ? ? 1_555 A DC  8 N3 ? ? A DG  3   A DC  8   7_555 ? ? ? ? ? ? WATSON-CRICK ?     ? ? 
hydrog5  hydrog ?   ? A DG  3 N2    ? ? ? 1_555 A DC  8 O2 ? ? A DG  3   A DC  8   7_555 ? ? ? ? ? ? WATSON-CRICK ?     ? ? 
hydrog6  hydrog ?   ? A DG  3 O6    ? ? ? 1_555 A DC  8 N4 ? ? A DG  3   A DC  8   7_555 ? ? ? ? ? ? WATSON-CRICK ?     ? ? 
hydrog7  hydrog ?   ? A DG  4 N1    ? ? ? 1_555 A DC  7 N3 ? ? A DG  4   A DC  7   7_555 ? ? ? ? ? ? WATSON-CRICK ?     ? ? 
hydrog8  hydrog ?   ? A DG  4 N2    ? ? ? 1_555 A DC  7 O2 ? ? A DG  4   A DC  7   7_555 ? ? ? ? ? ? WATSON-CRICK ?     ? ? 
hydrog9  hydrog ?   ? A DG  4 O6    ? ? ? 1_555 A DC  7 N4 ? ? A DG  4   A DC  7   7_555 ? ? ? ? ? ? WATSON-CRICK ?     ? ? 
hydrog10 hydrog ?   ? A DC  5 N3    ? ? ? 1_555 A DG  6 N1 ? ? A DC  5   A DG  6   7_555 ? ? ? ? ? ? WATSON-CRICK ?     ? ? 
hydrog11 hydrog ?   ? A DC  5 N4    ? ? ? 1_555 A DG  6 O6 ? ? A DC  5   A DG  6   7_555 ? ? ? ? ? ? WATSON-CRICK ?     ? ? 
hydrog12 hydrog ?   ? A DC  5 O2    ? ? ? 1_555 A DG  6 N2 ? ? A DC  5   A DG  6   7_555 ? ? ? ? ? ? WATSON-CRICK ?     ? ? 
hydrog13 hydrog ?   ? A DG  6 N1    ? ? ? 1_555 A DC  5 N3 ? ? A DG  6   A DC  5   7_555 ? ? ? ? ? ? WATSON-CRICK ?     ? ? 
hydrog14 hydrog ?   ? A DG  6 N2    ? ? ? 1_555 A DC  5 O2 ? ? A DG  6   A DC  5   7_555 ? ? ? ? ? ? WATSON-CRICK ?     ? ? 
hydrog15 hydrog ?   ? A DG  6 O6    ? ? ? 1_555 A DC  5 N4 ? ? A DG  6   A DC  5   7_555 ? ? ? ? ? ? WATSON-CRICK ?     ? ? 
hydrog16 hydrog ?   ? A DC  7 N3    ? ? ? 1_555 A DG  4 N1 ? ? A DC  7   A DG  4   7_555 ? ? ? ? ? ? WATSON-CRICK ?     ? ? 
hydrog17 hydrog ?   ? A DC  7 N4    ? ? ? 1_555 A DG  4 O6 ? ? A DC  7   A DG  4   7_555 ? ? ? ? ? ? WATSON-CRICK ?     ? ? 
hydrog18 hydrog ?   ? A DC  7 O2    ? ? ? 1_555 A DG  4 N2 ? ? A DC  7   A DG  4   7_555 ? ? ? ? ? ? WATSON-CRICK ?     ? ? 
hydrog19 hydrog ?   ? A DC  8 N3    ? ? ? 1_555 A DG  3 N1 ? ? A DC  8   A DG  3   7_555 ? ? ? ? ? ? WATSON-CRICK ?     ? ? 
hydrog20 hydrog ?   ? A DC  8 N4    ? ? ? 1_555 A DG  3 O6 ? ? A DC  8   A DG  3   7_555 ? ? ? ? ? ? WATSON-CRICK ?     ? ? 
hydrog21 hydrog ?   ? A DC  8 O2    ? ? ? 1_555 A DG  3 N2 ? ? A DC  8   A DG  3   7_555 ? ? ? ? ? ? WATSON-CRICK ?     ? ? 
hydrog22 hydrog ?   ? A DG  9 N1    ? ? ? 1_555 A DC  2 N3 ? ? A DG  9   A DC  2   7_555 ? ? ? ? ? ? WATSON-CRICK ?     ? ? 
hydrog23 hydrog ?   ? A DG  9 N2    ? ? ? 1_555 A DC  2 O2 ? ? A DG  9   A DC  2   7_555 ? ? ? ? ? ? WATSON-CRICK ?     ? ? 
hydrog24 hydrog ?   ? A DG  9 O6    ? ? ? 1_555 A DC  2 N4 ? ? A DG  9   A DC  2   7_555 ? ? ? ? ? ? WATSON-CRICK ?     ? ? 
# 
loop_
_struct_conn_type.id 
_struct_conn_type.criteria 
_struct_conn_type.reference 
covale ? ? 
metalc ? ? 
hydrog ? ? 
# 
loop_
_pdbx_struct_conn_angle.id 
_pdbx_struct_conn_angle.ptnr1_label_atom_id 
_pdbx_struct_conn_angle.ptnr1_label_alt_id 
_pdbx_struct_conn_angle.ptnr1_label_asym_id 
_pdbx_struct_conn_angle.ptnr1_label_comp_id 
_pdbx_struct_conn_angle.ptnr1_label_seq_id 
_pdbx_struct_conn_angle.ptnr1_auth_atom_id 
_pdbx_struct_conn_angle.ptnr1_auth_asym_id 
_pdbx_struct_conn_angle.ptnr1_auth_comp_id 
_pdbx_struct_conn_angle.ptnr1_auth_seq_id 
_pdbx_struct_conn_angle.ptnr1_PDB_ins_code 
_pdbx_struct_conn_angle.ptnr1_symmetry 
_pdbx_struct_conn_angle.ptnr2_label_atom_id 
_pdbx_struct_conn_angle.ptnr2_label_alt_id 
_pdbx_struct_conn_angle.ptnr2_label_asym_id 
_pdbx_struct_conn_angle.ptnr2_label_comp_id 
_pdbx_struct_conn_angle.ptnr2_label_seq_id 
_pdbx_struct_conn_angle.ptnr2_auth_atom_id 
_pdbx_struct_conn_angle.ptnr2_auth_asym_id 
_pdbx_struct_conn_angle.ptnr2_auth_comp_id 
_pdbx_struct_conn_angle.ptnr2_auth_seq_id 
_pdbx_struct_conn_angle.ptnr2_PDB_ins_code 
_pdbx_struct_conn_angle.ptnr2_symmetry 
_pdbx_struct_conn_angle.ptnr3_label_atom_id 
_pdbx_struct_conn_angle.ptnr3_label_alt_id 
_pdbx_struct_conn_angle.ptnr3_label_asym_id 
_pdbx_struct_conn_angle.ptnr3_label_comp_id 
_pdbx_struct_conn_angle.ptnr3_label_seq_id 
_pdbx_struct_conn_angle.ptnr3_auth_atom_id 
_pdbx_struct_conn_angle.ptnr3_auth_asym_id 
_pdbx_struct_conn_angle.ptnr3_auth_comp_id 
_pdbx_struct_conn_angle.ptnr3_auth_seq_id 
_pdbx_struct_conn_angle.ptnr3_PDB_ins_code 
_pdbx_struct_conn_angle.ptnr3_symmetry 
_pdbx_struct_conn_angle.value 
_pdbx_struct_conn_angle.value_esd 
1  O6 ? A DG  4 ? A DG  4   ? 1_555 BA ? B BA . ? A BA 101 ? 1_555 O ? E DOD . ? A DOD 201 ? 1_555 126.6 ? 
2  O6 ? A DG  4 ? A DG  4   ? 1_555 BA ? B BA . ? A BA 101 ? 1_555 O ? E DOD . ? A DOD 202 ? 1_555 136.9 ? 
3  O  ? E DOD . ? A DOD 201 ? 1_555 BA ? B BA . ? A BA 101 ? 1_555 O ? E DOD . ? A DOD 202 ? 1_555 68.8  ? 
4  O6 ? A DG  4 ? A DG  4   ? 1_555 BA ? B BA . ? A BA 101 ? 1_555 O ? E DOD . ? A DOD 203 ? 1_555 69.6  ? 
5  O  ? E DOD . ? A DOD 201 ? 1_555 BA ? B BA . ? A BA 101 ? 1_555 O ? E DOD . ? A DOD 203 ? 1_555 139.2 ? 
6  O  ? E DOD . ? A DOD 202 ? 1_555 BA ? B BA . ? A BA 101 ? 1_555 O ? E DOD . ? A DOD 203 ? 1_555 75.9  ? 
7  O6 ? A DG  4 ? A DG  4   ? 1_555 BA ? B BA . ? A BA 101 ? 1_555 O ? E DOD . ? A DOD 204 ? 1_555 63.0  ? 
8  O  ? E DOD . ? A DOD 201 ? 1_555 BA ? B BA . ? A BA 101 ? 1_555 O ? E DOD . ? A DOD 204 ? 1_555 135.1 ? 
9  O  ? E DOD . ? A DOD 202 ? 1_555 BA ? B BA . ? A BA 101 ? 1_555 O ? E DOD . ? A DOD 204 ? 1_555 139.3 ? 
10 O  ? E DOD . ? A DOD 203 ? 1_555 BA ? B BA . ? A BA 101 ? 1_555 O ? E DOD . ? A DOD 204 ? 1_555 85.4  ? 
11 O6 ? A DG  4 ? A DG  4   ? 1_555 BA ? B BA . ? A BA 101 ? 1_555 O ? E DOD . ? A DOD 205 ? 1_555 111.8 ? 
12 O  ? E DOD . ? A DOD 201 ? 1_555 BA ? B BA . ? A BA 101 ? 1_555 O ? E DOD . ? A DOD 205 ? 1_555 65.2  ? 
13 O  ? E DOD . ? A DOD 202 ? 1_555 BA ? B BA . ? A BA 101 ? 1_555 O ? E DOD . ? A DOD 205 ? 1_555 111.0 ? 
14 O  ? E DOD . ? A DOD 203 ? 1_555 BA ? B BA . ? A BA 101 ? 1_555 O ? E DOD . ? A DOD 205 ? 1_555 150.7 ? 
15 O  ? E DOD . ? A DOD 204 ? 1_555 BA ? B BA . ? A BA 101 ? 1_555 O ? E DOD . ? A DOD 205 ? 1_555 70.9  ? 
16 O6 ? A DG  4 ? A DG  4   ? 1_555 BA ? B BA . ? A BA 101 ? 1_555 O ? E DOD . ? A DOD 206 ? 1_555 119.7 ? 
17 O  ? E DOD . ? A DOD 201 ? 1_555 BA ? B BA . ? A BA 101 ? 1_555 O ? E DOD . ? A DOD 206 ? 1_555 112.6 ? 
18 O  ? E DOD . ? A DOD 202 ? 1_555 BA ? B BA . ? A BA 101 ? 1_555 O ? E DOD . ? A DOD 206 ? 1_555 72.1  ? 
19 O  ? E DOD . ? A DOD 203 ? 1_555 BA ? B BA . ? A BA 101 ? 1_555 O ? E DOD . ? A DOD 206 ? 1_555 73.7  ? 
20 O  ? E DOD . ? A DOD 204 ? 1_555 BA ? B BA . ? A BA 101 ? 1_555 O ? E DOD . ? A DOD 206 ? 1_555 68.0  ? 
21 O  ? E DOD . ? A DOD 205 ? 1_555 BA ? B BA . ? A BA 101 ? 1_555 O ? E DOD . ? A DOD 206 ? 1_555 81.3  ? 
# 
loop_
_struct_site.id 
_struct_site.pdbx_evidence_code 
_struct_site.pdbx_auth_asym_id 
_struct_site.pdbx_auth_comp_id 
_struct_site.pdbx_auth_seq_id 
_struct_site.pdbx_auth_ins_code 
_struct_site.pdbx_num_residues 
_struct_site.details 
AC1 Software A BA  101 ? 8  'BINDING SITE FOR RESIDUE BA A 101'  
AC2 Software A RKL 102 ? 13 'BINDING SITE FOR RESIDUE RKL A 102' 
AC3 Software A CL  103 ? 4  'BINDING SITE FOR RESIDUE CL A 103'  
# 
loop_
_struct_site_gen.id 
_struct_site_gen.site_id 
_struct_site_gen.pdbx_num_res 
_struct_site_gen.label_comp_id 
_struct_site_gen.label_asym_id 
_struct_site_gen.label_seq_id 
_struct_site_gen.pdbx_auth_ins_code 
_struct_site_gen.auth_comp_id 
_struct_site_gen.auth_asym_id 
_struct_site_gen.auth_seq_id 
_struct_site_gen.label_atom_id 
_struct_site_gen.label_alt_id 
_struct_site_gen.symmetry 
_struct_site_gen.details 
1  AC1 8  DG  A 3  ? DG  A 3   . ? 1_555 ? 
2  AC1 8  DG  A 4  ? DG  A 4   . ? 1_555 ? 
3  AC1 8  DOD E .  ? DOD A 201 . ? 1_555 ? 
4  AC1 8  DOD E .  ? DOD A 202 . ? 1_555 ? 
5  AC1 8  DOD E .  ? DOD A 203 . ? 1_555 ? 
6  AC1 8  DOD E .  ? DOD A 204 . ? 1_555 ? 
7  AC1 8  DOD E .  ? DOD A 205 . ? 1_555 ? 
8  AC1 8  DOD E .  ? DOD A 206 . ? 1_555 ? 
9  AC2 13 THM A 1  ? THM A 1   . ? 7_555 ? 
10 AC2 13 DC  A 2  ? DC  A 2   . ? 7_555 ? 
11 AC2 13 DG  A 3  ? DG  A 3   . ? 5_554 ? 
12 AC2 13 DG  A 3  ? DG  A 3   . ? 7_555 ? 
13 AC2 13 DG  A 4  ? DG  A 4   . ? 5_554 ? 
14 AC2 13 DC  A 5  ? DC  A 5   . ? 5_554 ? 
15 AC2 13 DC  A 7  ? DC  A 7   . ? 3_554 ? 
16 AC2 13 DC  A 8  ? DC  A 8   . ? 3_554 ? 
17 AC2 13 DG  A 9  ? DG  A 9   . ? 1_555 ? 
18 AC2 13 DA  A 10 ? DA  A 10  . ? 3_554 ? 
19 AC2 13 CL  D .  ? CL  A 103 . ? 1_555 ? 
20 AC2 13 DOD E .  ? DOD A 207 . ? 3_554 ? 
21 AC2 13 DOD E .  ? DOD A 239 . ? 4_455 ? 
22 AC3 4  DG  A 4  ? DG  A 4   . ? 5_554 ? 
23 AC3 4  DC  A 5  ? DC  A 5   . ? 5_554 ? 
24 AC3 4  RKL C .  ? RKL A 102 . ? 1_555 ? 
25 AC3 4  DOD E .  ? DOD A 212 . ? 1_555 ? 
# 
_pdbx_validate_rmsd_angle.id                         1 
_pdbx_validate_rmsd_angle.PDB_model_num              1 
_pdbx_validate_rmsd_angle.auth_atom_id_1             "O5'" 
_pdbx_validate_rmsd_angle.auth_asym_id_1             A 
_pdbx_validate_rmsd_angle.auth_comp_id_1             DG 
_pdbx_validate_rmsd_angle.auth_seq_id_1              4 
_pdbx_validate_rmsd_angle.PDB_ins_code_1             ? 
_pdbx_validate_rmsd_angle.label_alt_id_1             ? 
_pdbx_validate_rmsd_angle.auth_atom_id_2             P 
_pdbx_validate_rmsd_angle.auth_asym_id_2             A 
_pdbx_validate_rmsd_angle.auth_comp_id_2             DG 
_pdbx_validate_rmsd_angle.auth_seq_id_2              4 
_pdbx_validate_rmsd_angle.PDB_ins_code_2             ? 
_pdbx_validate_rmsd_angle.label_alt_id_2             ? 
_pdbx_validate_rmsd_angle.auth_atom_id_3             OP2 
_pdbx_validate_rmsd_angle.auth_asym_id_3             A 
_pdbx_validate_rmsd_angle.auth_comp_id_3             DG 
_pdbx_validate_rmsd_angle.auth_seq_id_3              4 
_pdbx_validate_rmsd_angle.PDB_ins_code_3             ? 
_pdbx_validate_rmsd_angle.label_alt_id_3             ? 
_pdbx_validate_rmsd_angle.angle_value                99.32 
_pdbx_validate_rmsd_angle.angle_target_value         105.70 
_pdbx_validate_rmsd_angle.angle_deviation            -6.38 
_pdbx_validate_rmsd_angle.angle_standard_deviation   0.90 
_pdbx_validate_rmsd_angle.linker_flag                N 
# 
_pdbx_validate_planes.id              1 
_pdbx_validate_planes.PDB_model_num   1 
_pdbx_validate_planes.auth_comp_id    DC 
_pdbx_validate_planes.auth_asym_id    A 
_pdbx_validate_planes.auth_seq_id     5 
_pdbx_validate_planes.PDB_ins_code    ? 
_pdbx_validate_planes.label_alt_id    ? 
_pdbx_validate_planes.rmsd            0.072 
_pdbx_validate_planes.type            'SIDE CHAIN' 
# 
loop_
_chem_comp_atom.comp_id 
_chem_comp_atom.atom_id 
_chem_comp_atom.type_symbol 
_chem_comp_atom.pdbx_aromatic_flag 
_chem_comp_atom.pdbx_stereo_config 
_chem_comp_atom.pdbx_ordinal 
BA  BA     BA N N 1   
CL  CL     CL N N 2   
DA  OP3    O  N N 3   
DA  P      P  N N 4   
DA  OP1    O  N N 5   
DA  OP2    O  N N 6   
DA  "O5'"  O  N N 7   
DA  "C5'"  C  N N 8   
DA  "C4'"  C  N R 9   
DA  "O4'"  O  N N 10  
DA  "C3'"  C  N S 11  
DA  "O3'"  O  N N 12  
DA  "C2'"  C  N N 13  
DA  "C1'"  C  N R 14  
DA  N9     N  Y N 15  
DA  C8     C  Y N 16  
DA  N7     N  Y N 17  
DA  C5     C  Y N 18  
DA  C6     C  Y N 19  
DA  N6     N  N N 20  
DA  N1     N  Y N 21  
DA  C2     C  Y N 22  
DA  N3     N  Y N 23  
DA  C4     C  Y N 24  
DA  HOP3   H  N N 25  
DA  HOP2   H  N N 26  
DA  "H5'"  H  N N 27  
DA  "H5''" H  N N 28  
DA  "H4'"  H  N N 29  
DA  "H3'"  H  N N 30  
DA  "HO3'" H  N N 31  
DA  "H2'"  H  N N 32  
DA  "H2''" H  N N 33  
DA  "H1'"  H  N N 34  
DA  H8     H  N N 35  
DA  H61    H  N N 36  
DA  H62    H  N N 37  
DA  H2     H  N N 38  
DC  OP3    O  N N 39  
DC  P      P  N N 40  
DC  OP1    O  N N 41  
DC  OP2    O  N N 42  
DC  "O5'"  O  N N 43  
DC  "C5'"  C  N N 44  
DC  "C4'"  C  N R 45  
DC  "O4'"  O  N N 46  
DC  "C3'"  C  N S 47  
DC  "O3'"  O  N N 48  
DC  "C2'"  C  N N 49  
DC  "C1'"  C  N R 50  
DC  N1     N  N N 51  
DC  C2     C  N N 52  
DC  O2     O  N N 53  
DC  N3     N  N N 54  
DC  C4     C  N N 55  
DC  N4     N  N N 56  
DC  C5     C  N N 57  
DC  C6     C  N N 58  
DC  HOP3   H  N N 59  
DC  HOP2   H  N N 60  
DC  "H5'"  H  N N 61  
DC  "H5''" H  N N 62  
DC  "H4'"  H  N N 63  
DC  "H3'"  H  N N 64  
DC  "HO3'" H  N N 65  
DC  "H2'"  H  N N 66  
DC  "H2''" H  N N 67  
DC  "H1'"  H  N N 68  
DC  H41    H  N N 69  
DC  H42    H  N N 70  
DC  H5     H  N N 71  
DC  H6     H  N N 72  
DG  OP3    O  N N 73  
DG  P      P  N N 74  
DG  OP1    O  N N 75  
DG  OP2    O  N N 76  
DG  "O5'"  O  N N 77  
DG  "C5'"  C  N N 78  
DG  "C4'"  C  N R 79  
DG  "O4'"  O  N N 80  
DG  "C3'"  C  N S 81  
DG  "O3'"  O  N N 82  
DG  "C2'"  C  N N 83  
DG  "C1'"  C  N R 84  
DG  N9     N  Y N 85  
DG  C8     C  Y N 86  
DG  N7     N  Y N 87  
DG  C5     C  Y N 88  
DG  C6     C  N N 89  
DG  O6     O  N N 90  
DG  N1     N  N N 91  
DG  C2     C  N N 92  
DG  N2     N  N N 93  
DG  N3     N  N N 94  
DG  C4     C  Y N 95  
DG  HOP3   H  N N 96  
DG  HOP2   H  N N 97  
DG  "H5'"  H  N N 98  
DG  "H5''" H  N N 99  
DG  "H4'"  H  N N 100 
DG  "H3'"  H  N N 101 
DG  "HO3'" H  N N 102 
DG  "H2'"  H  N N 103 
DG  "H2''" H  N N 104 
DG  "H1'"  H  N N 105 
DG  H8     H  N N 106 
DG  H1     H  N N 107 
DG  H21    H  N N 108 
DG  H22    H  N N 109 
DOD O      O  N N 110 
DOD D1     D  N N 111 
DOD D2     D  N N 112 
RKL RU     RU N N 113 
RKL C1     C  Y N 114 
RKL N1     N  Y N 115 
RKL C2     C  Y N 116 
RKL N2     N  Y N 117 
RKL C3     C  Y N 118 
RKL N3     N  Y N 119 
RKL C4     C  Y N 120 
RKL N4     N  Y N 121 
RKL C5     C  Y N 122 
RKL N5     N  Y N 123 
RKL C6     C  Y N 124 
RKL N6     N  Y N 125 
RKL C7     C  Y N 126 
RKL N7     N  Y N 127 
RKL C8     C  Y N 128 
RKL N8     N  Y N 129 
RKL C9     C  Y N 130 
RKL N9     N  Y N 131 
RKL C10    C  Y N 132 
RKL N10    N  Y N 133 
RKL C11    C  Y N 134 
RKL N11    N  Y N 135 
RKL C12    C  Y N 136 
RKL N12    N  Y N 137 
RKL C13    C  Y N 138 
RKL C14    C  Y N 139 
RKL C15    C  Y N 140 
RKL C16    C  Y N 141 
RKL C17    C  Y N 142 
RKL C18    C  Y N 143 
RKL C19    C  Y N 144 
RKL C20    C  Y N 145 
RKL C21    C  Y N 146 
RKL C22    C  Y N 147 
RKL C23    C  Y N 148 
RKL C24    C  Y N 149 
RKL C25    C  Y N 150 
RKL C26    C  Y N 151 
RKL C27    C  Y N 152 
RKL C28    C  Y N 153 
RKL C29    C  Y N 154 
RKL C30    C  Y N 155 
RKL C31    C  Y N 156 
RKL C32    C  Y N 157 
RKL C33    C  Y N 158 
RKL C34    C  Y N 159 
RKL C35    C  Y N 160 
RKL C36    C  Y N 161 
RKL C37    C  Y N 162 
RKL C38    C  Y N 163 
RKL H2     H  N N 164 
RKL H3     H  N N 165 
RKL H4     H  N N 166 
RKL H9     H  N N 167 
RKL H11    H  N N 168 
RKL H12    H  N N 169 
RKL H14    H  N N 170 
RKL H16    H  N N 171 
RKL H17    H  N N 172 
RKL H18    H  N N 173 
RKL H20    H  N N 174 
RKL H21    H  N N 175 
RKL H23    H  N N 176 
RKL H24    H  N N 177 
RKL H27    H  N N 178 
RKL H28    H  N N 179 
RKL H30    H  N N 180 
RKL H31    H  N N 181 
RKL H33    H  N N 182 
RKL H34    H  N N 183 
RKL H37    H  N N 184 
RKL H38    H  N N 185 
THM "O5'"  O  N N 186 
THM "C5'"  C  N N 187 
THM "C4'"  C  N R 188 
THM "O4'"  O  N N 189 
THM "C3'"  C  N S 190 
THM "O3'"  O  N N 191 
THM "C2'"  C  N N 192 
THM "C1'"  C  N R 193 
THM N1     N  N N 194 
THM C2     C  N N 195 
THM O2     O  N N 196 
THM N3     N  N N 197 
THM C4     C  N N 198 
THM O4     O  N N 199 
THM C5     C  N N 200 
THM C5M    C  N N 201 
THM C6     C  N N 202 
THM "HO5'" H  N N 203 
THM "H5'1" H  N N 204 
THM "H5'2" H  N N 205 
THM "H4'"  H  N N 206 
THM "H3'"  H  N N 207 
THM "HO3'" H  N N 208 
THM "H2'1" H  N N 209 
THM "H2'2" H  N N 210 
THM "H1'"  H  N N 211 
THM HN3    H  N N 212 
THM HM51   H  N N 213 
THM HM52   H  N N 214 
THM HM53   H  N N 215 
THM H6     H  N N 216 
# 
loop_
_chem_comp_bond.comp_id 
_chem_comp_bond.atom_id_1 
_chem_comp_bond.atom_id_2 
_chem_comp_bond.value_order 
_chem_comp_bond.pdbx_aromatic_flag 
_chem_comp_bond.pdbx_stereo_config 
_chem_comp_bond.pdbx_ordinal 
DA  OP3   P      sing N N 1   
DA  OP3   HOP3   sing N N 2   
DA  P     OP1    doub N N 3   
DA  P     OP2    sing N N 4   
DA  P     "O5'"  sing N N 5   
DA  OP2   HOP2   sing N N 6   
DA  "O5'" "C5'"  sing N N 7   
DA  "C5'" "C4'"  sing N N 8   
DA  "C5'" "H5'"  sing N N 9   
DA  "C5'" "H5''" sing N N 10  
DA  "C4'" "O4'"  sing N N 11  
DA  "C4'" "C3'"  sing N N 12  
DA  "C4'" "H4'"  sing N N 13  
DA  "O4'" "C1'"  sing N N 14  
DA  "C3'" "O3'"  sing N N 15  
DA  "C3'" "C2'"  sing N N 16  
DA  "C3'" "H3'"  sing N N 17  
DA  "O3'" "HO3'" sing N N 18  
DA  "C2'" "C1'"  sing N N 19  
DA  "C2'" "H2'"  sing N N 20  
DA  "C2'" "H2''" sing N N 21  
DA  "C1'" N9     sing N N 22  
DA  "C1'" "H1'"  sing N N 23  
DA  N9    C8     sing Y N 24  
DA  N9    C4     sing Y N 25  
DA  C8    N7     doub Y N 26  
DA  C8    H8     sing N N 27  
DA  N7    C5     sing Y N 28  
DA  C5    C6     sing Y N 29  
DA  C5    C4     doub Y N 30  
DA  C6    N6     sing N N 31  
DA  C6    N1     doub Y N 32  
DA  N6    H61    sing N N 33  
DA  N6    H62    sing N N 34  
DA  N1    C2     sing Y N 35  
DA  C2    N3     doub Y N 36  
DA  C2    H2     sing N N 37  
DA  N3    C4     sing Y N 38  
DC  OP3   P      sing N N 39  
DC  OP3   HOP3   sing N N 40  
DC  P     OP1    doub N N 41  
DC  P     OP2    sing N N 42  
DC  P     "O5'"  sing N N 43  
DC  OP2   HOP2   sing N N 44  
DC  "O5'" "C5'"  sing N N 45  
DC  "C5'" "C4'"  sing N N 46  
DC  "C5'" "H5'"  sing N N 47  
DC  "C5'" "H5''" sing N N 48  
DC  "C4'" "O4'"  sing N N 49  
DC  "C4'" "C3'"  sing N N 50  
DC  "C4'" "H4'"  sing N N 51  
DC  "O4'" "C1'"  sing N N 52  
DC  "C3'" "O3'"  sing N N 53  
DC  "C3'" "C2'"  sing N N 54  
DC  "C3'" "H3'"  sing N N 55  
DC  "O3'" "HO3'" sing N N 56  
DC  "C2'" "C1'"  sing N N 57  
DC  "C2'" "H2'"  sing N N 58  
DC  "C2'" "H2''" sing N N 59  
DC  "C1'" N1     sing N N 60  
DC  "C1'" "H1'"  sing N N 61  
DC  N1    C2     sing N N 62  
DC  N1    C6     sing N N 63  
DC  C2    O2     doub N N 64  
DC  C2    N3     sing N N 65  
DC  N3    C4     doub N N 66  
DC  C4    N4     sing N N 67  
DC  C4    C5     sing N N 68  
DC  N4    H41    sing N N 69  
DC  N4    H42    sing N N 70  
DC  C5    C6     doub N N 71  
DC  C5    H5     sing N N 72  
DC  C6    H6     sing N N 73  
DG  OP3   P      sing N N 74  
DG  OP3   HOP3   sing N N 75  
DG  P     OP1    doub N N 76  
DG  P     OP2    sing N N 77  
DG  P     "O5'"  sing N N 78  
DG  OP2   HOP2   sing N N 79  
DG  "O5'" "C5'"  sing N N 80  
DG  "C5'" "C4'"  sing N N 81  
DG  "C5'" "H5'"  sing N N 82  
DG  "C5'" "H5''" sing N N 83  
DG  "C4'" "O4'"  sing N N 84  
DG  "C4'" "C3'"  sing N N 85  
DG  "C4'" "H4'"  sing N N 86  
DG  "O4'" "C1'"  sing N N 87  
DG  "C3'" "O3'"  sing N N 88  
DG  "C3'" "C2'"  sing N N 89  
DG  "C3'" "H3'"  sing N N 90  
DG  "O3'" "HO3'" sing N N 91  
DG  "C2'" "C1'"  sing N N 92  
DG  "C2'" "H2'"  sing N N 93  
DG  "C2'" "H2''" sing N N 94  
DG  "C1'" N9     sing N N 95  
DG  "C1'" "H1'"  sing N N 96  
DG  N9    C8     sing Y N 97  
DG  N9    C4     sing Y N 98  
DG  C8    N7     doub Y N 99  
DG  C8    H8     sing N N 100 
DG  N7    C5     sing Y N 101 
DG  C5    C6     sing N N 102 
DG  C5    C4     doub Y N 103 
DG  C6    O6     doub N N 104 
DG  C6    N1     sing N N 105 
DG  N1    C2     sing N N 106 
DG  N1    H1     sing N N 107 
DG  C2    N2     sing N N 108 
DG  C2    N3     doub N N 109 
DG  N2    H21    sing N N 110 
DG  N2    H22    sing N N 111 
DG  N3    C4     sing N N 112 
DOD O     D1     sing N N 113 
DOD O     D2     sing N N 114 
RKL RU    N1     sing N N 115 
RKL RU    N2     sing N N 116 
RKL RU    N5     sing N N 117 
RKL RU    N8     sing N N 118 
RKL RU    N9     sing N N 119 
RKL RU    N12    sing N N 120 
RKL C1    N2     doub Y N 121 
RKL C1    C5     sing Y N 122 
RKL C1    C10    sing Y N 123 
RKL N1    C10    doub Y N 124 
RKL N1    C12    sing Y N 125 
RKL C2    N2     sing Y N 126 
RKL C2    C3     doub Y N 127 
RKL C2    H2     sing N N 128 
RKL C3    C4     sing Y N 129 
RKL C3    H3     sing N N 130 
RKL N3    C6     doub Y N 131 
RKL N3    C15    sing Y N 132 
RKL C4    C5     doub Y N 133 
RKL C4    H4     sing N N 134 
RKL N4    C7     doub Y N 135 
RKL N4    C13    sing Y N 136 
RKL C5    C6     sing Y N 137 
RKL N5    C19    doub Y N 138 
RKL N5    C20    sing Y N 139 
RKL C6    C7     sing Y N 140 
RKL N6    C21    sing Y N 141 
RKL N6    C22    doub Y N 142 
RKL C7    C8     sing Y N 143 
RKL N7    C25    doub Y N 144 
RKL N7    C27    sing Y N 145 
RKL C8    C9     doub Y N 146 
RKL C8    C10    sing Y N 147 
RKL N8    C26    doub Y N 148 
RKL N8    C28    sing Y N 149 
RKL C9    C11    sing Y N 150 
RKL C9    H9     sing N N 151 
RKL N9    C29    doub Y N 152 
RKL N9    C30    sing Y N 153 
RKL N10   C31    sing Y N 154 
RKL N10   C32    doub Y N 155 
RKL C11   C12    doub Y N 156 
RKL C11   H11    sing N N 157 
RKL N11   C35    doub Y N 158 
RKL N11   C37    sing Y N 159 
RKL C12   H12    sing N N 160 
RKL N12   C36    doub Y N 161 
RKL N12   C38    sing Y N 162 
RKL C13   C14    sing Y N 163 
RKL C13   C15    doub Y N 164 
RKL C14   C18    doub Y N 165 
RKL C14   H14    sing N N 166 
RKL C15   C16    sing Y N 167 
RKL C16   C17    doub Y N 168 
RKL C16   H16    sing N N 169 
RKL C17   C18    sing Y N 170 
RKL C17   H17    sing N N 171 
RKL C18   H18    sing N N 172 
RKL C19   C22    sing Y N 173 
RKL C19   C26    sing Y N 174 
RKL C20   C21    doub Y N 175 
RKL C20   H20    sing N N 176 
RKL C21   H21    sing N N 177 
RKL C22   C23    sing Y N 178 
RKL C23   C24    doub Y N 179 
RKL C23   H23    sing N N 180 
RKL C24   C25    sing Y N 181 
RKL C24   H24    sing N N 182 
RKL C25   C26    sing Y N 183 
RKL C27   C28    doub Y N 184 
RKL C27   H27    sing N N 185 
RKL C28   H28    sing N N 186 
RKL C29   C32    sing Y N 187 
RKL C29   C36    sing Y N 188 
RKL C30   C31    doub Y N 189 
RKL C30   H30    sing N N 190 
RKL C31   H31    sing N N 191 
RKL C32   C33    sing Y N 192 
RKL C33   C34    doub Y N 193 
RKL C33   H33    sing N N 194 
RKL C34   C35    sing Y N 195 
RKL C34   H34    sing N N 196 
RKL C35   C36    sing Y N 197 
RKL C37   C38    doub Y N 198 
RKL C37   H37    sing N N 199 
RKL C38   H38    sing N N 200 
THM "O5'" "C5'"  sing N N 201 
THM "O5'" "HO5'" sing N N 202 
THM "C5'" "C4'"  sing N N 203 
THM "C5'" "H5'1" sing N N 204 
THM "C5'" "H5'2" sing N N 205 
THM "C4'" "O4'"  sing N N 206 
THM "C4'" "C3'"  sing N N 207 
THM "C4'" "H4'"  sing N N 208 
THM "O4'" "C1'"  sing N N 209 
THM "C3'" "O3'"  sing N N 210 
THM "C3'" "C2'"  sing N N 211 
THM "C3'" "H3'"  sing N N 212 
THM "O3'" "HO3'" sing N N 213 
THM "C2'" "C1'"  sing N N 214 
THM "C2'" "H2'1" sing N N 215 
THM "C2'" "H2'2" sing N N 216 
THM "C1'" N1     sing N N 217 
THM "C1'" "H1'"  sing N N 218 
THM N1    C2     sing N N 219 
THM N1    C6     sing N N 220 
THM C2    O2     doub N N 221 
THM C2    N3     sing N N 222 
THM N3    C4     sing N N 223 
THM N3    HN3    sing N N 224 
THM C4    O4     doub N N 225 
THM C4    C5     sing N N 226 
THM C5    C5M    sing N N 227 
THM C5    C6     doub N N 228 
THM C5M   HM51   sing N N 229 
THM C5M   HM52   sing N N 230 
THM C5M   HM53   sing N N 231 
THM C6    H6     sing N N 232 
# 
_ndb_struct_conf_na.entry_id   4R8J 
_ndb_struct_conf_na.feature    'b-form double helix' 
# 
loop_
_ndb_struct_na_base_pair.model_number 
_ndb_struct_na_base_pair.i_label_asym_id 
_ndb_struct_na_base_pair.i_label_comp_id 
_ndb_struct_na_base_pair.i_label_seq_id 
_ndb_struct_na_base_pair.i_symmetry 
_ndb_struct_na_base_pair.j_label_asym_id 
_ndb_struct_na_base_pair.j_label_comp_id 
_ndb_struct_na_base_pair.j_label_seq_id 
_ndb_struct_na_base_pair.j_symmetry 
_ndb_struct_na_base_pair.shear 
_ndb_struct_na_base_pair.stretch 
_ndb_struct_na_base_pair.stagger 
_ndb_struct_na_base_pair.buckle 
_ndb_struct_na_base_pair.propeller 
_ndb_struct_na_base_pair.opening 
_ndb_struct_na_base_pair.pair_number 
_ndb_struct_na_base_pair.pair_name 
_ndb_struct_na_base_pair.i_auth_asym_id 
_ndb_struct_na_base_pair.i_auth_seq_id 
_ndb_struct_na_base_pair.i_PDB_ins_code 
_ndb_struct_na_base_pair.j_auth_asym_id 
_ndb_struct_na_base_pair.j_auth_seq_id 
_ndb_struct_na_base_pair.j_PDB_ins_code 
_ndb_struct_na_base_pair.hbond_type_28 
_ndb_struct_na_base_pair.hbond_type_12 
1 A DC 2 1_555 A DG 9 7_555 0.126  -0.080 0.238  -11.206 6.225  1.984  1 A_DC2:DG9_A A 2 ? A 9 ? 19 1 
1 A DG 3 1_555 A DC 8 7_555 -0.208 -0.030 0.177  24.280  -5.095 -0.544 2 A_DG3:DC8_A A 3 ? A 8 ? 19 1 
1 A DG 4 1_555 A DC 7 7_555 -0.193 -0.169 -0.043 -6.558  1.887  -1.550 3 A_DG4:DC7_A A 4 ? A 7 ? 19 1 
1 A DC 5 1_555 A DG 6 7_555 0.247  -0.093 0.128  0.985   -5.117 -1.288 4 A_DC5:DG6_A A 5 ? A 6 ? 19 1 
1 A DG 6 1_555 A DC 5 7_555 -0.247 -0.093 0.128  -0.985  -5.117 -1.288 5 A_DG6:DC5_A A 6 ? A 5 ? 19 1 
1 A DC 7 1_555 A DG 4 7_555 0.193  -0.169 -0.043 6.558   1.887  -1.550 6 A_DC7:DG4_A A 7 ? A 4 ? 19 1 
1 A DC 8 1_555 A DG 3 7_555 0.208  -0.030 0.177  -24.280 -5.095 -0.544 7 A_DC8:DG3_A A 8 ? A 3 ? 19 1 
1 A DG 9 1_555 A DC 2 7_555 -0.126 -0.080 0.238  11.206  6.225  1.984  8 A_DG9:DC2_A A 9 ? A 2 ? 19 1 
# 
loop_
_ndb_struct_na_base_pair_step.model_number 
_ndb_struct_na_base_pair_step.i_label_asym_id_1 
_ndb_struct_na_base_pair_step.i_label_comp_id_1 
_ndb_struct_na_base_pair_step.i_label_seq_id_1 
_ndb_struct_na_base_pair_step.i_symmetry_1 
_ndb_struct_na_base_pair_step.j_label_asym_id_1 
_ndb_struct_na_base_pair_step.j_label_comp_id_1 
_ndb_struct_na_base_pair_step.j_label_seq_id_1 
_ndb_struct_na_base_pair_step.j_symmetry_1 
_ndb_struct_na_base_pair_step.i_label_asym_id_2 
_ndb_struct_na_base_pair_step.i_label_comp_id_2 
_ndb_struct_na_base_pair_step.i_label_seq_id_2 
_ndb_struct_na_base_pair_step.i_symmetry_2 
_ndb_struct_na_base_pair_step.j_label_asym_id_2 
_ndb_struct_na_base_pair_step.j_label_comp_id_2 
_ndb_struct_na_base_pair_step.j_label_seq_id_2 
_ndb_struct_na_base_pair_step.j_symmetry_2 
_ndb_struct_na_base_pair_step.shift 
_ndb_struct_na_base_pair_step.slide 
_ndb_struct_na_base_pair_step.rise 
_ndb_struct_na_base_pair_step.tilt 
_ndb_struct_na_base_pair_step.roll 
_ndb_struct_na_base_pair_step.twist 
_ndb_struct_na_base_pair_step.x_displacement 
_ndb_struct_na_base_pair_step.y_displacement 
_ndb_struct_na_base_pair_step.helical_rise 
_ndb_struct_na_base_pair_step.inclination 
_ndb_struct_na_base_pair_step.tip 
_ndb_struct_na_base_pair_step.helical_twist 
_ndb_struct_na_base_pair_step.step_number 
_ndb_struct_na_base_pair_step.step_name 
_ndb_struct_na_base_pair_step.i_auth_asym_id_1 
_ndb_struct_na_base_pair_step.i_auth_seq_id_1 
_ndb_struct_na_base_pair_step.i_PDB_ins_code_1 
_ndb_struct_na_base_pair_step.j_auth_asym_id_1 
_ndb_struct_na_base_pair_step.j_auth_seq_id_1 
_ndb_struct_na_base_pair_step.j_PDB_ins_code_1 
_ndb_struct_na_base_pair_step.i_auth_asym_id_2 
_ndb_struct_na_base_pair_step.i_auth_seq_id_2 
_ndb_struct_na_base_pair_step.i_PDB_ins_code_2 
_ndb_struct_na_base_pair_step.j_auth_asym_id_2 
_ndb_struct_na_base_pair_step.j_auth_seq_id_2 
_ndb_struct_na_base_pair_step.j_PDB_ins_code_2 
1 A DC 2 1_555 A DG 9 7_555 A DG 3 1_555 A DC 8 7_555 -0.528 1.674 2.615 2.222  3.362  19.912 3.481  2.335  2.781 9.595  -6.342 
20.311 1 AA_DC2DG3:DC8DG9_AA A 2 ? A 9 ? A 3 ? A 8 ? 
1 A DG 3 1_555 A DC 8 7_555 A DG 4 1_555 A DC 7 7_555 -0.103 0.837 5.152 -1.932 49.764 14.724 -5.355 -0.127 2.314 74.512 2.892  
51.800 2 AA_DG3DG4:DC7DC8_AA A 3 ? A 8 ? A 4 ? A 7 ? 
1 A DG 4 1_555 A DC 7 7_555 A DC 5 1_555 A DG 6 7_555 -0.847 0.255 3.143 -1.797 -3.744 40.730 0.760  1.022  3.141 -5.363 2.574  
40.933 3 AA_DG4DC5:DG6DC7_AA A 4 ? A 7 ? A 5 ? A 6 ? 
1 A DC 5 1_555 A DG 6 7_555 A DG 6 1_555 A DC 5 7_555 0.000  1.179 3.801 0.000  29.050 23.383 -3.426 0.000  3.328 51.969 0.000  
37.134 4 AA_DC5DG6:DC5DG6_AA A 5 ? A 6 ? A 6 ? A 5 ? 
1 A DG 6 1_555 A DC 5 7_555 A DC 7 1_555 A DG 4 7_555 0.847  0.255 3.143 1.797  -3.744 40.730 0.760  -1.022 3.141 -5.363 -2.574 
40.933 5 AA_DG6DC7:DG4DC5_AA A 6 ? A 5 ? A 7 ? A 4 ? 
1 A DC 7 1_555 A DG 4 7_555 A DC 8 1_555 A DG 3 7_555 0.103  0.837 5.152 1.932  49.764 14.724 -5.355 0.127  2.314 74.512 -2.892 
51.800 6 AA_DC7DC8:DG3DG4_AA A 7 ? A 4 ? A 8 ? A 3 ? 
1 A DC 8 1_555 A DG 3 7_555 A DG 9 1_555 A DC 2 7_555 0.528  1.674 2.615 -2.222 3.362  19.912 3.481  -2.335 2.781 9.595  6.342  
20.311 7 AA_DC8DG9:DC2DG3_AA A 8 ? A 3 ? A 9 ? A 2 ? 
# 
_atom_sites.entry_id                    4R8J 
_atom_sites.fract_transf_matrix[1][1]   0.00379266 
_atom_sites.fract_transf_matrix[1][2]   -0.02277008 
_atom_sites.fract_transf_matrix[1][3]   -0.00491872 
_atom_sites.fract_transf_matrix[2][1]   0.01053698 
_atom_sites.fract_transf_matrix[2][2]   -0.00276771 
_atom_sites.fract_transf_matrix[2][3]   0.02093720 
_atom_sites.fract_transf_matrix[3][1]   -0.02233055 
_atom_sites.fract_transf_matrix[3][2]   -0.00597643 
_atom_sites.fract_transf_matrix[3][3]   0.01044818 
_atom_sites.fract_transf_vector[1]      0.202573 
_atom_sites.fract_transf_vector[2]      0.296600 
_atom_sites.fract_transf_vector[3]      -0.110666 
# 
loop_
_atom_type.symbol 
BA 
C  
CL 
D  
H  
N  
O  
P  
RU 
# 
loop_
_atom_site.group_PDB 
_atom_site.id 
_atom_site.type_symbol 
_atom_site.label_atom_id 
_atom_site.label_alt_id 
_atom_site.label_comp_id 
_atom_site.label_asym_id 
_atom_site.label_entity_id 
_atom_site.label_seq_id 
_atom_site.pdbx_PDB_ins_code 
_atom_site.Cartn_x 
_atom_site.Cartn_y 
_atom_site.Cartn_z 
_atom_site.occupancy 
_atom_site.B_iso_or_equiv 
_atom_site.pdbx_formal_charge 
_atom_site.auth_seq_id 
_atom_site.auth_comp_id 
_atom_site.auth_asym_id 
_atom_site.auth_atom_id 
_atom_site.pdbx_PDB_model_num 
HETATM 1   O  "O5'"  . THM A 1 1  ? -14.715 -14.108 8.274   1.00 28.82 ? 1   THM A "O5'"  1 
HETATM 2   C  "C5'"  . THM A 1 1  ? -14.043 -15.299 7.826   1.00 26.02 ? 1   THM A "C5'"  1 
HETATM 3   C  "C4'"  . THM A 1 1  ? -13.935 -15.240 6.320   1.00 21.52 ? 1   THM A "C4'"  1 
HETATM 4   O  "O4'"  . THM A 1 1  ? -15.170 -15.164 5.590   1.00 21.93 ? 1   THM A "O4'"  1 
HETATM 5   C  "C3'"  . THM A 1 1  ? -13.056 -14.130 5.752   1.00 20.83 ? 1   THM A "C3'"  1 
HETATM 6   O  "O3'"  . THM A 1 1  ? -11.693 -14.502 5.905   1.00 21.24 ? 1   THM A "O3'"  1 
HETATM 7   C  "C2'"  . THM A 1 1  ? -13.507 -14.039 4.311   1.00 21.93 ? 1   THM A "C2'"  1 
HETATM 8   C  "C1'"  . THM A 1 1  ? -14.971 -14.469 4.365   1.00 20.50 ? 1   THM A "C1'"  1 
HETATM 9   N  N1     . THM A 1 1  ? -15.976 -13.393 4.315   1.00 19.97 ? 1   THM A N1     1 
HETATM 10  C  C2     . THM A 1 1  ? -17.155 -13.670 3.666   1.00 19.31 ? 1   THM A C2     1 
HETATM 11  O  O2     . THM A 1 1  ? -17.371 -14.732 3.110   1.00 19.66 ? 1   THM A O2     1 
HETATM 12  N  N3     . THM A 1 1  ? -18.073 -12.651 3.682   1.00 21.12 ? 1   THM A N3     1 
HETATM 13  C  C4     . THM A 1 1  ? -17.919 -11.401 4.254   1.00 23.69 ? 1   THM A C4     1 
HETATM 14  O  O4     . THM A 1 1  ? -18.832 -10.583 4.198   1.00 26.98 ? 1   THM A O4     1 
HETATM 15  C  C5     . THM A 1 1  ? -16.664 -11.184 4.929   1.00 24.39 ? 1   THM A C5     1 
HETATM 16  C  C5M    . THM A 1 1  ? -16.417 -9.865  5.587   1.00 30.93 ? 1   THM A C5M    1 
HETATM 17  C  C6     . THM A 1 1  ? -15.780 -12.189 4.957   1.00 25.18 ? 1   THM A C6     1 
HETATM 18  D  "DO5'" . THM A 1 1  ? -14.173 -13.230 8.392   1.00 26.02 ? 1   THM A "DO5'" 1 
HETATM 19  H  "H5'1" . THM A 1 1  ? -14.610 -16.184 8.127   1.00 26.23 ? 1   THM A "H5'1" 1 
HETATM 20  H  "H5'2" . THM A 1 1  ? -13.048 -15.357 8.272   1.00 26.23 ? 1   THM A "H5'2" 1 
HETATM 21  H  "H4'"  . THM A 1 1  ? -13.483 -16.190 6.004   1.00 26.00 ? 1   THM A "H4'"  1 
HETATM 22  H  "H3'"  . THM A 1 1  ? -13.248 -13.180 6.269   1.00 25.98 ? 1   THM A "H3'"  1 
HETATM 23  H  "H2'1" . THM A 1 1  ? -13.395 -13.022 3.932   1.00 25.98 ? 1   THM A "H2'1" 1 
HETATM 24  H  "H2'2" . THM A 1 1  ? -12.931 -14.720 3.682   1.00 25.98 ? 1   THM A "H2'2" 1 
HETATM 25  H  "H1'"  . THM A 1 1  ? -15.125 -15.167 3.532   1.00 20.72 ? 1   THM A "H1'"  1 
HETATM 26  D  DN3    . THM A 1 1  ? -18.964 -12.826 3.182   1.00 21.82 ? 1   THM A DN3    1 
HETATM 27  H  HM51   . THM A 1 1  ? -16.924 -9.100  5.060   1.00 26.10 ? 1   THM A HM51   1 
HETATM 28  H  HM52   . THM A 1 1  ? -16.768 -9.899  6.586   1.00 26.10 ? 1   THM A HM52   1 
HETATM 29  H  HM53   . THM A 1 1  ? -15.381 -9.657  5.585   1.00 26.10 ? 1   THM A HM53   1 
HETATM 30  H  H6     . THM A 1 1  ? -14.837 -12.004 5.448   1.00 26.00 ? 1   THM A H6     1 
ATOM   31  P  P      . DC  A 1 2  ? -10.489 -13.472 5.637   1.00 22.97 ? 2   DC  A P      1 
ATOM   32  O  OP1    . DC  A 1 2  ? -9.275  -14.100 6.196   1.00 25.24 ? 2   DC  A OP1    1 
ATOM   33  O  OP2    . DC  A 1 2  ? -10.883 -12.097 6.045   1.00 24.20 ? 2   DC  A OP2    1 
ATOM   34  O  "O5'"  . DC  A 1 2  ? -10.317 -13.453 4.059   1.00 21.17 ? 2   DC  A "O5'"  1 
ATOM   35  C  "C5'"  . DC  A 1 2  ? -9.930  -14.615 3.324   1.00 18.67 ? 2   DC  A "C5'"  1 
ATOM   36  C  "C4'"  . DC  A 1 2  ? -9.789  -14.206 1.876   1.00 16.68 ? 2   DC  A "C4'"  1 
ATOM   37  O  "O4'"  . DC  A 1 2  ? -11.033 -13.675 1.372   1.00 17.41 ? 2   DC  A "O4'"  1 
ATOM   38  C  "C3'"  . DC  A 1 2  ? -8.749  -13.111 1.631   1.00 16.36 ? 2   DC  A "C3'"  1 
ATOM   39  O  "O3'"  . DC  A 1 2  ? -7.501  -13.787 1.444   1.00 17.59 ? 2   DC  A "O3'"  1 
ATOM   40  C  "C2'"  . DC  A 1 2  ? -9.283  -12.362 0.425   1.00 16.72 ? 2   DC  A "C2'"  1 
ATOM   41  C  "C1'"  . DC  A 1 2  ? -10.777 -12.654 0.408   1.00 16.36 ? 2   DC  A "C1'"  1 
ATOM   42  N  N1     . DC  A 1 2  ? -11.607 -11.505 0.763   1.00 16.40 ? 2   DC  A N1     1 
ATOM   43  C  C2     . DC  A 1 2  ? -12.628 -11.131 -0.102  1.00 16.21 ? 2   DC  A C2     1 
ATOM   44  O  O2     . DC  A 1 2  ? -12.721 -11.708 -1.202  1.00 17.30 ? 2   DC  A O2     1 
ATOM   45  N  N3     . DC  A 1 2  ? -13.437 -10.100 0.238   1.00 16.79 ? 2   DC  A N3     1 
ATOM   46  C  C4     . DC  A 1 2  ? -13.294 -9.500  1.423   1.00 17.98 ? 2   DC  A C4     1 
ATOM   47  N  N4     . DC  A 1 2  ? -14.134 -8.513  1.728   1.00 19.38 ? 2   DC  A N4     1 
ATOM   48  C  C5     . DC  A 1 2  ? -12.272 -9.876  2.334   1.00 18.57 ? 2   DC  A C5     1 
ATOM   49  C  C6     . DC  A 1 2  ? -11.458 -10.875 1.970   1.00 17.33 ? 2   DC  A C6     1 
ATOM   50  H  "H5'"  . DC  A 1 2  ? -10.687 -15.395 3.424   1.00 25.95 ? 2   DC  A "H5'"  1 
ATOM   51  H  "H5''" . DC  A 1 2  ? -8.980  -15.001 3.699   1.00 25.95 ? 2   DC  A "H5''" 1 
ATOM   52  H  "H4'"  . DC  A 1 2  ? -9.489  -15.090 1.302   1.00 16.71 ? 2   DC  A "H4'"  1 
ATOM   53  H  "H3'"  . DC  A 1 2  ? -8.697  -12.433 2.492   1.00 19.54 ? 2   DC  A "H3'"  1 
ATOM   54  H  "H2'"  . DC  A 1 2  ? -9.099  -11.293 0.537   1.00 16.81 ? 2   DC  A "H2'"  1 
ATOM   55  H  "H2''" . DC  A 1 2  ? -8.810  -12.717 -0.491  1.00 16.81 ? 2   DC  A "H2''" 1 
ATOM   56  H  "H1'"  . DC  A 1 2  ? -11.034 -13.024 -0.592  1.00 16.13 ? 2   DC  A "H1'"  1 
ATOM   57  D  D41    . DC  A 1 2  ? -14.036 -8.020  2.605   1.00 19.55 ? 2   DC  A D41    1 
ATOM   58  D  D42    . DC  A 1 2  ? -14.844 -8.227  1.070   1.00 19.55 ? 2   DC  A D42    1 
ATOM   59  H  H5     . DC  A 1 2  ? -12.159 -9.384  3.292   1.00 19.55 ? 2   DC  A H5     1 
ATOM   60  H  H6     . DC  A 1 2  ? -10.691 -11.211 2.657   1.00 19.54 ? 2   DC  A H6     1 
ATOM   61  P  P      . DG  A 1 3  ? -6.108  -13.041 1.293   1.00 18.11 ? 3   DG  A P      1 
ATOM   62  O  OP1    . DG  A 1 3  ? -5.052  -14.038 1.566   1.00 19.58 ? 3   DG  A OP1    1 
ATOM   63  O  OP2    . DG  A 1 3  ? -6.145  -11.754 2.043   1.00 18.37 ? 3   DG  A OP2    1 
ATOM   64  O  "O5'"  . DG  A 1 3  ? -6.032  -12.658 -0.251  1.00 17.55 ? 3   DG  A "O5'"  1 
ATOM   65  C  "C5'"  . DG  A 1 3  ? -5.844  -13.663 -1.255  1.00 16.55 ? 3   DG  A "C5'"  1 
ATOM   66  C  "C4'"  . DG  A 1 3  ? -6.109  -13.095 -2.625  1.00 16.79 ? 3   DG  A "C4'"  1 
ATOM   67  O  "O4'"  . DG  A 1 3  ? -7.488  -12.692 -2.697  1.00 16.37 ? 3   DG  A "O4'"  1 
ATOM   68  C  "C3'"  . DG  A 1 3  ? -5.306  -11.844 -2.943  1.00 17.11 ? 3   DG  A "C3'"  1 
ATOM   69  O  "O3'"  . DG  A 1 3  ? -4.137  -12.281 -3.647  1.00 19.97 ? 3   DG  A "O3'"  1 
ATOM   70  C  "C2'"  . DG  A 1 3  ? -6.222  -11.035 -3.843  1.00 16.79 ? 3   DG  A "C2'"  1 
ATOM   71  C  "C1'"  . DG  A 1 3  ? -7.621  -11.446 -3.388  1.00 15.68 ? 3   DG  A "C1'"  1 
ATOM   72  N  N9     . DG  A 1 3  ? -8.308  -10.516 -2.501  1.00 14.56 ? 3   DG  A N9     1 
ATOM   73  C  C8     . DG  A 1 3  ? -7.778  -9.883  -1.412  1.00 14.91 ? 3   DG  A C8     1 
ATOM   74  N  N7     . DG  A 1 3  ? -8.636  -9.110  -0.809  1.00 15.24 ? 3   DG  A N7     1 
ATOM   75  C  C5     . DG  A 1 3  ? -9.799  -9.230  -1.555  1.00 14.64 ? 3   DG  A C5     1 
ATOM   76  C  C6     . DG  A 1 3  ? -11.044 -8.569  -1.426  1.00 15.16 ? 3   DG  A C6     1 
ATOM   77  O  O6     . DG  A 1 3  ? -11.394 -7.756  -0.567  1.00 15.65 ? 3   DG  A O6     1 
ATOM   78  N  N1     . DG  A 1 3  ? -11.915 -8.906  -2.456  1.00 14.22 ? 3   DG  A N1     1 
ATOM   79  C  C2     . DG  A 1 3  ? -11.623 -9.758  -3.486  1.00 13.65 ? 3   DG  A C2     1 
ATOM   80  N  N2     . DG  A 1 3  ? -12.576 -9.935  -4.409  1.00 14.96 ? 3   DG  A N2     1 
ATOM   81  N  N3     . DG  A 1 3  ? -10.466 -10.379 -3.614  1.00 14.29 ? 3   DG  A N3     1 
ATOM   82  C  C4     . DG  A 1 3  ? -9.604  -10.068 -2.622  1.00 14.29 ? 3   DG  A C4     1 
ATOM   83  H  "H5'"  . DG  A 1 3  ? -6.522  -14.499 -1.068  1.00 17.04 ? 3   DG  A "H5'"  1 
ATOM   84  H  "H5''" . DG  A 1 3  ? -4.821  -14.042 -1.207  1.00 17.04 ? 3   DG  A "H5''" 1 
ATOM   85  H  "H4'"  . DG  A 1 3  ? -5.900  -13.866 -3.380  1.00 16.67 ? 3   DG  A "H4'"  1 
ATOM   86  H  "H3'"  . DG  A 1 3  ? -5.061  -11.281 -2.033  1.00 15.75 ? 3   DG  A "H3'"  1 
ATOM   87  H  "H2'"  . DG  A 1 3  ? -6.062  -9.964  -3.702  1.00 16.53 ? 3   DG  A "H2'"  1 
ATOM   88  H  "H2''" . DG  A 1 3  ? -6.063  -11.291 -4.892  1.00 16.53 ? 3   DG  A "H2''" 1 
ATOM   89  H  "H1'"  . DG  A 1 3  ? -8.228  -11.604 -4.291  1.00 15.13 ? 3   DG  A "H1'"  1 
ATOM   90  H  H8     . DG  A 1 3  ? -6.796  -10.116 -1.028  1.00 15.75 ? 3   DG  A H8     1 
ATOM   91  D  D1     . DG  A 1 3  ? -12.855 -8.467  -2.441  1.00 14.72 ? 3   DG  A D1     1 
ATOM   92  D  D21    . DG  A 1 3  ? -12.423 -10.584 -5.168  1.00 14.72 ? 3   DG  A D21    1 
ATOM   93  D  D22    . DG  A 1 3  ? -13.481 -9.502  -4.299  1.00 14.72 ? 3   DG  A D22    1 
ATOM   94  P  P      . DG  A 1 4  ? -2.730  -11.542 -3.531  1.00 23.13 ? 4   DG  A P      1 
ATOM   95  O  OP1    . DG  A 1 4  ? -1.734  -12.349 -4.286  1.00 26.89 ? 4   DG  A OP1    1 
ATOM   96  O  OP2    . DG  A 1 4  ? -2.567  -11.103 -2.184  1.00 23.45 ? 4   DG  A OP2    1 
ATOM   97  O  "O5'"  . DG  A 1 4  ? -2.928  -10.143 -4.234  1.00 20.25 ? 4   DG  A "O5'"  1 
ATOM   98  C  "C5'"  . DG  A 1 4  ? -3.101  -10.073 -5.645  1.00 20.51 ? 4   DG  A "C5'"  1 
ATOM   99  C  "C4'"  . DG  A 1 4  ? -3.226  -8.626  -6.044  1.00 18.39 ? 4   DG  A "C4'"  1 
ATOM   100 O  "O4'"  . DG  A 1 4  ? -4.411  -8.070  -5.437  1.00 17.65 ? 4   DG  A "O4'"  1 
ATOM   101 C  "C3'"  . DG  A 1 4  ? -2.076  -7.712  -5.618  1.00 19.29 ? 4   DG  A "C3'"  1 
ATOM   102 O  "O3'"  . DG  A 1 4  ? -1.974  -6.721  -6.630  1.00 20.62 ? 4   DG  A "O3'"  1 
ATOM   103 C  "C2'"  . DG  A 1 4  ? -2.602  -7.027  -4.379  1.00 19.02 ? 4   DG  A "C2'"  1 
ATOM   104 C  "C1'"  . DG  A 1 4  ? -4.082  -6.897  -4.713  1.00 17.39 ? 4   DG  A "C1'"  1 
ATOM   105 N  N9     . DG  A 1 4  ? -4.995  -6.791  -3.580  1.00 16.68 ? 4   DG  A N9     1 
ATOM   106 C  C8     . DG  A 1 4  ? -4.916  -7.431  -2.361  1.00 16.83 ? 4   DG  A C8     1 
ATOM   107 N  N7     . DG  A 1 4  ? -5.887  -7.111  -1.553  1.00 16.98 ? 4   DG  A N7     1 
ATOM   108 C  C5     . DG  A 1 4  ? -6.655  -6.210  -2.276  1.00 15.65 ? 4   DG  A C5     1 
ATOM   109 C  C6     . DG  A 1 4  ? -7.844  -5.538  -1.926  1.00 15.19 ? 4   DG  A C6     1 
ATOM   110 O  O6     . DG  A 1 4  ? -8.480  -5.608  -0.885  1.00 16.73 ? 4   DG  A O6     1 
ATOM   111 N  N1     . DG  A 1 4  ? -8.256  -4.662  -2.927  1.00 16.16 ? 4   DG  A N1     1 
ATOM   112 C  C2     . DG  A 1 4  ? -7.661  -4.539  -4.157  1.00 15.70 ? 4   DG  A C2     1 
ATOM   113 N  N2     . DG  A 1 4  ? -8.273  -3.709  -5.031  1.00 16.95 ? 4   DG  A N2     1 
ATOM   114 N  N3     . DG  A 1 4  ? -6.557  -5.174  -4.506  1.00 15.64 ? 4   DG  A N3     1 
ATOM   115 C  C4     . DG  A 1 4  ? -6.112  -5.994  -3.525  1.00 15.82 ? 4   DG  A C4     1 
ATOM   116 H  "H5'"  . DG  A 1 4  ? -4.000  -10.620 -5.938  1.00 20.85 ? 4   DG  A "H5'"  1 
ATOM   117 H  "H5''" . DG  A 1 4  ? -2.244  -10.523 -6.150  1.00 20.85 ? 4   DG  A "H5''" 1 
ATOM   118 H  "H4'"  . DG  A 1 4  ? -3.323  -8.582  -7.139  1.00 17.74 ? 4   DG  A "H4'"  1 
ATOM   119 H  "H3'"  . DG  A 1 4  ? -1.143  -8.263  -5.436  1.00 19.21 ? 4   DG  A "H3'"  1 
ATOM   120 H  "H2'"  . DG  A 1 4  ? -2.435  -7.647  -3.496  1.00 18.16 ? 4   DG  A "H2'"  1 
ATOM   121 H  "H2''" . DG  A 1 4  ? -2.152  -6.048  -4.223  1.00 18.16 ? 4   DG  A "H2''" 1 
ATOM   122 H  "H1'"  . DG  A 1 4  ? -4.200  -6.020  -5.362  1.00 17.17 ? 4   DG  A "H1'"  1 
ATOM   123 H  H8     . DG  A 1 4  ? -4.135  -8.130  -2.106  1.00 18.16 ? 4   DG  A H8     1 
ATOM   124 D  D1     . DG  A 1 4  ? -9.147  -4.157  -2.768  1.00 17.05 ? 4   DG  A D1     1 
ATOM   125 D  D21    . DG  A 1 4  ? -7.852  -3.551  -5.932  1.00 17.05 ? 4   DG  A D21    1 
ATOM   126 D  D22    . DG  A 1 4  ? -9.108  -3.208  -4.773  1.00 17.05 ? 4   DG  A D22    1 
ATOM   127 P  P      . DC  A 1 5  ? -0.723  -5.729  -6.752  1.00 23.49 ? 5   DC  A P      1 
ATOM   128 O  OP1    . DC  A 1 5  ? 0.126   -6.357  -7.721  1.00 24.86 ? 5   DC  A OP1    1 
ATOM   129 O  OP2    . DC  A 1 5  ? -0.192  -5.342  -5.418  1.00 27.81 ? 5   DC  A OP2    1 
ATOM   130 O  "O5'"  . DC  A 1 5  ? -1.391  -4.413  -7.327  1.00 20.14 ? 5   DC  A "O5'"  1 
ATOM   131 C  "C5'"  . DC  A 1 5  ? -2.048  -4.395  -8.625  1.00 18.24 ? 5   DC  A "C5'"  1 
ATOM   132 C  "C4'"  . DC  A 1 5  ? -2.973  -3.199  -8.648  1.00 19.59 ? 5   DC  A "C4'"  1 
ATOM   133 O  "O4'"  . DC  A 1 5  ? -4.043  -3.360  -7.696  1.00 19.27 ? 5   DC  A "O4'"  1 
ATOM   134 C  "C3'"  . DC  A 1 5  ? -2.314  -1.886  -8.264  1.00 19.69 ? 5   DC  A "C3'"  1 
ATOM   135 O  "O3'"  . DC  A 1 5  ? -1.834  -1.320  -9.480  1.00 18.28 ? 5   DC  A "O3'"  1 
ATOM   136 C  "C2'"  . DC  A 1 5  ? -3.454  -1.059  -7.704  1.00 22.77 ? 5   DC  A "C2'"  1 
ATOM   137 C  "C1'"  . DC  A 1 5  ? -4.363  -2.095  -7.107  1.00 21.71 ? 5   DC  A "C1'"  1 
ATOM   138 N  N1     . DC  A 1 5  ? -4.336  -2.288  -5.658  1.00 19.89 ? 5   DC  A N1     1 
ATOM   139 C  C2     . DC  A 1 5  ? -5.439  -1.855  -4.929  1.00 20.81 ? 5   DC  A C2     1 
ATOM   140 O  O2     . DC  A 1 5  ? -6.300  -1.165  -5.496  1.00 21.57 ? 5   DC  A O2     1 
ATOM   141 N  N3     . DC  A 1 5  ? -5.531  -2.178  -3.618  1.00 18.16 ? 5   DC  A N3     1 
ATOM   142 C  C4     . DC  A 1 5  ? -4.619  -2.973  -3.061  1.00 17.77 ? 5   DC  A C4     1 
ATOM   143 N  N4     . DC  A 1 5  ? -4.796  -3.335  -1.789  1.00 16.93 ? 5   DC  A N4     1 
ATOM   144 C  C5     . DC  A 1 5  ? -3.449  -3.382  -3.762  1.00 17.81 ? 5   DC  A C5     1 
ATOM   145 C  C6     . DC  A 1 5  ? -3.372  -3.059  -5.067  1.00 19.20 ? 5   DC  A C6     1 
ATOM   146 H  "H5'"  . DC  A 1 5  ? -2.618  -5.313  -8.776  1.00 18.51 ? 5   DC  A "H5'"  1 
ATOM   147 H  "H5''" . DC  A 1 5  ? -1.305  -4.311  -9.420  1.00 18.51 ? 5   DC  A "H5''" 1 
ATOM   148 H  "H4'"  . DC  A 1 5  ? -3.385  -3.103  -9.660  1.00 19.27 ? 5   DC  A "H4'"  1 
ATOM   149 H  "H3'"  . DC  A 1 5  ? -1.526  -2.025  -7.512  1.00 20.05 ? 5   DC  A "H3'"  1 
ATOM   150 H  "H2'"  . DC  A 1 5  ? -3.105  -0.358  -6.945  1.00 21.16 ? 5   DC  A "H2'"  1 
ATOM   151 H  "H2''" . DC  A 1 5  ? -3.970  -0.516  -8.496  1.00 21.16 ? 5   DC  A "H2''" 1 
ATOM   152 H  "H1'"  . DC  A 1 5  ? -5.380  -1.832  -7.422  1.00 21.68 ? 5   DC  A "H1'"  1 
ATOM   153 D  D41    . DC  A 1 5  ? -4.067  -3.846  -1.310  1.00 18.16 ? 5   DC  A D41    1 
ATOM   154 D  D42    . DC  A 1 5  ? -5.562  -2.947  -1.260  1.00 18.16 ? 5   DC  A D42    1 
ATOM   155 H  H5     . DC  A 1 5  ? -2.726  -4.044  -3.303  1.00 18.16 ? 5   DC  A H5     1 
ATOM   156 H  H6     . DC  A 1 5  ? -2.552  -3.443  -5.653  1.00 18.16 ? 5   DC  A H6     1 
ATOM   157 P  P      . DG  A 1 6  ? -0.609  -0.326  -9.497  1.00 20.06 ? 6   DG  A P      1 
ATOM   158 O  OP1    . DG  A 1 6  ? -0.273  -0.090  -10.893 1.00 24.47 ? 6   DG  A OP1    1 
ATOM   159 O  OP2    . DG  A 1 6  ? 0.407   -0.839  -8.592  1.00 25.18 ? 6   DG  A OP2    1 
ATOM   160 O  "O5'"  . DG  A 1 6  ? -1.175  0.966   -8.825  1.00 19.88 ? 6   DG  A "O5'"  1 
ATOM   161 C  "C5'"  . DG  A 1 6  ? -2.161  1.747   -9.466  1.00 20.04 ? 6   DG  A "C5'"  1 
ATOM   162 C  "C4'"  . DG  A 1 6  ? -2.337  2.989   -8.637  1.00 22.30 ? 6   DG  A "C4'"  1 
ATOM   163 O  "O4'"  . DG  A 1 6  ? -2.857  2.608   -7.345  1.00 24.07 ? 6   DG  A "O4'"  1 
ATOM   164 C  "C3'"  . DG  A 1 6  ? -1.036  3.745   -8.369  1.00 23.36 ? 6   DG  A "C3'"  1 
ATOM   165 O  "O3'"  . DG  A 1 6  ? -1.296  5.143   -8.540  1.00 25.31 ? 6   DG  A "O3'"  1 
ATOM   166 C  "C2'"  . DG  A 1 6  ? -0.637  3.314   -6.965  1.00 21.29 ? 6   DG  A "C2'"  1 
ATOM   167 C  "C1'"  . DG  A 1 6  ? -1.961  2.985   -6.300  1.00 20.30 ? 6   DG  A "C1'"  1 
ATOM   168 N  N9     . DG  A 1 6  ? -1.924  1.889   -5.325  1.00 19.24 ? 6   DG  A N9     1 
ATOM   169 C  C8     . DG  A 1 6  ? -1.175  0.741   -5.366  1.00 18.99 ? 6   DG  A C8     1 
ATOM   170 N  N7     . DG  A 1 6  ? -1.394  -0.052  -4.351  1.00 17.58 ? 6   DG  A N7     1 
ATOM   171 C  C5     . DG  A 1 6  ? -2.366  0.598   -3.606  1.00 16.87 ? 6   DG  A C5     1 
ATOM   172 C  C6     . DG  A 1 6  ? -2.978  0.240   -2.361  1.00 15.94 ? 6   DG  A C6     1 
ATOM   173 O  O6     . DG  A 1 6  ? -2.762  -0.751  -1.643  1.00 15.94 ? 6   DG  A O6     1 
ATOM   174 N  N1     . DG  A 1 6  ? -3.880  1.214   -1.940  1.00 18.57 ? 6   DG  A N1     1 
ATOM   175 C  C2     . DG  A 1 6  ? -4.150  2.385   -2.616  1.00 20.93 ? 6   DG  A C2     1 
ATOM   176 N  N2     . DG  A 1 6  ? -5.046  3.201   -2.051  1.00 24.76 ? 6   DG  A N2     1 
ATOM   177 N  N3     . DG  A 1 6  ? -3.580  2.732   -3.757  1.00 20.77 ? 6   DG  A N3     1 
ATOM   178 C  C4     . DG  A 1 6  ? -2.699  1.804   -4.189  1.00 17.90 ? 6   DG  A C4     1 
ATOM   179 H  "H5'"  . DG  A 1 6  ? -3.103  1.201   -9.535  1.00 21.16 ? 6   DG  A "H5'"  1 
ATOM   180 H  "H5''" . DG  A 1 6  ? -1.839  2.012   -10.474 1.00 21.16 ? 6   DG  A "H5''" 1 
ATOM   181 H  "H4'"  . DG  A 1 6  ? -3.045  3.656   -9.147  1.00 22.67 ? 6   DG  A "H4'"  1 
ATOM   182 H  "H3'"  . DG  A 1 6  ? -0.266  3.414   -9.082  1.00 25.12 ? 6   DG  A "H3'"  1 
ATOM   183 H  "H2'"  . DG  A 1 6  ? 0.025   2.449   -7.009  1.00 20.36 ? 6   DG  A "H2'"  1 
ATOM   184 H  "H2''" . DG  A 1 6  ? -0.129  4.115   -6.430  1.00 20.36 ? 6   DG  A "H2''" 1 
ATOM   185 H  "H1'"  . DG  A 1 6  ? -2.334  3.897   -5.817  1.00 20.74 ? 6   DG  A "H1'"  1 
ATOM   186 H  H8     . DG  A 1 6  ? -0.484  0.500   -6.163  1.00 20.36 ? 6   DG  A H8     1 
ATOM   187 D  D1     . DG  A 1 6  ? -4.376  1.041   -1.045  1.00 26.81 ? 6   DG  A D1     1 
ATOM   188 D  D21    . DG  A 1 6  ? -5.292  4.069   -2.508  1.00 26.84 ? 6   DG  A D21    1 
ATOM   189 D  D22    . DG  A 1 6  ? -5.496  2.951   -1.185  1.00 26.84 ? 6   DG  A D22    1 
ATOM   190 P  P      . DC  A 1 7  ? -0.162  6.234   -8.307  1.00 27.89 ? 7   DC  A P      1 
ATOM   191 O  OP1    . DC  A 1 7  ? -0.439  7.380   -9.200  1.00 36.58 ? 7   DC  A OP1    1 
ATOM   192 O  OP2    . DC  A 1 7  ? 1.163   5.602   -8.337  1.00 26.70 ? 7   DC  A OP2    1 
ATOM   193 O  "O5'"  . DC  A 1 7  ? -0.443  6.673   -6.802  1.00 24.94 ? 7   DC  A "O5'"  1 
ATOM   194 C  "C5'"  . DC  A 1 7  ? -1.693  7.286   -6.435  1.00 23.20 ? 7   DC  A "C5'"  1 
ATOM   195 C  "C4'"  . DC  A 1 7  ? -1.763  7.413   -4.929  1.00 21.53 ? 7   DC  A "C4'"  1 
ATOM   196 O  "O4'"  . DC  A 1 7  ? -1.909  6.104   -4.372  1.00 20.94 ? 7   DC  A "O4'"  1 
ATOM   197 C  "C3'"  . DC  A 1 7  ? -0.523  7.957   -4.225  1.00 20.26 ? 7   DC  A "C3'"  1 
ATOM   198 O  "O3'"  . DC  A 1 7  ? -0.537  9.402   -4.265  1.00 21.71 ? 7   DC  A "O3'"  1 
ATOM   199 C  "C2'"  . DC  A 1 7  ? -0.699  7.415   -2.806  1.00 18.47 ? 7   DC  A "C2'"  1 
ATOM   200 C  "C1'"  . DC  A 1 7  ? -1.530  6.151   -2.993  1.00 18.59 ? 7   DC  A "C1'"  1 
ATOM   201 N  N1     . DC  A 1 7  ? -0.877  4.863   -2.692  1.00 17.90 ? 7   DC  A N1     1 
ATOM   202 C  C2     . DC  A 1 7  ? -1.340  4.077   -1.634  1.00 17.06 ? 7   DC  A C2     1 
ATOM   203 O  O2     . DC  A 1 7  ? -2.208  4.538   -0.869  1.00 18.81 ? 7   DC  A O2     1 
ATOM   204 N  N3     . DC  A 1 7  ? -0.788  2.860   -1.426  1.00 17.30 ? 7   DC  A N3     1 
ATOM   205 C  C4     . DC  A 1 7  ? 0.185   2.424   -2.228  1.00 17.98 ? 7   DC  A C4     1 
ATOM   206 N  N4     . DC  A 1 7  ? 0.713   1.228   -1.969  1.00 18.17 ? 7   DC  A N4     1 
ATOM   207 C  C5     . DC  A 1 7  ? 0.654   3.193   -3.333  1.00 18.84 ? 7   DC  A C5     1 
ATOM   208 C  C6     . DC  A 1 7  ? 0.106   4.398   -3.522  1.00 18.96 ? 7   DC  A C6     1 
ATOM   209 H  "H5'"  . DC  A 1 7  ? -2.527  6.679   -6.791  1.00 25.05 ? 7   DC  A "H5'"  1 
ATOM   210 H  "H5''" . DC  A 1 7  ? -1.769  8.274   -6.893  1.00 25.05 ? 7   DC  A "H5''" 1 
ATOM   211 H  "H4'"  . DC  A 1 7  ? -2.628  8.035   -4.661  1.00 21.72 ? 7   DC  A "H4'"  1 
ATOM   212 H  "H3'"  . DC  A 1 7  ? 0.391   7.538   -4.667  1.00 20.93 ? 7   DC  A "H3'"  1 
ATOM   213 H  "H2'"  . DC  A 1 7  ? 0.268   7.180   -2.358  1.00 18.46 ? 7   DC  A "H2'"  1 
ATOM   214 H  "H2''" . DC  A 1 7  ? -1.225  8.137   -2.178  1.00 18.46 ? 7   DC  A "H2''" 1 
ATOM   215 H  "H1'"  . DC  A 1 7  ? -2.445  6.261   -2.399  1.00 19.22 ? 7   DC  A "H1'"  1 
ATOM   216 D  D41    . DC  A 1 7  ? 1.443   0.861   -2.562  1.00 20.36 ? 7   DC  A D41    1 
ATOM   217 D  D42    . DC  A 1 7  ? 0.387   0.687   -1.183  1.00 20.36 ? 7   DC  A D42    1 
ATOM   218 H  H5     . DC  A 1 7  ? 1.433   2.820   -3.986  1.00 20.36 ? 7   DC  A H5     1 
ATOM   219 H  H6     . DC  A 1 7  ? 0.416   4.994   -4.370  1.00 20.36 ? 7   DC  A H6     1 
ATOM   220 P  P      . DC  A 1 8  ? 0.783   10.225  -4.498  1.00 22.96 ? 8   DC  A P      1 
ATOM   221 O  OP1    . DC  A 1 8  ? 0.390   11.635  -4.645  1.00 25.70 ? 8   DC  A OP1    1 
ATOM   222 O  OP2    . DC  A 1 8  ? 1.593   9.565   -5.548  1.00 27.78 ? 8   DC  A OP2    1 
ATOM   223 O  "O5'"  . DC  A 1 8  ? 1.624   10.077  -3.153  1.00 20.76 ? 8   DC  A "O5'"  1 
ATOM   224 C  "C5'"  . DC  A 1 8  ? 1.168   10.635  -1.908  1.00 20.37 ? 8   DC  A "C5'"  1 
ATOM   225 C  "C4'"  . DC  A 1 8  ? 2.144   10.239  -0.828  1.00 18.82 ? 8   DC  A "C4'"  1 
ATOM   226 O  "O4'"  . DC  A 1 8  ? 2.111   8.812   -0.705  1.00 18.81 ? 8   DC  A "O4'"  1 
ATOM   227 C  "C3'"  . DC  A 1 8  ? 3.610   10.585  -1.103  1.00 19.68 ? 8   DC  A "C3'"  1 
ATOM   228 O  "O3'"  . DC  A 1 8  ? 3.886   11.739  -0.295  1.00 22.07 ? 8   DC  A "O3'"  1 
ATOM   229 C  "C2'"  . DC  A 1 8  ? 4.392   9.335   -0.702  1.00 19.55 ? 8   DC  A "C2'"  1 
ATOM   230 C  "C1'"  . DC  A 1 8  ? 3.344   8.374   -0.163  1.00 18.16 ? 8   DC  A "C1'"  1 
ATOM   231 N  N1     . DC  A 1 8  ? 3.504   6.982   -0.556  1.00 16.44 ? 8   DC  A N1     1 
ATOM   232 C  C2     . DC  A 1 8  ? 3.627   5.987   0.417   1.00 15.67 ? 8   DC  A C2     1 
ATOM   233 O  O2     . DC  A 1 8  ? 3.692   6.313   1.618   1.00 16.01 ? 8   DC  A O2     1 
ATOM   234 N  N3     . DC  A 1 8  ? 3.698   4.696   0.026   1.00 15.60 ? 8   DC  A N3     1 
ATOM   235 C  C4     . DC  A 1 8  ? 3.631   4.385   -1.266  1.00 16.07 ? 8   DC  A C4     1 
ATOM   236 N  N4     . DC  A 1 8  ? 3.690   3.095   -1.592  1.00 17.03 ? 8   DC  A N4     1 
ATOM   237 C  C5     . DC  A 1 8  ? 3.544   5.381   -2.275  1.00 17.39 ? 8   DC  A C5     1 
ATOM   238 C  C6     . DC  A 1 8  ? 3.475   6.653   -1.880  1.00 17.49 ? 8   DC  A C6     1 
ATOM   239 H  "H5'"  . DC  A 1 8  ? 0.172   10.255  -1.671  1.00 20.71 ? 8   DC  A "H5'"  1 
ATOM   240 H  "H5''" . DC  A 1 8  ? 1.115   11.724  -1.984  1.00 20.71 ? 8   DC  A "H5''" 1 
ATOM   241 H  "H4'"  . DC  A 1 8  ? 1.834   10.703  0.120   1.00 17.69 ? 8   DC  A "H4'"  1 
ATOM   242 H  "H3'"  . DC  A 1 8  ? 3.758   10.796  -2.171  1.00 19.56 ? 8   DC  A "H3'"  1 
ATOM   243 H  "H2'"  . DC  A 1 8  ? 4.913   8.915   -1.564  1.00 18.28 ? 8   DC  A "H2'"  1 
ATOM   244 H  "H2''" . DC  A 1 8  ? 5.121   9.576   0.071   1.00 18.28 ? 8   DC  A "H2''" 1 
ATOM   245 H  "H1'"  . DC  A 1 8  ? 3.315   8.480   0.931   1.00 18.09 ? 8   DC  A "H1'"  1 
ATOM   246 D  D41    . DC  A 1 8  ? 3.678   2.821   -2.565  1.00 18.28 ? 8   DC  A D41    1 
ATOM   247 D  D42    . DC  A 1 8  ? 3.805   2.393   -0.875  1.00 18.28 ? 8   DC  A D42    1 
ATOM   248 H  H5     . DC  A 1 8  ? 3.473   5.114   -3.321  1.00 18.28 ? 8   DC  A H5     1 
ATOM   249 H  H6     . DC  A 1 8  ? 3.342   7.436   -2.614  1.00 18.28 ? 8   DC  A H6     1 
ATOM   250 P  P      . DG  A 1 9  ? 5.158   12.683  -0.557  1.00 26.35 ? 9   DG  A P      1 
ATOM   251 O  OP1    . DG  A 1 9  ? 4.880   14.001  0.061   1.00 33.60 ? 9   DG  A OP1    1 
ATOM   252 O  OP2    . DG  A 1 9  ? 5.533   12.572  -1.978  1.00 29.69 ? 9   DG  A OP2    1 
ATOM   253 O  "O5'"  . DG  A 1 9  ? 6.309   11.968  0.264   1.00 22.34 ? 9   DG  A "O5'"  1 
ATOM   254 C  "C5'"  . DG  A 1 9  ? 6.219   11.926  1.682   1.00 21.85 ? 9   DG  A "C5'"  1 
ATOM   255 C  "C4'"  . DG  A 1 9  ? 7.292   11.000  2.183   1.00 23.80 ? 9   DG  A "C4'"  1 
ATOM   256 O  "O4'"  . DG  A 1 9  ? 7.002   9.681   1.673   1.00 20.83 ? 9   DG  A "O4'"  1 
ATOM   257 C  "C3'"  . DG  A 1 9  ? 8.688   11.342  1.658   1.00 27.67 ? 9   DG  A "C3'"  1 
ATOM   258 O  "O3'"  . DG  A 1 9  ? 9.622   10.995  2.680   1.00 36.73 ? 9   DG  A "O3'"  1 
ATOM   259 C  "C2'"  . DG  A 1 9  ? 8.856   10.407  0.473   1.00 23.95 ? 9   DG  A "C2'"  1 
ATOM   260 C  "C1'"  . DG  A 1 9  ? 8.154   9.191   1.019   1.00 22.01 ? 9   DG  A "C1'"  1 
ATOM   261 N  N9     . DG  A 1 9  ? 7.760   8.152   0.078   1.00 19.69 ? 9   DG  A N9     1 
ATOM   262 C  C8     . DG  A 1 9  ? 7.738   8.209   -1.295  1.00 19.57 ? 9   DG  A C8     1 
ATOM   263 N  N7     . DG  A 1 9  ? 7.396   7.075   -1.849  1.00 20.06 ? 9   DG  A N7     1 
ATOM   264 C  C5     . DG  A 1 9  ? 7.235   6.206   -0.777  1.00 19.35 ? 9   DG  A C5     1 
ATOM   265 C  C6     . DG  A 1 9  ? 6.953   4.813   -0.747  1.00 17.94 ? 9   DG  A C6     1 
ATOM   266 O  O6     . DG  A 1 9  ? 6.736   4.044   -1.685  1.00 19.50 ? 9   DG  A O6     1 
ATOM   267 N  N1     . DG  A 1 9  ? 6.899   4.331   0.555   1.00 16.93 ? 9   DG  A N1     1 
ATOM   268 C  C2     . DG  A 1 9  ? 7.111   5.082   1.683   1.00 17.23 ? 9   DG  A C2     1 
ATOM   269 N  N2     . DG  A 1 9  ? 7.015   4.440   2.842   1.00 16.94 ? 9   DG  A N2     1 
ATOM   270 N  N3     . DG  A 1 9  ? 7.441   6.355   1.668   1.00 17.46 ? 9   DG  A N3     1 
ATOM   271 C  C4     . DG  A 1 9  ? 7.490   6.851   0.416   1.00 18.80 ? 9   DG  A C4     1 
ATOM   272 H  "H5'"  . DG  A 1 9  ? 5.240   11.552  1.978   1.00 21.89 ? 9   DG  A "H5'"  1 
ATOM   273 H  "H5''" . DG  A 1 9  ? 6.355   12.926  2.100   1.00 21.89 ? 9   DG  A "H5''" 1 
ATOM   274 H  "H4'"  . DG  A 1 9  ? 7.297   11.000  3.282   1.00 22.99 ? 9   DG  A "H4'"  1 
ATOM   275 H  "H3'"  . DG  A 1 9  ? 8.755   12.395  1.350   1.00 28.21 ? 9   DG  A "H3'"  1 
ATOM   276 H  "H2'"  . DG  A 1 9  ? 8.376   10.800  -0.423  1.00 24.35 ? 9   DG  A "H2'"  1 
ATOM   277 H  "H2''" . DG  A 1 9  ? 9.910   10.203  0.274   1.00 24.35 ? 9   DG  A "H2''" 1 
ATOM   278 H  "H1'"  . DG  A 1 9  ? 8.817   8.736   1.769   1.00 22.08 ? 9   DG  A "H1'"  1 
ATOM   279 H  H8     . DG  A 1 9  ? 7.929   9.106   -1.859  1.00 24.34 ? 9   DG  A H8     1 
ATOM   280 D  D1     . DG  A 1 9  ? 6.644   3.333   0.676   1.00 17.28 ? 9   DG  A D1     1 
ATOM   281 D  D21    . DG  A 1 9  ? 7.193   4.947   3.690   1.00 17.28 ? 9   DG  A D21    1 
ATOM   282 D  D22    . DG  A 1 9  ? 6.789   3.460   2.881   1.00 17.28 ? 9   DG  A D22    1 
ATOM   283 P  P      . DA  A 1 10 ? 10.577  12.093  3.309   1.00 56.37 ? 10  DA  A P      1 
ATOM   284 O  OP1    . DA  A 1 10 ? 11.389  12.691  2.228   1.00 73.73 ? 10  DA  A OP1    1 
ATOM   285 O  OP2    . DA  A 1 10 ? 11.203  11.510  4.529   1.00 75.29 ? 10  DA  A OP2    1 
ATOM   286 O  "O5'"  . DA  A 1 10 ? 9.587   13.246  3.761   1.00 51.39 ? 10  DA  A "O5'"  1 
ATOM   287 C  "C5'"  . DA  A 1 10 ? 9.232   13.305  5.132   1.00 46.07 ? 10  DA  A "C5'"  1 
ATOM   288 C  "C4'"  . DA  A 1 10 ? 8.108   14.285  5.325   1.00 30.94 ? 10  DA  A "C4'"  1 
ATOM   289 O  "O4'"  . DA  A 1 10 ? 6.947   13.798  4.605   1.00 29.15 ? 10  DA  A "O4'"  1 
ATOM   290 C  "C3'"  . DA  A 1 10 ? 7.703   14.406  6.791   1.00 31.75 ? 10  DA  A "C3'"  1 
ATOM   291 O  "O3'"  . DA  A 1 10 ? 7.433   15.768  7.117   1.00 40.89 ? 10  DA  A "O3'"  1 
ATOM   292 C  "C2'"  . DA  A 1 10 ? 6.468   13.528  6.893   1.00 31.54 ? 10  DA  A "C2'"  1 
ATOM   293 C  "C1'"  . DA  A 1 10 ? 5.850   13.667  5.503   1.00 28.96 ? 10  DA  A "C1'"  1 
ATOM   294 N  N9     . DA  A 1 10 ? 4.992   12.573  5.021   1.00 24.15 ? 10  DA  A N9     1 
ATOM   295 C  C8     . DA  A 1 10 ? 5.075   11.225  5.268   1.00 24.47 ? 10  DA  A C8     1 
ATOM   296 N  N7     . DA  A 1 10 ? 4.146   10.521  4.669   1.00 21.44 ? 10  DA  A N7     1 
ATOM   297 C  C5     . DA  A 1 10 ? 3.400   11.466  3.981   1.00 20.28 ? 10  DA  A C5     1 
ATOM   298 C  C6     . DA  A 1 10 ? 2.281   11.361  3.133   1.00 19.83 ? 10  DA  A C6     1 
ATOM   299 N  N6     . DA  A 1 10 ? 1.660   10.214  2.851   1.00 17.82 ? 10  DA  A N6     1 
ATOM   300 N  N1     . DA  A 1 10 ? 1.777   12.501  2.615   1.00 20.57 ? 10  DA  A N1     1 
ATOM   301 C  C2     . DA  A 1 10 ? 2.378   13.667  2.917   1.00 22.89 ? 10  DA  A C2     1 
ATOM   302 N  N3     . DA  A 1 10 ? 3.436   13.890  3.696   1.00 24.31 ? 10  DA  A N3     1 
ATOM   303 C  C4     . DA  A 1 10 ? 3.897   12.739  4.211   1.00 20.98 ? 10  DA  A C4     1 
ATOM   304 H  "H5'"  . DA  A 1 10 ? 10.097  13.607  5.725   1.00 43.85 ? 10  DA  A "H5'"  1 
ATOM   305 H  "H5''" . DA  A 1 10 ? 8.912   12.318  5.476   1.00 43.85 ? 10  DA  A "H5''" 1 
ATOM   306 H  "H4'"  . DA  A 1 10 ? 8.412   15.270  4.943   1.00 30.99 ? 10  DA  A "H4'"  1 
ATOM   307 H  "H3'"  . DA  A 1 10 ? 8.496   14.001  7.434   1.00 43.81 ? 10  DA  A "H3'"  1 
ATOM   308 D  "DO3'" . DA  A 1 10 ? 7.131   15.977  8.012   1.00 47.01 ? 10  DA  A "DO3'" 1 
ATOM   309 H  "H2'"  . DA  A 1 10 ? 6.746   12.496  7.112   1.00 33.44 ? 10  DA  A "H2'"  1 
ATOM   310 H  "H2''" . DA  A 1 10 ? 5.788   13.898  7.664   1.00 33.44 ? 10  DA  A "H2''" 1 
ATOM   311 H  "H1'"  . DA  A 1 10 ? 5.273   14.602  5.494   1.00 30.52 ? 10  DA  A "H1'"  1 
ATOM   312 H  H8     . DA  A 1 10 ? 5.836   10.782  5.897   1.00 33.41 ? 10  DA  A H8     1 
ATOM   313 D  D61    . DA  A 1 10 ? 2.012   9.346   3.228   1.00 17.59 ? 10  DA  A D61    1 
ATOM   314 D  D62    . DA  A 1 10 ? 0.854   10.207  2.245   1.00 17.59 ? 10  DA  A D62    1 
ATOM   315 H  H2     . DA  A 1 10 ? 1.936   14.548  2.469   1.00 23.95 ? 10  DA  A H2     1 
HETATM 316 BA BA     . BA  B 2 .  ? -7.268  -7.311  1.123   1.00 16.47 ? 101 BA  A BA     1 
HETATM 317 RU RU     . RKL C 3 .  ? 10.471  2.999   5.487   1.00 15.51 ? 102 RKL A RU     1 
HETATM 318 C  C1     . RKL C 3 .  ? 10.286  3.625   2.728   1.00 15.72 ? 102 RKL A C1     1 
HETATM 319 N  N1     . RKL C 3 .  ? 10.995  4.855   4.679   1.00 15.74 ? 102 RKL A N1     1 
HETATM 320 C  C2     . RKL C 3 .  ? 9.605   1.412   2.948   1.00 17.01 ? 102 RKL A C2     1 
HETATM 321 N  N2     . RKL C 3 .  ? 9.955   2.579   3.512   1.00 15.75 ? 102 RKL A N2     1 
HETATM 322 C  C3     . RKL C 3 .  ? 9.444   1.300   1.569   1.00 16.67 ? 102 RKL A C3     1 
HETATM 323 N  N3     . RKL C 3 .  ? 10.204  4.661   -0.841  1.00 18.62 ? 102 RKL A N3     1 
HETATM 324 C  C4     . RKL C 3 .  ? 9.670   2.408   0.769   1.00 17.03 ? 102 RKL A C4     1 
HETATM 325 N  N4     . RKL C 3 .  ? 11.002  7.069   0.409   1.00 19.33 ? 102 RKL A N4     1 
HETATM 326 C  C5     . RKL C 3 .  ? 10.115  3.589   1.324   1.00 16.89 ? 102 RKL A C5     1 
HETATM 327 N  N5     . RKL C 3 .  ? 12.379  2.365   5.214   1.00 14.69 ? 102 RKL A N5     1 
HETATM 328 C  C6     . RKL C 3 .  ? 10.386  4.743   0.520   1.00 17.41 ? 102 RKL A C6     1 
HETATM 329 N  N6     . RKL C 3 .  ? 15.023  1.359   5.419   1.00 15.13 ? 102 RKL A N6     1 
HETATM 330 C  C7     . RKL C 3 .  ? 10.800  5.947   1.137   1.00 17.38 ? 102 RKL A C7     1 
HETATM 331 N  N7     . RKL C 3 .  ? 12.608  3.711   9.775   1.00 14.90 ? 102 RKL A N7     1 
HETATM 332 C  C8     . RKL C 3 .  ? 10.960  6.000   2.563   1.00 16.70 ? 102 RKL A C8     1 
HETATM 333 N  N8     . RKL C 3 .  ? 11.121  3.444   7.429   1.00 14.99 ? 102 RKL A N8     1 
HETATM 334 C  C9     . RKL C 3 .  ? 11.366  7.164   3.180   1.00 17.21 ? 102 RKL A C9     1 
HETATM 335 N  N9     . RKL C 3 .  ? 8.554   3.586   5.865   1.00 16.50 ? 102 RKL A N9     1 
HETATM 336 C  C10    . RKL C 3 .  ? 10.709  4.846   3.338   1.00 16.09 ? 102 RKL A C10    1 
HETATM 337 N  N10    . RKL C 3 .  ? 5.890   3.886   6.659   1.00 19.06 ? 102 RKL A N10    1 
HETATM 338 C  C11    . RKL C 3 .  ? 11.556  7.161   4.557   1.00 17.96 ? 102 RKL A C11    1 
HETATM 339 N  N11    . RKL C 3 .  ? 8.389   -1.000  7.118   1.00 18.78 ? 102 RKL A N11    1 
HETATM 340 C  C12    . RKL C 3 .  ? 11.309  5.997   5.284   1.00 16.15 ? 102 RKL A C12    1 
HETATM 341 N  N12    . RKL C 3 .  ? 9.836   1.164   6.229   1.00 17.23 ? 102 RKL A N12    1 
HETATM 342 C  C13    . RKL C 3 .  ? 10.841  6.989   -0.939  1.00 19.16 ? 102 RKL A C13    1 
HETATM 343 C  C14    . RKL C 3 .  ? 11.078  8.132   -1.712  1.00 21.96 ? 102 RKL A C14    1 
HETATM 344 C  C15    . RKL C 3 .  ? 10.431  5.789   -1.560  1.00 20.05 ? 102 RKL A C15    1 
HETATM 345 C  C16    . RKL C 3 .  ? 10.270  5.753   -2.956  1.00 21.82 ? 102 RKL A C16    1 
HETATM 346 C  C17    . RKL C 3 .  ? 10.517  6.898   -3.707  1.00 22.34 ? 102 RKL A C17    1 
HETATM 347 C  C18    . RKL C 3 .  ? 10.926  8.079   -3.107  1.00 23.88 ? 102 RKL A C18    1 
HETATM 348 C  C19    . RKL C 3 .  ? 13.091  2.414   6.413   1.00 14.36 ? 102 RKL A C19    1 
HETATM 349 C  C20    . RKL C 3 .  ? 12.992  1.742   4.215   1.00 15.53 ? 102 RKL A C20    1 
HETATM 350 C  C21    . RKL C 3 .  ? 14.325  1.271   4.288   1.00 15.41 ? 102 RKL A C21    1 
HETATM 351 C  C22    . RKL C 3 .  ? 14.425  1.941   6.485   1.00 14.79 ? 102 RKL A C22    1 
HETATM 352 C  C23    . RKL C 3 .  ? 15.106  2.052   7.714   1.00 14.72 ? 102 RKL A C23    1 
HETATM 353 C  C24    . RKL C 3 .  ? 14.509  2.656   8.786   1.00 15.09 ? 102 RKL A C24    1 
HETATM 354 C  C25    . RKL C 3 .  ? 13.189  3.108   8.728   1.00 14.00 ? 102 RKL A C25    1 
HETATM 355 C  C26    . RKL C 3 .  ? 12.465  3.019   7.517   1.00 14.75 ? 102 RKL A C26    1 
HETATM 356 C  C27    . RKL C 3 .  ? 11.366  4.169   9.676   1.00 15.30 ? 102 RKL A C27    1 
HETATM 357 C  C28    . RKL C 3 .  ? 10.631  4.047   8.472   1.00 15.55 ? 102 RKL A C28    1 
HETATM 358 C  C29    . RKL C 3 .  ? 7.828   2.536   6.403   1.00 16.23 ? 102 RKL A C29    1 
HETATM 359 C  C30    . RKL C 3 .  ? 7.929   4.793   5.931   1.00 17.76 ? 102 RKL A C30    1 
HETATM 360 C  C31    . RKL C 3 .  ? 6.594   4.900   6.267   1.00 18.58 ? 102 RKL A C31    1 
HETATM 361 C  C32    . RKL C 3 .  ? 6.432   2.665   6.754   1.00 17.90 ? 102 RKL A C32    1 
HETATM 362 C  C33    . RKL C 3 .  ? 5.747   1.550   7.205   1.00 18.99 ? 102 RKL A C33    1 
HETATM 363 C  C34    . RKL C 3 .  ? 6.362   0.316   7.317   1.00 18.89 ? 102 RKL A C34    1 
HETATM 364 C  C35    . RKL C 3 .  ? 7.745   0.185   7.000   1.00 17.74 ? 102 RKL A C35    1 
HETATM 365 C  C36    . RKL C 3 .  ? 8.469   1.292   6.507   1.00 15.74 ? 102 RKL A C36    1 
HETATM 366 C  C37    . RKL C 3 .  ? 9.663   -1.114  6.725   1.00 17.71 ? 102 RKL A C37    1 
HETATM 367 C  C38    . RKL C 3 .  ? 10.396  -0.016  6.217   1.00 17.02 ? 102 RKL A C38    1 
HETATM 368 H  H2     . RKL C 3 .  ? 9.452   0.540   3.572   1.00 17.00 ? 102 RKL A H2     1 
HETATM 369 H  H3     . RKL C 3 .  ? 9.107   0.371   1.128   1.00 17.00 ? 102 RKL A H3     1 
HETATM 370 H  H4     . RKL C 3 .  ? 9.527   2.324   -0.300  1.00 17.00 ? 102 RKL A H4     1 
HETATM 371 H  H9     . RKL C 3 .  ? 11.601  8.051   2.606   1.00 16.96 ? 102 RKL A H9     1 
HETATM 372 H  H11    . RKL C 3 .  ? 11.896  8.055   5.062   1.00 16.96 ? 102 RKL A H11    1 
HETATM 373 H  H12    . RKL C 3 .  ? 11.432  6.006   6.358   1.00 16.96 ? 102 RKL A H12    1 
HETATM 374 H  H14    . RKL C 3 .  ? 11.439  9.038   -1.241  1.00 24.15 ? 102 RKL A H14    1 
HETATM 375 H  H16    . RKL C 3 .  ? 9.913   4.851   -3.439  1.00 24.15 ? 102 RKL A H16    1 
HETATM 376 H  H17    . RKL C 3 .  ? 10.363  6.873   -4.778  1.00 24.15 ? 102 RKL A H17    1 
HETATM 377 H  H18    . RKL C 3 .  ? 11.119  8.957   -3.709  1.00 24.15 ? 102 RKL A H18    1 
HETATM 378 H  H20    . RKL C 3 .  ? 12.451  1.624   3.290   1.00 15.43 ? 102 RKL A H20    1 
HETATM 379 H  H21    . RKL C 3 .  ? 14.765  0.799   3.421   1.00 15.43 ? 102 RKL A H21    1 
HETATM 380 H  H23    . RKL C 3 .  ? 16.136  1.726   7.788   1.00 15.19 ? 102 RKL A H23    1 
HETATM 381 H  H24    . RKL C 3 .  ? 15.052  2.757   9.710   1.00 15.19 ? 102 RKL A H24    1 
HETATM 382 H  H27    . RKL C 3 .  ? 10.887  4.600   10.545  1.00 15.32 ? 102 RKL A H27    1 
HETATM 383 H  H28    . RKL C 3 .  ? 9.606   4.388   8.444   1.00 15.32 ? 102 RKL A H28    1 
HETATM 384 H  H30    . RKL C 3 .  ? 8.431   5.651   5.517   1.00 17.27 ? 102 RKL A H30    1 
HETATM 385 H  H31    . RKL C 3 .  ? 6.101   5.849   6.143   1.00 17.27 ? 102 RKL A H31    1 
HETATM 386 H  H33    . RKL C 3 .  ? 4.720   1.654   7.511   1.00 19.39 ? 102 RKL A H33    1 
HETATM 387 H  H34    . RKL C 3 .  ? 5.814   -0.528  7.698   1.00 19.39 ? 102 RKL A H34    1 
HETATM 388 H  H37    . RKL C 3 .  ? 10.153  -2.077  6.804   1.00 17.92 ? 102 RKL A H37    1 
HETATM 389 H  H38    . RKL C 3 .  ? 11.445  -0.114  5.980   1.00 17.92 ? 102 RKL A H38    1 
HETATM 390 CL CL     . CL  D 4 .  ? 9.457   1.192   9.595   0.75 23.71 ? 103 CL  A CL     1 
HETATM 391 O  O      . DOD E 5 .  ? -5.423  -9.388  0.669   1.00 16.78 ? 201 DOD A O      1 
HETATM 392 O  O      . DOD E 5 .  ? -7.978  -9.631  2.548   1.00 18.26 ? 202 DOD A O      1 
HETATM 393 O  O      . DOD E 5 .  ? -9.937  -6.986  1.634   1.00 18.00 ? 203 DOD A O      1 
HETATM 394 O  O      . DOD E 5 .  ? -7.081  -4.499  1.528   1.00 17.75 ? 204 DOD A O      1 
HETATM 395 O  O      . DOD E 5 .  ? -4.522  -6.609  1.600   1.00 27.90 ? 205 DOD A O      1 
HETATM 396 O  O      . DOD E 5 .  ? -7.472  -6.624  3.838   1.00 25.61 ? 206 DOD A O      1 
HETATM 397 O  O      . DOD E 5 .  ? -3.485  7.033   -0.324  1.00 27.88 ? 207 DOD A O      1 
HETATM 398 O  O      . DOD E 5 .  ? 4.988   3.222   10.212  1.00 22.40 ? 208 DOD A O      1 
HETATM 399 O  O      . DOD E 5 .  ? 14.340  4.828   4.211   1.00 17.41 ? 209 DOD A O      1 
HETATM 400 O  O      . DOD E 5 .  ? 7.017   7.434   4.266   1.00 21.80 ? 210 DOD A O      1 
HETATM 401 O  O      . DOD E 5 .  ? 2.607   5.259   -5.858  1.00 30.66 ? 211 DOD A O      1 
HETATM 402 O  O      . DOD E 5 .  ? 7.706   3.392   9.727   1.00 19.13 ? 212 DOD A O      1 
HETATM 403 O  O      . DOD E 5 .  ? 8.334   5.965   10.323  1.00 31.83 ? 213 DOD A O      1 
HETATM 404 O  O      . DOD E 5 .  ? 0.084   -2.342  -3.886  1.00 24.50 ? 214 DOD A O      1 
HETATM 405 O  O      . DOD E 5 .  ? -0.840  -7.996  -9.755  1.00 26.80 ? 215 DOD A O      1 
HETATM 406 O  O      . DOD E 5 .  ? 6.834   3.923   -4.328  1.00 34.26 ? 216 DOD A O      1 
HETATM 407 O  O      . DOD E 5 .  ? -9.382  -10.061 4.914   1.00 27.13 ? 217 DOD A O      1 
HETATM 408 O  O      . DOD E 5 .  ? 13.105  6.805   8.072   1.00 25.43 ? 218 DOD A O      1 
HETATM 409 O  O      . DOD E 5 .  ? 11.319  7.655   9.790   1.00 27.22 ? 219 DOD A O      1 
HETATM 410 O  O      . DOD E 5 .  ? -13.037 -10.416 5.953   1.00 29.98 ? 220 DOD A O      1 
HETATM 411 O  O      . DOD E 5 .  ? -13.585 -7.552  4.493   1.00 38.28 ? 221 DOD A O      1 
HETATM 412 O  O      . DOD E 5 .  ? -2.716  -5.190  -0.737  1.00 26.70 ? 222 DOD A O      1 
HETATM 413 O  O      . DOD E 5 .  ? -5.046  4.646   -5.220  1.00 30.65 ? 223 DOD A O      1 
HETATM 414 O  O      . DOD E 5 .  ? 2.561   -0.090  -3.737  1.00 36.85 ? 224 DOD A O      1 
HETATM 415 O  O      . DOD E 5 .  ? 3.582   7.595   -4.982  1.00 31.35 ? 225 DOD A O      1 
HETATM 416 O  O      . DOD E 5 .  ? 11.672  -4.375  5.584   1.00 29.24 ? 226 DOD A O      1 
HETATM 417 O  O      . DOD E 5 .  ? 3.093   1.334   9.566   1.00 25.08 ? 227 DOD A O      1 
HETATM 418 O  O      . DOD E 5 .  ? 4.434   7.824   5.234   1.00 22.57 ? 228 DOD A O      1 
HETATM 419 O  O      . DOD E 5 .  ? 4.181   2.782   -4.522  1.00 26.13 ? 229 DOD A O      1 
HETATM 420 O  O      . DOD E 5 .  ? 11.537  12.229  -0.488  1.00 43.69 ? 230 DOD A O      1 
HETATM 421 O  O      . DOD E 5 .  ? -17.368 -13.714 7.431   1.00 34.87 ? 231 DOD A O      1 
HETATM 422 O  O      . DOD E 5 .  ? -2.717  4.143   -12.366 1.00 27.37 ? 232 DOD A O      1 
HETATM 423 O  O      . DOD E 5 .  ? -2.871  -9.405  -0.533  1.00 29.02 ? 233 DOD A O      1 
HETATM 424 O  O      . DOD E 5 .  ? 9.388   7.156   7.738   1.00 37.88 ? 234 DOD A O      1 
HETATM 425 O  O      . DOD E 5 .  ? -2.410  -15.071 -5.271  1.00 57.10 ? 235 DOD A O      1 
HETATM 426 O  O      . DOD E 5 .  ? 13.856  9.966   4.407   1.00 31.97 ? 236 DOD A O      1 
HETATM 427 O  O      . DOD E 5 .  ? 6.657   7.116   -4.496  1.00 36.45 ? 237 DOD A O      1 
HETATM 428 O  O      . DOD E 5 .  ? 0.164   -5.784  -2.785  1.00 40.81 ? 238 DOD A O      1 
HETATM 429 O  O      . DOD E 5 .  ? 13.145  9.602   7.159   1.00 31.64 ? 239 DOD A O      1 
HETATM 430 O  O      . DOD E 5 .  ? 9.430   -4.565  7.402   1.00 32.43 ? 240 DOD A O      1 
HETATM 431 O  O      . DOD E 5 .  ? 14.085  6.723   -4.938  1.00 35.22 ? 241 DOD A O      1 
HETATM 432 O  O      . DOD E 5 .  ? 11.481  15.230  6.972   1.00 33.51 ? 242 DOD A O      1 
HETATM 433 O  O      . DOD E 5 .  ? 10.739  -6.970  4.192   0.50 28.31 ? 243 DOD A O      1 
HETATM 434 O  O      . DOD E 5 .  ? 1.973   0.668   -7.045  1.00 44.21 ? 244 DOD A O      1 
HETATM 435 O  O      . DOD E 5 .  ? 0.222   -3.540  -11.881 1.00 34.68 ? 245 DOD A O      1 
HETATM 436 O  O      . DOD E 5 .  ? -5.252  -11.420 4.508   1.00 36.11 ? 246 DOD A O      1 
HETATM 437 O  O      . DOD E 5 .  ? -2.794  -8.542  2.767   1.00 44.62 ? 247 DOD A O      1 
HETATM 438 O  O      . DOD E 5 .  ? 8.759   9.050   5.711   0.50 30.80 ? 248 DOD A O      1 
HETATM 439 O  O      . DOD E 5 .  ? 13.302  -5.872  4.029   1.00 45.48 ? 249 DOD A O      1 
HETATM 440 O  O      . DOD E 5 .  ? -5.744  -8.548  5.352   1.00 47.31 ? 250 DOD A O      1 
HETATM 441 O  O      . DOD E 5 .  ? 2.251   -2.570  -7.855  1.00 54.10 ? 251 DOD A O      1 
HETATM 442 O  O      . DOD E 5 .  ? 1.598   -4.710  -9.710  1.00 42.09 ? 252 DOD A O      1 
HETATM 443 O  O      . DOD E 5 .  ? -4.840  5.272   -7.995  0.50 30.57 ? 253 DOD A O      1 
HETATM 444 O  O      . DOD E 5 .  ? -4.661  6.769   -9.458  0.50 31.57 ? 254 DOD A O      1 
HETATM 445 O  O      . DOD E 5 .  ? 8.888   11.514  9.330   1.00 50.53 ? 255 DOD A O      1 
HETATM 446 O  O      . DOD E 5 .  ? -2.555  6.699   -11.154 1.00 45.29 ? 256 DOD A O      1 
HETATM 447 O  O      . DOD E 5 .  ? -6.631  -14.080 5.674   1.00 45.49 ? 257 DOD A O      1 
HETATM 448 O  O      . DOD E 5 .  ? 10.929  2.503   -5.501  1.00 50.66 ? 258 DOD A O      1 
HETATM 449 O  O      . DOD E 5 .  ? 13.041  14.397  4.826   1.00 38.67 ? 259 DOD A O      1 
HETATM 450 O  O      . DOD E 5 .  ? -5.914  3.961   -9.838  1.00 40.89 ? 260 DOD A O      1 
HETATM 451 O  O      . DOD E 5 .  ? 7.401   10.818  -3.214  1.00 55.64 ? 261 DOD A O      1 
HETATM 452 O  O      . DOD E 5 .  ? -1.955  -11.078 1.603   1.00 43.03 ? 262 DOD A O      1 
HETATM 453 O  O      . DOD E 5 .  ? -7.195  3.353   -5.318  0.50 28.37 ? 263 DOD A O      1 
HETATM 454 O  O      . DOD E 5 .  ? 6.169   15.713  1.508   0.50 31.70 ? 264 DOD A O      1 
HETATM 455 O  O      . DOD E 5 .  ? 5.573   17.214  6.142   1.00 64.73 ? 265 DOD A O      1 
HETATM 456 O  O      . DOD E 5 .  ? 0.214   -11.789 -6.396  0.50 32.26 ? 266 DOD A O      1 
HETATM 457 O  O      . DOD E 5 .  ? -10.366 -7.588  4.408   0.50 25.42 ? 267 DOD A O      1 
HETATM 458 O  O      . DOD E 5 .  ? 0.985   14.568  -1.335  1.00 54.25 ? 268 DOD A O      1 
HETATM 459 O  O      . DOD E 5 .  ? 10.148  11.675  -2.612  1.00 50.14 ? 269 DOD A O      1 
HETATM 460 O  O      . DOD E 5 .  ? 2.891   13.585  -4.966  1.00 64.00 ? 270 DOD A O      1 
HETATM 461 O  O      . DOD E 5 .  ? -14.258 -10.727 8.686   1.00 51.42 ? 271 DOD A O      1 
HETATM 462 O  O      A DOD E 5 .  ? -0.403  -14.742 -2.312  0.50 38.24 ? 272 DOD A O      1 
HETATM 463 O  O      B DOD E 5 .  ? -1.446  -14.111 -1.045  0.50 32.13 ? 272 DOD A O      1 
HETATM 464 O  O      . DOD E 5 .  ? -10.315 -11.309 8.683   1.00 49.75 ? 273 DOD A O      1 
# 
loop_
_atom_site_anisotrop.id 
_atom_site_anisotrop.type_symbol 
_atom_site_anisotrop.pdbx_label_atom_id 
_atom_site_anisotrop.pdbx_label_alt_id 
_atom_site_anisotrop.pdbx_label_comp_id 
_atom_site_anisotrop.pdbx_label_asym_id 
_atom_site_anisotrop.pdbx_label_seq_id 
_atom_site_anisotrop.pdbx_PDB_ins_code 
_atom_site_anisotrop.U[1][1] 
_atom_site_anisotrop.U[2][2] 
_atom_site_anisotrop.U[3][3] 
_atom_site_anisotrop.U[1][2] 
_atom_site_anisotrop.U[1][3] 
_atom_site_anisotrop.U[2][3] 
_atom_site_anisotrop.pdbx_auth_seq_id 
_atom_site_anisotrop.pdbx_auth_comp_id 
_atom_site_anisotrop.pdbx_auth_asym_id 
_atom_site_anisotrop.pdbx_auth_atom_id 
1   O  "O5'" . THM A 1  ? 0.4165 0.3633 0.3151 -0.0610 0.0499  -0.0394 1   THM A "O5'" 
2   C  "C5'" . THM A 1  ? 0.4011 0.3671 0.2201 -0.0509 0.0394  0.0034  1   THM A "C5'" 
3   C  "C4'" . THM A 1  ? 0.2968 0.2966 0.2240 -0.0373 0.0343  0.0074  1   THM A "C4'" 
4   O  "O4'" . THM A 1  ? 0.3059 0.2915 0.2356 -0.0429 0.0002  -0.0039 1   THM A "O4'" 
5   C  "C3'" . THM A 1  ? 0.2845 0.2819 0.2248 -0.0417 0.0307  -0.0051 1   THM A "C3'" 
6   O  "O3'" . THM A 1  ? 0.3031 0.2830 0.2207 -0.0364 0.0046  0.0181  1   THM A "O3'" 
7   C  "C2'" . THM A 1  ? 0.2758 0.3223 0.2350 0.0012  -0.0114 -0.0183 1   THM A "C2'" 
8   C  "C1'" . THM A 1  ? 0.2815 0.2764 0.2208 -0.0314 -0.0042 0.0196  1   THM A "C1'" 
9   N  N1    . THM A 1  ? 0.2827 0.2486 0.2272 -0.0252 0.0175  -0.0226 1   THM A N1    
10  C  C2    . THM A 1  ? 0.2518 0.2502 0.2316 -0.0272 0.0365  0.0146  1   THM A C2    
11  O  O2    . THM A 1  ? 0.2772 0.2386 0.2311 -0.0299 0.0463  -0.0295 1   THM A O2    
12  N  N3    . THM A 1  ? 0.2948 0.2540 0.2536 -0.0201 0.0148  -0.0245 1   THM A N3    
13  C  C4    . THM A 1  ? 0.3400 0.2808 0.2792 -0.0315 0.0255  -0.0295 1   THM A C4    
14  O  O4    . THM A 1  ? 0.3809 0.2916 0.3527 0.0151  0.0196  -0.0617 1   THM A O4    
15  C  C5    . THM A 1  ? 0.3738 0.2623 0.2904 -0.0504 0.0229  -0.0401 1   THM A C5    
16  C  C5M   . THM A 1  ? 0.4950 0.3044 0.3755 -0.0664 -0.0330 -0.0992 1   THM A C5M   
17  C  C6    . THM A 1  ? 0.3343 0.2940 0.3282 -0.0330 0.0071  -0.0676 1   THM A C6    
31  P  P     . DC  A 2  ? 0.3077 0.2891 0.2759 -0.0521 0.0146  -0.0114 2   DC  A P     
32  O  OP1   . DC  A 2  ? 0.3281 0.3512 0.2796 -0.0265 0.0184  -0.0013 2   DC  A OP1   
33  O  OP2   . DC  A 2  ? 0.3491 0.3066 0.2636 -0.0610 0.0283  -0.0360 2   DC  A OP2   
34  O  "O5'" . DC  A 2  ? 0.3242 0.2597 0.2201 -0.0401 0.0314  0.0000  2   DC  A "O5'" 
35  C  "C5'" . DC  A 2  ? 0.2642 0.2312 0.2136 -0.0295 0.0195  0.0013  2   DC  A "C5'" 
36  C  "C4'" . DC  A 2  ? 0.2361 0.1909 0.2067 -0.0259 0.0183  0.0026  2   DC  A "C4'" 
37  O  "O4'" . DC  A 2  ? 0.2364 0.2005 0.2244 -0.0295 0.0200  0.0021  2   DC  A "O4'" 
38  C  "C3'" . DC  A 2  ? 0.2118 0.1975 0.2123 -0.0296 0.0147  0.0143  2   DC  A "C3'" 
39  O  "O3'" . DC  A 2  ? 0.2153 0.2041 0.2488 -0.0244 0.0045  0.0253  2   DC  A "O3'" 
40  C  "C2'" . DC  A 2  ? 0.2202 0.1885 0.2265 -0.0048 0.0059  0.0047  2   DC  A "C2'" 
41  C  "C1'" . DC  A 2  ? 0.2166 0.2085 0.1963 -0.0084 0.0157  0.0194  2   DC  A "C1'" 
42  N  N1    . DC  A 2  ? 0.2284 0.1918 0.2027 -0.0249 0.0329  0.0026  2   DC  A N1    
43  C  C2    . DC  A 2  ? 0.2179 0.1831 0.2146 -0.0375 0.0318  0.0171  2   DC  A C2    
44  O  O2    . DC  A 2  ? 0.2511 0.1975 0.2087 -0.0174 0.0084  0.0003  2   DC  A O2    
45  N  N3    . DC  A 2  ? 0.2141 0.1950 0.2286 -0.0217 0.0128  0.0035  2   DC  A N3    
46  C  C4    . DC  A 2  ? 0.2460 0.1981 0.2391 -0.0330 0.0474  0.0215  2   DC  A C4    
47  N  N4    . DC  A 2  ? 0.2887 0.2285 0.2191 -0.0150 0.0438  -0.0071 2   DC  A N4    
48  C  C5    . DC  A 2  ? 0.2648 0.2050 0.2355 -0.0234 0.0228  -0.0048 2   DC  A C5    
49  C  C6    . DC  A 2  ? 0.2283 0.2205 0.2095 -0.0507 0.0138  0.0059  2   DC  A C6    
61  P  P     . DG  A 3  ? 0.2332 0.2042 0.2505 -0.0133 -0.0048 0.0253  3   DG  A P     
62  O  OP1   . DG  A 3  ? 0.2532 0.2094 0.2813 -0.0035 -0.0139 0.0285  3   DG  A OP1   
63  O  OP2   . DG  A 3  ? 0.2451 0.2169 0.2360 -0.0240 -0.0230 0.0092  3   DG  A OP2   
64  O  "O5'" . DG  A 3  ? 0.2449 0.2019 0.2198 -0.0169 0.0003  0.0214  3   DG  A "O5'" 
65  C  "C5'" . DG  A 3  ? 0.1767 0.2087 0.2433 0.0044  0.0095  0.0196  3   DG  A "C5'" 
66  C  "C4'" . DG  A 3  ? 0.2219 0.1810 0.2348 -0.0006 -0.0008 0.0167  3   DG  A "C4'" 
67  O  "O4'" . DG  A 3  ? 0.2052 0.1885 0.2279 -0.0070 0.0138  0.0129  3   DG  A "O4'" 
68  C  "C3'" . DG  A 3  ? 0.2100 0.2091 0.2308 -0.0168 0.0116  0.0217  3   DG  A "C3'" 
69  O  "O3'" . DG  A 3  ? 0.2034 0.2472 0.3081 -0.0056 0.0123  0.0495  3   DG  A "O3'" 
70  C  "C2'" . DG  A 3  ? 0.1873 0.2179 0.2326 -0.0040 0.0074  0.0232  3   DG  A "C2'" 
71  C  "C1'" . DG  A 3  ? 0.1987 0.2054 0.1916 -0.0057 0.0110  0.0153  3   DG  A "C1'" 
72  N  N9    . DG  A 3  ? 0.1937 0.1757 0.1835 -0.0195 0.0089  0.0120  3   DG  A N9    
73  C  C8    . DG  A 3  ? 0.1949 0.1836 0.1882 -0.0240 -0.0021 0.0141  3   DG  A C8    
74  N  N7    . DG  A 3  ? 0.2079 0.1853 0.1855 -0.0268 0.0074  0.0092  3   DG  A N7    
75  C  C5    . DG  A 3  ? 0.1916 0.1726 0.1918 -0.0186 0.0117  0.0249  3   DG  A C5    
76  C  C6    . DG  A 3  ? 0.1940 0.1877 0.1942 -0.0047 0.0100  0.0171  3   DG  A C6    
77  O  O6    . DG  A 3  ? 0.2048 0.1893 0.2002 -0.0196 0.0138  0.0042  3   DG  A O6    
78  N  N1    . DG  A 3  ? 0.1873 0.1653 0.1875 -0.0070 0.0112  0.0140  3   DG  A N1    
79  C  C2    . DG  A 3  ? 0.1677 0.1687 0.1819 -0.0138 0.0175  0.0189  3   DG  A C2    
80  N  N2    . DG  A 3  ? 0.1926 0.1900 0.1858 -0.0027 0.0132  -0.0001 3   DG  A N2    
81  N  N3    . DG  A 3  ? 0.1756 0.1839 0.1834 -0.0019 0.0161  0.0073  3   DG  A N3    
82  C  C4    . DG  A 3  ? 0.1819 0.1710 0.1900 -0.0199 0.0162  0.0199  3   DG  A C4    
94  P  P     . DG  A 4  ? 0.2414 0.2919 0.3452 -0.0194 0.0095  0.0624  4   DG  A P     
95  O  OP1   . DG  A 4  ? 0.3157 0.2836 0.4224 0.0037  0.0631  0.0968  4   DG  A OP1   
96  O  OP2   . DG  A 4  ? 0.2492 0.3099 0.3319 -0.1007 -0.0059 0.0363  4   DG  A OP2   
97  O  "O5'" . DG  A 4  ? 0.2141 0.2572 0.2979 -0.0288 0.0139  0.0581  4   DG  A "O5'" 
98  C  "C5'" . DG  A 4  ? 0.2376 0.2555 0.2860 0.0157  0.0216  0.0030  4   DG  A "C5'" 
99  C  "C4'" . DG  A 4  ? 0.2410 0.2331 0.2243 -0.0069 0.0269  0.0022  4   DG  A "C4'" 
100 O  "O4'" . DG  A 4  ? 0.2005 0.2368 0.2332 -0.0250 0.0101  0.0055  4   DG  A "O4'" 
101 C  "C3'" . DG  A 4  ? 0.2108 0.2464 0.2758 -0.0325 -0.0108 0.0593  4   DG  A "C3'" 
102 O  "O3'" . DG  A 4  ? 0.2140 0.2725 0.2968 -0.0619 -0.0007 0.0726  4   DG  A "O3'" 
103 C  "C2'" . DG  A 4  ? 0.2017 0.2408 0.2804 -0.0413 -0.0262 0.0551  4   DG  A "C2'" 
104 C  "C1'" . DG  A 4  ? 0.2160 0.2175 0.2271 -0.0027 -0.0096 0.0093  4   DG  A "C1'" 
105 N  N9    . DG  A 4  ? 0.2182 0.2142 0.2012 -0.0310 -0.0103 0.0145  4   DG  A N9    
106 C  C8    . DG  A 4  ? 0.2009 0.2288 0.2094 -0.0352 -0.0216 0.0146  4   DG  A C8    
107 N  N7    . DG  A 4  ? 0.2076 0.2060 0.2313 -0.0301 -0.0191 0.0215  4   DG  A N7    
108 C  C5    . DG  A 4  ? 0.1948 0.1972 0.2024 -0.0381 -0.0165 -0.0061 4   DG  A C5    
109 C  C6    . DG  A 4  ? 0.1962 0.1766 0.2043 -0.0199 -0.0146 0.0016  4   DG  A C6    
110 O  O6    . DG  A 4  ? 0.2342 0.1987 0.2027 -0.0250 0.0018  -0.0045 4   DG  A O6    
111 N  N1    . DG  A 4  ? 0.2263 0.1898 0.1980 0.0024  -0.0154 -0.0110 4   DG  A N1    
112 C  C2    . DG  A 4  ? 0.2083 0.1804 0.2077 -0.0226 -0.0109 0.0054  4   DG  A C2    
113 N  N2    . DG  A 4  ? 0.2493 0.1949 0.1996 0.0031  -0.0071 0.0068  4   DG  A N2    
114 N  N3    . DG  A 4  ? 0.2249 0.1794 0.1897 -0.0188 -0.0109 0.0086  4   DG  A N3    
115 C  C4    . DG  A 4  ? 0.2129 0.1834 0.2047 -0.0285 -0.0090 -0.0048 4   DG  A C4    
127 P  P     . DC  A 5  ? 0.2623 0.3237 0.3063 -0.0825 -0.0109 0.0620  5   DC  A P     
128 O  OP1   . DC  A 5  ? 0.2828 0.2838 0.3779 -0.0129 -0.0539 0.0099  5   DC  A OP1   
129 O  OP2   . DC  A 5  ? 0.2973 0.4298 0.3293 -0.1454 -0.0656 0.0890  5   DC  A OP2   
130 O  "O5'" . DC  A 5  ? 0.2438 0.2665 0.2547 -0.0666 0.0120  0.0123  5   DC  A "O5'" 
131 C  "C5'" . DC  A 5  ? 0.2234 0.2692 0.2002 -0.0460 0.0267  -0.0038 5   DC  A "C5'" 
132 C  "C4'" . DC  A 5  ? 0.2576 0.2581 0.2284 -0.0436 0.0102  0.0176  5   DC  A "C4'" 
133 O  "O4'" . DC  A 5  ? 0.2792 0.2404 0.2123 -0.0482 0.0212  0.0024  5   DC  A "O4'" 
134 C  "C3'" . DC  A 5  ? 0.2905 0.2406 0.2171 -0.0382 0.0438  0.0145  5   DC  A "C3'" 
135 O  "O3'" . DC  A 5  ? 0.2402 0.2377 0.2166 -0.0381 0.0239  0.0125  5   DC  A "O3'" 
136 C  "C2'" . DC  A 5  ? 0.2860 0.2827 0.2963 -0.0657 0.0234  -0.0368 5   DC  A "C2'" 
137 C  "C1'" . DC  A 5  ? 0.3154 0.2712 0.2383 -0.0322 0.0419  -0.0324 5   DC  A "C1'" 
138 N  N1    . DC  A 5  ? 0.2884 0.2434 0.2240 -0.0584 0.0410  0.0112  5   DC  A N1    
139 C  C2    . DC  A 5  ? 0.2964 0.2655 0.2285 -0.0247 -0.0055 -0.0362 5   DC  A C2    
140 O  O2    . DC  A 5  ? 0.3499 0.2445 0.2251 -0.0060 0.0619  -0.0033 5   DC  A O2    
141 N  N3    . DC  A 5  ? 0.2808 0.2092 0.1999 -0.0460 0.0275  -0.0227 5   DC  A N3    
142 C  C4    . DC  A 5  ? 0.2437 0.2256 0.2057 -0.0443 0.0047  -0.0359 5   DC  A C4    
143 N  N4    . DC  A 5  ? 0.2370 0.2162 0.1898 -0.0397 0.0165  -0.0193 5   DC  A N4    
144 C  C5    . DC  A 5  ? 0.2258 0.2513 0.1997 -0.0277 0.0014  -0.0312 5   DC  A C5    
145 C  C6    . DC  A 5  ? 0.2460 0.2770 0.2063 -0.0528 0.0085  -0.0349 5   DC  A C6    
157 P  P     . DG  A 6  ? 0.2140 0.2976 0.2505 -0.0369 0.0365  0.0194  6   DG  A P     
158 O  OP1   . DG  A 6  ? 0.2903 0.3871 0.2522 -0.0773 0.0707  0.0009  6   DG  A OP1   
159 O  OP2   . DG  A 6  ? 0.2496 0.3774 0.3297 -0.0215 0.0097  0.0300  6   DG  A OP2   
160 O  "O5'" . DG  A 6  ? 0.2720 0.2526 0.2307 -0.0556 -0.0085 0.0209  6   DG  A "O5'" 
161 C  "C5'" . DG  A 6  ? 0.2947 0.2464 0.2201 -0.0058 -0.0088 0.0331  6   DG  A "C5'" 
162 C  "C4'" . DG  A 6  ? 0.3087 0.3007 0.2378 0.0129  0.0051  -0.0077 6   DG  A "C4'" 
163 O  "O4'" . DG  A 6  ? 0.3085 0.3929 0.2129 -0.0025 -0.0160 -0.0219 6   DG  A "O4'" 
164 C  "C3'" . DG  A 6  ? 0.3588 0.3270 0.2017 -0.0362 -0.0027 0.0238  6   DG  A "C3'" 
165 O  "O3'" . DG  A 6  ? 0.3954 0.3307 0.2356 -0.0298 -0.0406 0.0202  6   DG  A "O3'" 
166 C  "C2'" . DG  A 6  ? 0.3144 0.2638 0.2308 -0.0363 -0.0353 0.0008  6   DG  A "C2'" 
167 C  "C1'" . DG  A 6  ? 0.2670 0.2892 0.2151 0.0136  -0.0127 -0.0120 6   DG  A "C1'" 
168 N  N9    . DG  A 6  ? 0.2511 0.2482 0.2317 -0.0047 -0.0020 -0.0006 6   DG  A N9    
169 C  C8    . DG  A 6  ? 0.2471 0.2474 0.2268 -0.0096 -0.0248 0.0081  6   DG  A C8    
170 N  N7    . DG  A 6  ? 0.2286 0.2273 0.2118 -0.0199 -0.0039 -0.0051 6   DG  A N7    
171 C  C5    . DG  A 6  ? 0.2072 0.2168 0.2168 -0.0226 -0.0211 -0.0038 6   DG  A C5    
172 C  C6    . DG  A 6  ? 0.2000 0.1986 0.2068 -0.0025 -0.0063 -0.0345 6   DG  A C6    
173 O  O6    . DG  A 6  ? 0.1782 0.2079 0.2194 -0.0165 -0.0079 -0.0125 6   DG  A O6    
174 N  N1    . DG  A 6  ? 0.2386 0.2538 0.2129 0.0378  -0.0180 -0.0280 6   DG  A N1    
175 C  C2    . DG  A 6  ? 0.2795 0.2867 0.2289 0.0436  0.0230  0.0008  6   DG  A C2    
176 N  N2    . DG  A 6  ? 0.3248 0.3801 0.2356 0.1324  -0.0341 -0.0204 6   DG  A N2    
177 N  N3    . DG  A 6  ? 0.2753 0.3053 0.2085 0.0570  -0.0092 0.0050  6   DG  A N3    
178 C  C4    . DG  A 6  ? 0.2167 0.2396 0.2234 0.0054  0.0140  0.0126  6   DG  A C4    
190 P  P     . DC  A 7  ? 0.4957 0.3286 0.2354 -0.0532 0.0203  0.0042  7   DC  A P     
191 O  OP1   . DC  A 7  ? 0.7378 0.4022 0.2496 -0.0733 0.0034  0.0657  7   DC  A OP1   
192 O  OP2   . DC  A 7  ? 0.4783 0.2991 0.2368 -0.1390 0.0638  0.0124  7   DC  A OP2   
193 O  "O5'" . DC  A 7  ? 0.4305 0.3258 0.1910 -0.0427 -0.0038 0.0021  7   DC  A "O5'" 
194 C  "C5'" . DC  A 7  ? 0.3542 0.3174 0.2100 -0.0217 -0.0494 0.0169  7   DC  A "C5'" 
195 C  "C4'" . DC  A 7  ? 0.3104 0.2639 0.2434 -0.0007 -0.0026 -0.0054 7   DC  A "C4'" 
196 O  "O4'" . DC  A 7  ? 0.2806 0.2776 0.2374 0.0240  -0.0351 -0.0068 7   DC  A "O4'" 
197 C  "C3'" . DC  A 7  ? 0.3097 0.2428 0.2173 0.0168  0.0010  0.0206  7   DC  A "C3'" 
198 O  "O3'" . DC  A 7  ? 0.3120 0.2818 0.2309 0.0269  -0.0444 0.0125  7   DC  A "O3'" 
199 C  "C2'" . DC  A 7  ? 0.2662 0.2298 0.2056 0.0106  0.0072  0.0275  7   DC  A "C2'" 
200 C  "C1'" . DC  A 7  ? 0.2693 0.2329 0.2041 0.0120  -0.0002 0.0143  7   DC  A "C1'" 
201 N  N1    . DC  A 7  ? 0.2217 0.2397 0.2186 0.0101  0.0003  -0.0017 7   DC  A N1    
202 C  C2    . DC  A 7  ? 0.2104 0.2352 0.2024 -0.0037 -0.0368 -0.0056 7   DC  A C2    
203 O  O2    . DC  A 7  ? 0.2572 0.2359 0.2216 0.0357  -0.0168 0.0115  7   DC  A O2    
204 N  N3    . DC  A 7  ? 0.2114 0.2429 0.2031 0.0120  -0.0166 -0.0104 7   DC  A N3    
205 C  C4    . DC  A 7  ? 0.2156 0.2589 0.2086 0.0142  -0.0313 -0.0231 7   DC  A C4    
206 N  N4    . DC  A 7  ? 0.2140 0.2479 0.2283 0.0096  -0.0225 -0.0215 7   DC  A N4    
207 C  C5    . DC  A 7  ? 0.2288 0.2508 0.2360 0.0196  -0.0107 -0.0287 7   DC  A C5    
208 C  C6    . DC  A 7  ? 0.2569 0.2627 0.2007 0.0300  -0.0060 -0.0080 7   DC  A C6    
220 P  P     . DC  A 8  ? 0.3521 0.2806 0.2397 0.0057  0.0084  0.0176  8   DC  A P     
221 O  OP1   . DC  A 8  ? 0.3982 0.2827 0.2955 0.0063  -0.0167 0.0201  8   DC  A OP1   
222 O  OP2   . DC  A 8  ? 0.4029 0.3887 0.2637 -0.0053 0.0681  -0.0167 8   DC  A OP2   
223 O  "O5'" . DC  A 8  ? 0.2750 0.2763 0.2374 0.0168  0.0102  0.0074  8   DC  A "O5'" 
224 C  "C5'" . DC  A 8  ? 0.2685 0.2555 0.2500 0.0267  0.0189  0.0013  8   DC  A "C5'" 
225 C  "C4'" . DC  A 8  ? 0.2465 0.2448 0.2237 0.0073  0.0265  0.0162  8   DC  A "C4'" 
226 O  "O4'" . DC  A 8  ? 0.2173 0.2292 0.2679 -0.0012 0.0157  0.0405  8   DC  A "O4'" 
227 C  "C3'" . DC  A 8  ? 0.2505 0.2740 0.2230 0.0061  0.0157  0.0318  8   DC  A "C3'" 
228 O  "O3'" . DC  A 8  ? 0.2556 0.2596 0.3230 -0.0157 -0.0048 0.0168  8   DC  A "O3'" 
229 C  "C2'" . DC  A 8  ? 0.2447 0.2450 0.2532 -0.0133 0.0165  0.0343  8   DC  A "C2'" 
230 C  "C1'" . DC  A 8  ? 0.2244 0.2362 0.2294 -0.0089 -0.0009 0.0396  8   DC  A "C1'" 
231 N  N1    . DC  A 8  ? 0.1983 0.2224 0.2036 -0.0012 0.0078  0.0173  8   DC  A N1    
232 C  C2    . DC  A 8  ? 0.1769 0.2096 0.2086 0.0030  0.0037  0.0042  8   DC  A C2    
233 O  O2    . DC  A 8  ? 0.1867 0.2092 0.2124 0.0010  0.0145  0.0009  8   DC  A O2    
234 N  N3    . DC  A 8  ? 0.2071 0.2107 0.1748 -0.0080 0.0043  0.0017  8   DC  A N3    
235 C  C4    . DC  A 8  ? 0.1932 0.2304 0.1869 0.0011  0.0171  0.0042  8   DC  A C4    
236 N  N4    . DC  A 8  ? 0.2196 0.2360 0.1914 0.0097  -0.0002 -0.0115 8   DC  A N4    
237 C  C5    . DC  A 8  ? 0.2028 0.2457 0.2119 0.0079  0.0012  0.0092  8   DC  A C5    
238 C  C6    . DC  A 8  ? 0.2262 0.2365 0.2018 -0.0134 0.0103  0.0351  8   DC  A C6    
250 P  P     . DG  A 9  ? 0.3637 0.2903 0.3470 -0.0524 0.0183  0.0722  9   DG  A P     
251 O  OP1   . DG  A 9  ? 0.4697 0.2756 0.5311 -0.0595 -0.0668 0.0481  9   DG  A OP1   
252 O  OP2   . DG  A 9  ? 0.3838 0.4192 0.3248 -0.0977 0.0404  0.0847  9   DG  A OP2   
253 O  "O5'" . DG  A 9  ? 0.2702 0.2884 0.2900 -0.0690 0.0239  0.0202  9   DG  A "O5'" 
254 C  "C5'" . DG  A 9  ? 0.2742 0.2772 0.2785 -0.0488 0.0127  -0.0013 9   DG  A "C5'" 
255 C  "C4'" . DG  A 9  ? 0.3116 0.3014 0.2912 0.0068  0.0189  -0.0267 9   DG  A "C4'" 
256 O  "O4'" . DG  A 9  ? 0.2273 0.2780 0.2860 -0.0022 0.0130  0.0064  9   DG  A "O4'" 
257 C  "C3'" . DG  A 9  ? 0.3212 0.3333 0.3968 0.0328  0.0636  -0.0360 9   DG  A "C3'" 
258 O  "O3'" . DG  A 9  ? 0.3257 0.5115 0.5581 0.0471  -0.0249 -0.1226 9   DG  A "O3'" 
259 C  "C2'" . DG  A 9  ? 0.2350 0.3068 0.3681 -0.0265 0.0223  -0.0219 9   DG  A "C2'" 
260 C  "C1'" . DG  A 9  ? 0.2417 0.2822 0.3124 0.0185  0.0164  -0.0183 9   DG  A "C1'" 
261 N  N9    . DG  A 9  ? 0.2037 0.2869 0.2575 0.0162  -0.0003 -0.0057 9   DG  A N9    
262 C  C8    . DG  A 9  ? 0.2236 0.2753 0.2445 0.0120  0.0118  0.0159  9   DG  A C8    
263 N  N7    . DG  A 9  ? 0.2377 0.2870 0.2374 0.0134  -0.0029 0.0080  9   DG  A N7    
264 C  C5    . DG  A 9  ? 0.2286 0.2806 0.2261 0.0017  -0.0052 0.0028  9   DG  A C5    
265 C  C6    . DG  A 9  ? 0.1789 0.2622 0.2404 -0.0125 0.0261  0.0241  9   DG  A C6    
266 O  O6    . DG  A 9  ? 0.2140 0.2984 0.2282 -0.0092 -0.0077 -0.0058 9   DG  A O6    
267 N  N1    . DG  A 9  ? 0.1882 0.2409 0.2138 0.0121  -0.0084 0.0075  9   DG  A N1    
268 C  C2    . DG  A 9  ? 0.1843 0.2490 0.2214 0.0289  0.0179  -0.0058 9   DG  A C2    
269 N  N2    . DG  A 9  ? 0.1927 0.2422 0.2086 0.0175  -0.0105 -0.0220 9   DG  A N2    
270 N  N3    . DG  A 9  ? 0.1823 0.2639 0.2172 0.0187  -0.0038 -0.0070 9   DG  A N3    
271 C  C4    . DG  A 9  ? 0.2024 0.2675 0.2444 0.0197  -0.0090 -0.0094 9   DG  A C4    
283 P  P     . DA  A 10 ? 0.3288 0.9996 0.8132 -0.0518 0.0164  -0.5091 10  DA  A P     
284 O  OP1   . DA  A 10 ? 0.7824 1.1378 0.8812 -0.3933 0.0286  -0.3377 10  DA  A OP1   
285 O  OP2   . DA  A 10 ? 0.5350 1.2463 1.0791 0.1722  -0.0874 -0.4867 10  DA  A OP2   
286 O  "O5'" . DA  A 10 ? 0.4319 0.7263 0.7944 -0.1687 -0.0590 -0.3908 10  DA  A "O5'" 
287 C  "C5'" . DA  A 10 ? 0.3902 0.6299 0.7301 -0.0478 -0.0869 -0.1914 10  DA  A "C5'" 
288 C  "C4'" . DA  A 10 ? 0.4226 0.3664 0.3864 -0.1172 -0.0364 -0.0521 10  DA  A "C4'" 
289 O  "O4'" . DA  A 10 ? 0.3415 0.4186 0.3473 -0.0628 0.0328  -0.0361 10  DA  A "O4'" 
290 C  "C3'" . DA  A 10 ? 0.3341 0.4349 0.4370 -0.0770 0.0676  -0.0198 10  DA  A "C3'" 
291 O  "O3'" . DA  A 10 ? 0.4495 0.4269 0.6770 -0.1351 -0.0161 -0.0587 10  DA  A "O3'" 
292 C  "C2'" . DA  A 10 ? 0.4391 0.3692 0.3898 -0.1338 -0.0211 -0.0718 10  DA  A "C2'" 
293 C  "C1'" . DA  A 10 ? 0.3807 0.3665 0.3531 -0.0923 0.0516  -0.0493 10  DA  A "C1'" 
294 N  N9    . DA  A 10 ? 0.2942 0.3168 0.3065 -0.0386 0.0107  0.0055  10  DA  A N9    
295 C  C8    . DA  A 10 ? 0.2997 0.3267 0.3033 -0.0261 0.0190  -0.0189 10  DA  A C8    
296 N  N7    . DA  A 10 ? 0.2599 0.2940 0.2606 -0.0218 0.0140  0.0088  10  DA  A N7    
297 C  C5    . DA  A 10 ? 0.2718 0.2574 0.2413 -0.0117 0.0503  -0.0037 10  DA  A C5    
298 C  C6    . DA  A 10 ? 0.2577 0.2639 0.2316 -0.0054 0.0526  -0.0022 10  DA  A C6    
299 N  N6    . DA  A 10 ? 0.2130 0.2400 0.2241 -0.0027 0.0231  0.0102  10  DA  A N6    
300 N  N1    . DA  A 10 ? 0.2731 0.2586 0.2498 -0.0015 0.0665  0.0054  10  DA  A N1    
301 C  C2    . DA  A 10 ? 0.2955 0.2825 0.2916 -0.0318 0.0603  0.0195  10  DA  A C2    
302 N  N3    . DA  A 10 ? 0.2981 0.3123 0.3132 -0.0212 0.0687  0.0234  10  DA  A N3    
303 C  C4    . DA  A 10 ? 0.2289 0.2886 0.2794 -0.0089 0.0706  -0.0043 10  DA  A C4    
316 BA BA    . BA  B .  ? 0.2247 0.1948 0.2063 -0.0315 -0.0107 0.0123  101 BA  A BA    
317 RU RU    . RKL C .  ? 0.1715 0.2243 0.1933 -0.0025 -0.0019 -0.0027 102 RKL A RU    
318 C  C1    . RKL C .  ? 0.1514 0.2378 0.2079 0.0222  0.0023  -0.0112 102 RKL A C1    
319 N  N1    . RKL C .  ? 0.1847 0.2165 0.1965 0.0152  -0.0098 0.0097  102 RKL A N1    
320 C  C2    . RKL C .  ? 0.1876 0.2337 0.2248 0.0313  -0.0081 -0.0277 102 RKL A C2    
321 N  N2    . RKL C .  ? 0.1695 0.2232 0.2053 0.0054  0.0060  -0.0020 102 RKL A N2    
322 C  C3    . RKL C .  ? 0.1787 0.2502 0.2045 0.0046  -0.0034 -0.0225 102 RKL A C3    
323 N  N3    . RKL C .  ? 0.1957 0.2862 0.2255 0.0180  0.0122  -0.0055 102 RKL A N3    
324 C  C4    . RKL C .  ? 0.1796 0.2678 0.1995 0.0077  0.0043  -0.0033 102 RKL A C4    
325 N  N4    . RKL C .  ? 0.2098 0.2871 0.2376 0.0165  0.0197  -0.0015 102 RKL A N4    
326 C  C5    . RKL C .  ? 0.1696 0.2462 0.2257 0.0197  -0.0023 0.0035  102 RKL A C5    
327 N  N5    . RKL C .  ? 0.1628 0.2008 0.1942 -0.0415 -0.0057 -0.0030 102 RKL A N5    
328 C  C6    . RKL C .  ? 0.1945 0.2551 0.2118 0.0173  0.0029  -0.0116 102 RKL A C6    
329 N  N6    . RKL C .  ? 0.1723 0.1940 0.2086 -0.0137 -0.0086 -0.0058 102 RKL A N6    
330 C  C7    . RKL C .  ? 0.1769 0.2526 0.2306 0.0262  0.0167  0.0072  102 RKL A C7    
331 N  N7    . RKL C .  ? 0.1873 0.1854 0.1932 -0.0318 -0.0017 0.0124  102 RKL A N7    
332 C  C8    . RKL C .  ? 0.1748 0.2467 0.2126 0.0225  0.0269  -0.0075 102 RKL A C8    
333 N  N8    . RKL C .  ? 0.1720 0.2028 0.1945 -0.0107 -0.0170 0.0134  102 RKL A N8    
334 C  C9    . RKL C .  ? 0.1903 0.2490 0.2143 -0.0082 0.0351  0.0180  102 RKL A C9    
335 N  N9    . RKL C .  ? 0.2009 0.2356 0.1903 -0.0127 -0.0182 -0.0016 102 RKL A N9    
336 C  C10   . RKL C .  ? 0.1678 0.2187 0.2246 0.0114  0.0002  -0.0027 102 RKL A C10   
337 N  N10   . RKL C .  ? 0.2155 0.2969 0.2116 0.0088  -0.0081 0.0010  102 RKL A N10   
338 C  C11   . RKL C .  ? 0.2292 0.2165 0.2367 -0.0017 -0.0024 0.0076  102 RKL A C11   
339 N  N11   . RKL C .  ? 0.2308 0.2528 0.2298 -0.0347 -0.0068 -0.0059 102 RKL A N11   
340 C  C12   . RKL C .  ? 0.1953 0.2175 0.2008 0.0107  0.0164  -0.0148 102 RKL A C12   
341 N  N12   . RKL C .  ? 0.1651 0.2751 0.2146 -0.0151 0.0006  -0.0280 102 RKL A N12   
342 C  C13   . RKL C .  ? 0.2131 0.2941 0.2207 0.0221  0.0257  0.0161  102 RKL A C13   
343 C  C14   . RKL C .  ? 0.2788 0.3062 0.2492 0.0193  0.0241  0.0150  102 RKL A C14   
344 C  C15   . RKL C .  ? 0.2241 0.2979 0.2397 0.0393  0.0116  0.0024  102 RKL A C15   
345 C  C16   . RKL C .  ? 0.2855 0.3006 0.2429 -0.0259 -0.0007 0.0303  102 RKL A C16   
346 C  C17   . RKL C .  ? 0.2730 0.3431 0.2325 -0.0175 0.0289  0.0576  102 RKL A C17   
347 C  C18   . RKL C .  ? 0.3309 0.3389 0.2374 0.0174  0.0502  0.0367  102 RKL A C18   
348 C  C19   . RKL C .  ? 0.1733 0.1704 0.2019 -0.0197 -0.0151 0.0195  102 RKL A C19   
349 C  C20   . RKL C .  ? 0.1647 0.2208 0.2046 0.0078  -0.0010 -0.0117 102 RKL A C20   
350 C  C21   . RKL C .  ? 0.1810 0.2115 0.1926 0.0090  0.0031  -0.0057 102 RKL A C21   
351 C  C22   . RKL C .  ? 0.1821 0.1860 0.1936 -0.0148 0.0023  0.0034  102 RKL A C22   
352 C  C23   . RKL C .  ? 0.1694 0.1819 0.2079 -0.0223 -0.0142 0.0091  102 RKL A C23   
353 C  C24   . RKL C .  ? 0.1695 0.1859 0.2178 -0.0302 -0.0152 0.0094  102 RKL A C24   
354 C  C25   . RKL C .  ? 0.1636 0.1766 0.1918 -0.0258 -0.0012 0.0078  102 RKL A C25   
355 C  C26   . RKL C .  ? 0.1904 0.1825 0.1872 -0.0215 -0.0051 0.0132  102 RKL A C26   
356 C  C27   . RKL C .  ? 0.2119 0.1982 0.1711 -0.0053 0.0115  0.0002  102 RKL A C27   
357 C  C28   . RKL C .  ? 0.2031 0.2189 0.1686 0.0028  0.0201  -0.0062 102 RKL A C28   
358 C  C29   . RKL C .  ? 0.1711 0.2565 0.1890 -0.0168 0.0065  -0.0236 102 RKL A C29   
359 C  C30   . RKL C .  ? 0.1992 0.2771 0.1985 0.0379  0.0083  -0.0138 102 RKL A C30   
360 C  C31   . RKL C .  ? 0.2020 0.2709 0.2329 0.0235  0.0110  -0.0060 102 RKL A C31   
361 C  C32   . RKL C .  ? 0.2007 0.2743 0.2051 -0.0383 0.0032  0.0034  102 RKL A C32   
362 C  C33   . RKL C .  ? 0.2303 0.2867 0.2045 -0.0197 0.0061  -0.0018 102 RKL A C33   
363 C  C34   . RKL C .  ? 0.2229 0.2692 0.2255 -0.0529 0.0017  0.0082  102 RKL A C34   
364 C  C35   . RKL C .  ? 0.2135 0.2694 0.1911 -0.0290 -0.0215 -0.0072 102 RKL A C35   
365 C  C36   . RKL C .  ? 0.1949 0.2185 0.1843 -0.0372 -0.0082 -0.0038 102 RKL A C36   
366 C  C37   . RKL C .  ? 0.2134 0.2434 0.2159 -0.0152 -0.0297 -0.0164 102 RKL A C37   
367 C  C38   . RKL C .  ? 0.2169 0.2361 0.1936 -0.0259 -0.0233 -0.0193 102 RKL A C38   
390 CL CL    . CL  D .  ? 0.3039 0.3076 0.2892 -0.0108 -0.0308 -0.0107 103 CL  A CL    
391 O  O     . DOD E .  ? 0.2104 0.2033 0.2234 -0.0341 -0.0108 0.0212  201 DOD A O     
392 O  O     . DOD E .  ? 0.2648 0.2071 0.2218 -0.0253 -0.0036 0.0161  202 DOD A O     
393 O  O     . DOD E .  ? 0.2317 0.2272 0.2246 -0.0309 0.0248  0.0026  203 DOD A O     
394 O  O     . DOD E .  ? 0.2555 0.2053 0.2136 -0.0295 -0.0187 0.0025  204 DOD A O     
395 O  O     . DOD E .  ? 0.2738 0.3546 0.4315 -0.0542 -0.0401 -0.0738 205 DOD A O     
396 O  O     . DOD E .  ? 0.4328 0.2941 0.2460 -0.1256 -0.0088 -0.0207 206 DOD A O     
397 O  O     . DOD E .  ? 0.3868 0.3509 0.3215 0.0486  0.0542  0.0089  207 DOD A O     
398 O  O     . DOD E .  ? 0.2427 0.2860 0.3222 0.0212  0.0144  0.0168  208 DOD A O     
399 O  O     . DOD E .  ? 0.1913 0.2278 0.2424 0.0003  -0.0070 -0.0082 209 DOD A O     
400 O  O     . DOD E .  ? 0.2597 0.2945 0.2740 -0.0057 0.0184  -0.0211 210 DOD A O     
401 O  O     . DOD E .  ? 0.4869 0.4084 0.2693 -0.0384 0.0403  0.0193  211 DOD A O     
402 O  O     . DOD E .  ? 0.2358 0.2617 0.2292 -0.0071 0.0128  0.0037  212 DOD A O     
403 O  O     . DOD E .  ? 0.4380 0.3625 0.4086 0.0113  0.0400  -0.0531 213 DOD A O     
404 O  O     . DOD E .  ? 0.2661 0.3499 0.3145 0.0417  0.0375  0.0323  214 DOD A O     
405 O  O     . DOD E .  ? 0.2878 0.3607 0.3697 0.0099  0.0419  0.0042  215 DOD A O     
406 O  O     . DOD E .  ? 0.4222 0.5835 0.2958 0.0066  -0.0033 -0.0173 216 DOD A O     
407 O  O     . DOD E .  ? 0.4230 0.3577 0.2498 -0.0691 0.0470  -0.0129 217 DOD A O     
408 O  O     . DOD E .  ? 0.2994 0.3868 0.2797 0.0748  -0.0223 -0.0114 218 DOD A O     
409 O  O     . DOD E .  ? 0.3064 0.3489 0.3789 0.0354  -0.0346 -0.0188 219 DOD A O     
410 O  O     . DOD E .  ? 0.4065 0.3900 0.3426 -0.0788 0.0196  -0.0615 220 DOD A O     
411 O  O     . DOD E .  ? 0.4687 0.5414 0.4442 -0.0523 0.0839  -0.2247 221 DOD A O     
412 O  O     . DOD E .  ? 0.2551 0.4490 0.3104 -0.0926 -0.0583 0.0075  222 DOD A O     
413 O  O     . DOD E .  ? 0.4425 0.4435 0.2782 0.1608  -0.0012 0.0224  223 DOD A O     
414 O  O     . DOD E .  ? 0.3467 0.5547 0.4987 0.1043  0.0544  -0.2024 224 DOD A O     
415 O  O     . DOD E .  ? 0.4848 0.4145 0.2916 0.0100  0.0457  0.0139  225 DOD A O     
416 O  O     . DOD E .  ? 0.3545 0.3989 0.3572 0.0748  -0.0507 -0.0044 226 DOD A O     
417 O  O     . DOD E .  ? 0.3362 0.3190 0.2977 -0.0130 0.0253  -0.0250 227 DOD A O     
418 O  O     . DOD E .  ? 0.2279 0.3337 0.2959 0.0117  0.0053  0.0065  228 DOD A O     
419 O  O     . DOD E .  ? 0.3051 0.4286 0.2590 -0.0255 0.0343  -0.0617 229 DOD A O     
420 O  O     . DOD E .  ? 0.5871 0.5913 0.4815 -0.0432 0.0648  0.0139  230 DOD A O     
421 O  O     . DOD E .  ? 0.5002 0.3797 0.4449 -0.0350 -0.0161 -0.1214 231 DOD A O     
422 O  O     . DOD E .  ? 0.3604 0.3331 0.3464 -0.0152 0.0076  -0.0308 232 DOD A O     
423 O  O     . DOD E .  ? 0.2680 0.4356 0.3988 0.0132  -0.0216 0.0997  233 DOD A O     
424 O  O     . DOD E .  ? 0.6030 0.4054 0.4305 0.0062  0.0932  -0.0530 234 DOD A O     
425 O  O     . DOD E .  ? 1.0032 0.7431 0.4233 -0.4281 -0.0810 0.2827  235 DOD A O     
426 O  O     . DOD E .  ? 0.3977 0.3950 0.4220 0.0834  -0.0258 -0.0163 236 DOD A O     
427 O  O     . DOD E .  ? 0.5263 0.6064 0.2520 -0.1554 -0.0399 0.0530  237 DOD A O     
428 O  O     . DOD E .  ? 0.4174 0.7130 0.4202 -0.0900 -0.1489 -0.1425 238 DOD A O     
429 O  O     . DOD E .  ? 0.2950 0.4740 0.4330 -0.0038 -0.0437 -0.1186 239 DOD A O     
430 O  O     . DOD E .  ? 0.3648 0.4728 0.3945 0.0028  -0.0570 -0.0489 240 DOD A O     
431 O  O     . DOD E .  ? 0.4856 0.5301 0.3225 0.0708  0.0754  0.0715  241 DOD A O     
432 O  O     . DOD E .  ? 0.3684 0.5211 0.3837 -0.0906 -0.0026 0.0437  242 DOD A O     
433 O  O     . DOD E .  ? 0.4226 0.3453 0.3076 0.0752  -0.0706 -0.0641 243 DOD A O     
434 O  O     . DOD E .  ? 0.4677 0.6977 0.5140 0.0015  -0.1281 0.0635  244 DOD A O     
435 O  O     . DOD E .  ? 0.3233 0.6389 0.3555 -0.1149 0.0798  -0.1142 245 DOD A O     
436 O  O     . DOD E .  ? 0.5292 0.4587 0.3840 0.1073  -0.1547 -0.0613 246 DOD A O     
437 O  O     . DOD E .  ? 0.4635 0.5213 0.7105 -0.1514 -0.2872 0.1626  247 DOD A O     
438 O  O     . DOD E .  ? 0.3828 0.4411 0.3464 -0.0453 0.0200  -0.2053 248 DOD A O     
439 O  O     . DOD E .  ? 0.5927 0.5037 0.6315 -0.1555 -0.1310 0.0891  249 DOD A O     
440 O  O     . DOD E .  ? 0.8942 0.4820 0.4211 0.1581  -0.1590 -0.0409 250 DOD A O     
441 O  O     . DOD E .  ? 0.3250 0.6301 1.1003 0.0046  -0.0553 0.1429  251 DOD A O     
442 O  O     . DOD E .  ? 0.4388 0.5962 0.5639 -0.1451 0.0159  0.0745  252 DOD A O     
443 O  O     . DOD E .  ? 0.3914 0.4364 0.3337 0.0032  0.0090  0.0527  253 DOD A O     
444 O  O     . DOD E .  ? 0.4045 0.4284 0.3665 0.1106  -0.0026 -0.0477 254 DOD A O     
445 O  O     . DOD E .  ? 0.7887 0.6936 0.4376 0.1550  -0.0550 0.0491  255 DOD A O     
446 O  O     . DOD E .  ? 0.6735 0.3519 0.6953 0.0165  0.0233  -0.0902 256 DOD A O     
447 O  O     . DOD E .  ? 0.5204 0.7984 0.4092 0.2182  -0.0203 0.0939  257 DOD A O     
448 O  O     . DOD E .  ? 0.9281 0.6605 0.3359 -0.0400 -0.2092 0.0115  258 DOD A O     
449 O  O     . DOD E .  ? 0.3514 0.5486 0.5689 0.0094  -0.0548 -0.0288 259 DOD A O     
450 O  O     . DOD E .  ? 0.4671 0.6611 0.4254 0.0572  0.0027  -0.2413 260 DOD A O     
451 O  O     . DOD E .  ? 1.0960 0.3314 0.6863 -0.2117 0.1039  0.2747  261 DOD A O     
452 O  O     . DOD E .  ? 0.4279 0.4744 0.7323 -0.0991 0.0195  0.0227  262 DOD A O     
453 O  O     . DOD E .  ? 0.3829 0.3184 0.3764 -0.0198 -0.0020 -0.0537 263 DOD A O     
454 O  O     . DOD E .  ? 0.5038 0.3849 0.3157 -0.1759 0.0515  -0.0421 264 DOD A O     
455 O  O     . DOD E .  ? 0.5625 0.8903 1.0067 -0.4239 -0.0709 -0.0576 265 DOD A O     
456 O  O     . DOD E .  ? 0.3573 0.4071 0.4613 -0.1337 0.0379  0.0598  266 DOD A O     
457 O  O     . DOD E .  ? 0.4302 0.2830 0.2522 -0.0001 0.0916  0.0000  267 DOD A O     
458 O  O     . DOD E .  ? 0.9464 0.5392 0.5757 0.2092  0.1438  0.0414  268 DOD A O     
459 O  O     . DOD E .  ? 0.7198 0.6325 0.5528 -0.0684 0.1467  0.1453  269 DOD A O     
460 O  O     . DOD E .  ? 0.9109 0.5513 0.9696 -0.0514 0.1700  0.2927  270 DOD A O     
461 O  O     . DOD E .  ? 0.6477 0.8659 0.4400 -0.0683 0.0515  -0.1853 271 DOD A O     
462 O  O     A DOD E .  ? 0.5071 0.4063 0.5396 -0.0566 0.1143  0.0220  272 DOD A O     
463 O  O     B DOD E .  ? 0.3551 0.4612 0.4043 -0.0561 0.0762  0.0433  272 DOD A O     
464 O  O     . DOD E .  ? 0.6434 0.7896 0.4571 -0.0809 -0.1527 -0.1144 273 DOD A O     
# 
